data_3F14
# 
_entry.id   3F14 
# 
_audit_conform.dict_name       mmcif_pdbx.dic 
_audit_conform.dict_version    5.397 
_audit_conform.dict_location   http://mmcif.pdb.org/dictionaries/ascii/mmcif_pdbx.dic 
# 
loop_
_database_2.database_id 
_database_2.database_code 
_database_2.pdbx_database_accession 
_database_2.pdbx_DOI 
PDB   3F14         pdb_00003f14 10.2210/pdb3f14/pdb 
RCSB  RCSB050014   ?            ?                   
WWPDB D_1000050014 ?            ?                   
# 
loop_
_pdbx_audit_revision_history.ordinal 
_pdbx_audit_revision_history.data_content_type 
_pdbx_audit_revision_history.major_revision 
_pdbx_audit_revision_history.minor_revision 
_pdbx_audit_revision_history.revision_date 
1 'Structure model' 1 0 2008-11-18 
2 'Structure model' 1 1 2011-07-13 
3 'Structure model' 1 2 2017-10-25 
4 'Structure model' 1 3 2019-07-24 
5 'Structure model' 1 4 2023-02-01 
6 'Structure model' 1 5 2024-10-16 
# 
_pdbx_audit_revision_details.ordinal             1 
_pdbx_audit_revision_details.revision_ordinal    1 
_pdbx_audit_revision_details.data_content_type   'Structure model' 
_pdbx_audit_revision_details.provider            repository 
_pdbx_audit_revision_details.type                'Initial release' 
_pdbx_audit_revision_details.description         ? 
_pdbx_audit_revision_details.details             ? 
# 
loop_
_pdbx_audit_revision_group.ordinal 
_pdbx_audit_revision_group.revision_ordinal 
_pdbx_audit_revision_group.data_content_type 
_pdbx_audit_revision_group.group 
1  2 'Structure model' Advisory                    
2  2 'Structure model' 'Version format compliance' 
3  3 'Structure model' 'Refinement description'    
4  4 'Structure model' 'Data collection'           
5  4 'Structure model' 'Derived calculations'      
6  4 'Structure model' 'Refinement description'    
7  5 'Structure model' 'Database references'       
8  5 'Structure model' 'Derived calculations'      
9  6 'Structure model' 'Data collection'           
10 6 'Structure model' 'Structure summary'         
# 
loop_
_pdbx_audit_revision_category.ordinal 
_pdbx_audit_revision_category.revision_ordinal 
_pdbx_audit_revision_category.data_content_type 
_pdbx_audit_revision_category.category 
1  3 'Structure model' software                  
2  4 'Structure model' software                  
3  4 'Structure model' struct_conn               
4  5 'Structure model' database_2                
5  5 'Structure model' struct_ref_seq_dif        
6  5 'Structure model' struct_site               
7  6 'Structure model' chem_comp_atom            
8  6 'Structure model' chem_comp_bond            
9  6 'Structure model' pdbx_entry_details        
10 6 'Structure model' pdbx_modification_feature 
# 
loop_
_pdbx_audit_revision_item.ordinal 
_pdbx_audit_revision_item.revision_ordinal 
_pdbx_audit_revision_item.data_content_type 
_pdbx_audit_revision_item.item 
1  3 'Structure model' '_software.classification'                     
2  3 'Structure model' '_software.name'                               
3  4 'Structure model' '_software.classification'                     
4  4 'Structure model' '_software.contact_author'                     
5  4 'Structure model' '_software.contact_author_email'               
6  4 'Structure model' '_software.language'                           
7  4 'Structure model' '_software.location'                           
8  4 'Structure model' '_software.name'                               
9  4 'Structure model' '_software.type'                               
10 4 'Structure model' '_software.version'                            
11 4 'Structure model' '_struct_conn.pdbx_leaving_atom_flag'          
12 5 'Structure model' '_database_2.pdbx_DOI'                         
13 5 'Structure model' '_database_2.pdbx_database_accession'          
14 5 'Structure model' '_struct_ref_seq_dif.details'                  
15 5 'Structure model' '_struct_site.pdbx_auth_asym_id'               
16 5 'Structure model' '_struct_site.pdbx_auth_comp_id'               
17 5 'Structure model' '_struct_site.pdbx_auth_seq_id'                
18 6 'Structure model' '_pdbx_entry_details.has_protein_modification' 
# 
_pdbx_database_status.SG_entry                        Y 
_pdbx_database_status.entry_id                        3F14 
_pdbx_database_status.deposit_site                    RCSB 
_pdbx_database_status.process_site                    RCSB 
_pdbx_database_status.recvd_initial_deposition_date   2008-10-27 
_pdbx_database_status.status_code                     REL 
_pdbx_database_status.status_code_sf                  REL 
_pdbx_database_status.status_code_mr                  ? 
_pdbx_database_status.pdb_format_compatible           Y 
_pdbx_database_status.status_code_cs                  ? 
_pdbx_database_status.methods_development_category    ? 
_pdbx_database_status.status_code_nmr_data            ? 
# 
_pdbx_database_related.db_name        TargetDB 
_pdbx_database_related.db_id          390726 
_pdbx_database_related.details        . 
_pdbx_database_related.content_type   unspecified 
# 
_audit_author.name           'Joint Center for Structural Genomics (JCSG)' 
_audit_author.pdbx_ordinal   1 
# 
_citation.id                        primary 
_citation.title                     
;Crystal structure of NTF2-like protein of unknown function (YP_680363.1) from CYTOPHAGA HUTCHINSONII ATCC 33406 at 1.45 A resolution
;
_citation.journal_abbrev            'To be published' 
_citation.journal_volume            ? 
_citation.page_first                ? 
_citation.page_last                 ? 
_citation.year                      ? 
_citation.journal_id_ASTM           ? 
_citation.country                   ? 
_citation.journal_id_ISSN           ? 
_citation.journal_id_CSD            0353 
_citation.book_publisher            ? 
_citation.pdbx_database_id_PubMed   ? 
_citation.pdbx_database_id_DOI      ? 
# 
_citation_author.citation_id        primary 
_citation_author.name               'Joint Center for Structural Genomics (JCSG)' 
_citation_author.ordinal            1 
_citation_author.identifier_ORCID   ? 
# 
loop_
_entity.id 
_entity.type 
_entity.src_method 
_entity.pdbx_description 
_entity.formula_weight 
_entity.pdbx_number_of_molecules 
_entity.pdbx_ec 
_entity.pdbx_mutation 
_entity.pdbx_fragment 
_entity.details 
1 polymer     man 'uncharacterized NTF2-like protein'      12875.026 1   ? ? ? ? 
2 non-polymer syn 2-AMINO-2-HYDROXYMETHYL-PROPANE-1,3-DIOL 122.143   1   ? ? ? ? 
3 non-polymer syn 'TRIETHYLENE GLYCOL'                     150.173   1   ? ? ? ? 
4 water       nat water                                    18.015    106 ? ? ? ? 
# 
_entity_poly.entity_id                      1 
_entity_poly.type                           'polypeptide(L)' 
_entity_poly.nstd_linkage                   no 
_entity_poly.nstd_monomer                   yes 
_entity_poly.pdbx_seq_one_letter_code       
;G(MSE)ETTHYSIAQHFSSGDFPAVYACFNDIIEWNIIGNQVVKGKADVIDFCNK(MSE)LPE(MSE)KGAVLTNDNVIQ
NENQIVIEGKCRYFDAEGKEAFVSYCDIYRFENDTIKTITSYCI
;
_entity_poly.pdbx_seq_one_letter_code_can   
;GMETTHYSIAQHFSSGDFPAVYACFNDIIEWNIIGNQVVKGKADVIDFCNKMLPEMKGAVLTNDNVIQNENQIVIEGKCR
YFDAEGKEAFVSYCDIYRFENDTIKTITSYCI
;
_entity_poly.pdbx_strand_id                 A 
_entity_poly.pdbx_target_identifier         390726 
# 
loop_
_pdbx_entity_nonpoly.entity_id 
_pdbx_entity_nonpoly.name 
_pdbx_entity_nonpoly.comp_id 
2 2-AMINO-2-HYDROXYMETHYL-PROPANE-1,3-DIOL TRS 
3 'TRIETHYLENE GLYCOL'                     PGE 
4 water                                    HOH 
# 
loop_
_entity_poly_seq.entity_id 
_entity_poly_seq.num 
_entity_poly_seq.mon_id 
_entity_poly_seq.hetero 
1 1   GLY n 
1 2   MSE n 
1 3   GLU n 
1 4   THR n 
1 5   THR n 
1 6   HIS n 
1 7   TYR n 
1 8   SER n 
1 9   ILE n 
1 10  ALA n 
1 11  GLN n 
1 12  HIS n 
1 13  PHE n 
1 14  SER n 
1 15  SER n 
1 16  GLY n 
1 17  ASP n 
1 18  PHE n 
1 19  PRO n 
1 20  ALA n 
1 21  VAL n 
1 22  TYR n 
1 23  ALA n 
1 24  CYS n 
1 25  PHE n 
1 26  ASN n 
1 27  ASP n 
1 28  ILE n 
1 29  ILE n 
1 30  GLU n 
1 31  TRP n 
1 32  ASN n 
1 33  ILE n 
1 34  ILE n 
1 35  GLY n 
1 36  ASN n 
1 37  GLN n 
1 38  VAL n 
1 39  VAL n 
1 40  LYS n 
1 41  GLY n 
1 42  LYS n 
1 43  ALA n 
1 44  ASP n 
1 45  VAL n 
1 46  ILE n 
1 47  ASP n 
1 48  PHE n 
1 49  CYS n 
1 50  ASN n 
1 51  LYS n 
1 52  MSE n 
1 53  LEU n 
1 54  PRO n 
1 55  GLU n 
1 56  MSE n 
1 57  LYS n 
1 58  GLY n 
1 59  ALA n 
1 60  VAL n 
1 61  LEU n 
1 62  THR n 
1 63  ASN n 
1 64  ASP n 
1 65  ASN n 
1 66  VAL n 
1 67  ILE n 
1 68  GLN n 
1 69  ASN n 
1 70  GLU n 
1 71  ASN n 
1 72  GLN n 
1 73  ILE n 
1 74  VAL n 
1 75  ILE n 
1 76  GLU n 
1 77  GLY n 
1 78  LYS n 
1 79  CYS n 
1 80  ARG n 
1 81  TYR n 
1 82  PHE n 
1 83  ASP n 
1 84  ALA n 
1 85  GLU n 
1 86  GLY n 
1 87  LYS n 
1 88  GLU n 
1 89  ALA n 
1 90  PHE n 
1 91  VAL n 
1 92  SER n 
1 93  TYR n 
1 94  CYS n 
1 95  ASP n 
1 96  ILE n 
1 97  TYR n 
1 98  ARG n 
1 99  PHE n 
1 100 GLU n 
1 101 ASN n 
1 102 ASP n 
1 103 THR n 
1 104 ILE n 
1 105 LYS n 
1 106 THR n 
1 107 ILE n 
1 108 THR n 
1 109 SER n 
1 110 TYR n 
1 111 CYS n 
1 112 ILE n 
# 
_entity_src_gen.entity_id                          1 
_entity_src_gen.pdbx_src_id                        1 
_entity_src_gen.pdbx_alt_source_flag               sample 
_entity_src_gen.pdbx_seq_type                      ? 
_entity_src_gen.pdbx_beg_seq_num                   ? 
_entity_src_gen.pdbx_end_seq_num                   ? 
_entity_src_gen.gene_src_common_name               ? 
_entity_src_gen.gene_src_genus                     ? 
_entity_src_gen.pdbx_gene_src_gene                 'CHU_3788, YP_680363.1' 
_entity_src_gen.gene_src_species                   ? 
_entity_src_gen.gene_src_strain                    ? 
_entity_src_gen.gene_src_tissue                    ? 
_entity_src_gen.gene_src_tissue_fraction           ? 
_entity_src_gen.gene_src_details                   ? 
_entity_src_gen.pdbx_gene_src_fragment             ? 
_entity_src_gen.pdbx_gene_src_scientific_name      'Cytophaga hutchinsonii ATCC 33406' 
_entity_src_gen.pdbx_gene_src_ncbi_taxonomy_id     269798 
_entity_src_gen.pdbx_gene_src_variant              ? 
_entity_src_gen.pdbx_gene_src_cell_line            ? 
_entity_src_gen.pdbx_gene_src_atcc                 33406 
_entity_src_gen.pdbx_gene_src_organ                ? 
_entity_src_gen.pdbx_gene_src_organelle            ? 
_entity_src_gen.pdbx_gene_src_cell                 ? 
_entity_src_gen.pdbx_gene_src_cellular_location    ? 
_entity_src_gen.host_org_common_name               ? 
_entity_src_gen.pdbx_host_org_scientific_name      'Escherichia coli' 
_entity_src_gen.pdbx_host_org_ncbi_taxonomy_id     562 
_entity_src_gen.host_org_genus                     ? 
_entity_src_gen.pdbx_host_org_gene                 ? 
_entity_src_gen.pdbx_host_org_organ                ? 
_entity_src_gen.host_org_species                   ? 
_entity_src_gen.pdbx_host_org_tissue               ? 
_entity_src_gen.pdbx_host_org_tissue_fraction      ? 
_entity_src_gen.pdbx_host_org_strain               HK100 
_entity_src_gen.pdbx_host_org_variant              ? 
_entity_src_gen.pdbx_host_org_cell_line            ? 
_entity_src_gen.pdbx_host_org_atcc                 ? 
_entity_src_gen.pdbx_host_org_culture_collection   ? 
_entity_src_gen.pdbx_host_org_cell                 ? 
_entity_src_gen.pdbx_host_org_organelle            ? 
_entity_src_gen.pdbx_host_org_cellular_location    ? 
_entity_src_gen.pdbx_host_org_vector_type          Plasmid 
_entity_src_gen.pdbx_host_org_vector               ? 
_entity_src_gen.host_org_details                   ? 
_entity_src_gen.expression_system_id               ? 
_entity_src_gen.plasmid_name                       SpeedET 
_entity_src_gen.plasmid_details                    ? 
_entity_src_gen.pdbx_description                   ? 
# 
loop_
_chem_comp.id 
_chem_comp.type 
_chem_comp.mon_nstd_flag 
_chem_comp.name 
_chem_comp.pdbx_synonyms 
_chem_comp.formula 
_chem_comp.formula_weight 
ALA 'L-peptide linking' y ALANINE                                  ?             'C3 H7 N O2'     89.093  
ARG 'L-peptide linking' y ARGININE                                 ?             'C6 H15 N4 O2 1' 175.209 
ASN 'L-peptide linking' y ASPARAGINE                               ?             'C4 H8 N2 O3'    132.118 
ASP 'L-peptide linking' y 'ASPARTIC ACID'                          ?             'C4 H7 N O4'     133.103 
CYS 'L-peptide linking' y CYSTEINE                                 ?             'C3 H7 N O2 S'   121.158 
GLN 'L-peptide linking' y GLUTAMINE                                ?             'C5 H10 N2 O3'   146.144 
GLU 'L-peptide linking' y 'GLUTAMIC ACID'                          ?             'C5 H9 N O4'     147.129 
GLY 'peptide linking'   y GLYCINE                                  ?             'C2 H5 N O2'     75.067  
HIS 'L-peptide linking' y HISTIDINE                                ?             'C6 H10 N3 O2 1' 156.162 
HOH non-polymer         . WATER                                    ?             'H2 O'           18.015  
ILE 'L-peptide linking' y ISOLEUCINE                               ?             'C6 H13 N O2'    131.173 
LEU 'L-peptide linking' y LEUCINE                                  ?             'C6 H13 N O2'    131.173 
LYS 'L-peptide linking' y LYSINE                                   ?             'C6 H15 N2 O2 1' 147.195 
MSE 'L-peptide linking' n SELENOMETHIONINE                         ?             'C5 H11 N O2 Se' 196.106 
PGE non-polymer         . 'TRIETHYLENE GLYCOL'                     ?             'C6 H14 O4'      150.173 
PHE 'L-peptide linking' y PHENYLALANINE                            ?             'C9 H11 N O2'    165.189 
PRO 'L-peptide linking' y PROLINE                                  ?             'C5 H9 N O2'     115.130 
SER 'L-peptide linking' y SERINE                                   ?             'C3 H7 N O3'     105.093 
THR 'L-peptide linking' y THREONINE                                ?             'C4 H9 N O3'     119.119 
TRP 'L-peptide linking' y TRYPTOPHAN                               ?             'C11 H12 N2 O2'  204.225 
TRS non-polymer         . 2-AMINO-2-HYDROXYMETHYL-PROPANE-1,3-DIOL 'TRIS BUFFER' 'C4 H12 N O3 1'  122.143 
TYR 'L-peptide linking' y TYROSINE                                 ?             'C9 H11 N O3'    181.189 
VAL 'L-peptide linking' y VALINE                                   ?             'C5 H11 N O2'    117.146 
# 
loop_
_pdbx_poly_seq_scheme.asym_id 
_pdbx_poly_seq_scheme.entity_id 
_pdbx_poly_seq_scheme.seq_id 
_pdbx_poly_seq_scheme.mon_id 
_pdbx_poly_seq_scheme.ndb_seq_num 
_pdbx_poly_seq_scheme.pdb_seq_num 
_pdbx_poly_seq_scheme.auth_seq_num 
_pdbx_poly_seq_scheme.pdb_mon_id 
_pdbx_poly_seq_scheme.auth_mon_id 
_pdbx_poly_seq_scheme.pdb_strand_id 
_pdbx_poly_seq_scheme.pdb_ins_code 
_pdbx_poly_seq_scheme.hetero 
A 1 1   GLY 1   0   0   GLY GLY A . n 
A 1 2   MSE 2   1   1   MSE MSE A . n 
A 1 3   GLU 3   2   2   GLU GLU A . n 
A 1 4   THR 4   3   3   THR THR A . n 
A 1 5   THR 5   4   4   THR THR A . n 
A 1 6   HIS 6   5   5   HIS HIS A . n 
A 1 7   TYR 7   6   6   TYR TYR A . n 
A 1 8   SER 8   7   7   SER SER A . n 
A 1 9   ILE 9   8   8   ILE ILE A . n 
A 1 10  ALA 10  9   9   ALA ALA A . n 
A 1 11  GLN 11  10  10  GLN GLN A . n 
A 1 12  HIS 12  11  11  HIS HIS A . n 
A 1 13  PHE 13  12  12  PHE PHE A . n 
A 1 14  SER 14  13  13  SER SER A . n 
A 1 15  SER 15  14  14  SER SER A . n 
A 1 16  GLY 16  15  15  GLY GLY A . n 
A 1 17  ASP 17  16  16  ASP ASP A . n 
A 1 18  PHE 18  17  17  PHE PHE A . n 
A 1 19  PRO 19  18  18  PRO PRO A . n 
A 1 20  ALA 20  19  19  ALA ALA A . n 
A 1 21  VAL 21  20  20  VAL VAL A . n 
A 1 22  TYR 22  21  21  TYR TYR A . n 
A 1 23  ALA 23  22  22  ALA ALA A . n 
A 1 24  CYS 24  23  23  CYS CYS A . n 
A 1 25  PHE 25  24  24  PHE PHE A . n 
A 1 26  ASN 26  25  25  ASN ASN A . n 
A 1 27  ASP 27  26  26  ASP ASP A . n 
A 1 28  ILE 28  27  27  ILE ILE A . n 
A 1 29  ILE 29  28  28  ILE ILE A . n 
A 1 30  GLU 30  29  29  GLU GLU A . n 
A 1 31  TRP 31  30  30  TRP TRP A . n 
A 1 32  ASN 32  31  31  ASN ASN A . n 
A 1 33  ILE 33  32  32  ILE ILE A . n 
A 1 34  ILE 34  33  33  ILE ILE A . n 
A 1 35  GLY 35  34  34  GLY GLY A . n 
A 1 36  ASN 36  35  35  ASN ASN A . n 
A 1 37  GLN 37  36  36  GLN GLN A . n 
A 1 38  VAL 38  37  37  VAL VAL A . n 
A 1 39  VAL 39  38  38  VAL VAL A . n 
A 1 40  LYS 40  39  39  LYS LYS A . n 
A 1 41  GLY 41  40  40  GLY GLY A . n 
A 1 42  LYS 42  41  41  LYS LYS A . n 
A 1 43  ALA 43  42  42  ALA ALA A . n 
A 1 44  ASP 44  43  43  ASP ASP A . n 
A 1 45  VAL 45  44  44  VAL VAL A . n 
A 1 46  ILE 46  45  45  ILE ILE A . n 
A 1 47  ASP 47  46  46  ASP ASP A . n 
A 1 48  PHE 48  47  47  PHE PHE A . n 
A 1 49  CYS 49  48  48  CYS CYS A . n 
A 1 50  ASN 50  49  49  ASN ASN A . n 
A 1 51  LYS 51  50  50  LYS LYS A . n 
A 1 52  MSE 52  51  51  MSE MSE A . n 
A 1 53  LEU 53  52  52  LEU LEU A . n 
A 1 54  PRO 54  53  53  PRO PRO A . n 
A 1 55  GLU 55  54  54  GLU GLU A . n 
A 1 56  MSE 56  55  55  MSE MSE A . n 
A 1 57  LYS 57  56  56  LYS LYS A . n 
A 1 58  GLY 58  57  57  GLY GLY A . n 
A 1 59  ALA 59  58  58  ALA ALA A . n 
A 1 60  VAL 60  59  59  VAL VAL A . n 
A 1 61  LEU 61  60  60  LEU LEU A . n 
A 1 62  THR 62  61  61  THR THR A . n 
A 1 63  ASN 63  62  62  ASN ASN A . n 
A 1 64  ASP 64  63  63  ASP ASP A . n 
A 1 65  ASN 65  64  64  ASN ASN A . n 
A 1 66  VAL 66  65  65  VAL VAL A . n 
A 1 67  ILE 67  66  66  ILE ILE A . n 
A 1 68  GLN 68  67  67  GLN GLN A . n 
A 1 69  ASN 69  68  68  ASN ASN A . n 
A 1 70  GLU 70  69  69  GLU GLU A . n 
A 1 71  ASN 71  70  70  ASN ASN A . n 
A 1 72  GLN 72  71  71  GLN GLN A . n 
A 1 73  ILE 73  72  72  ILE ILE A . n 
A 1 74  VAL 74  73  73  VAL VAL A . n 
A 1 75  ILE 75  74  74  ILE ILE A . n 
A 1 76  GLU 76  75  75  GLU GLU A . n 
A 1 77  GLY 77  76  76  GLY GLY A . n 
A 1 78  LYS 78  77  77  LYS LYS A . n 
A 1 79  CYS 79  78  78  CYS CYS A . n 
A 1 80  ARG 80  79  79  ARG ARG A . n 
A 1 81  TYR 81  80  80  TYR TYR A . n 
A 1 82  PHE 82  81  81  PHE PHE A . n 
A 1 83  ASP 83  82  82  ASP ASP A . n 
A 1 84  ALA 84  83  83  ALA ALA A . n 
A 1 85  GLU 85  84  84  GLU GLU A . n 
A 1 86  GLY 86  85  85  GLY GLY A . n 
A 1 87  LYS 87  86  86  LYS LYS A . n 
A 1 88  GLU 88  87  87  GLU GLU A . n 
A 1 89  ALA 89  88  88  ALA ALA A . n 
A 1 90  PHE 90  89  89  PHE PHE A . n 
A 1 91  VAL 91  90  90  VAL VAL A . n 
A 1 92  SER 92  91  91  SER SER A . n 
A 1 93  TYR 93  92  92  TYR TYR A . n 
A 1 94  CYS 94  93  93  CYS CYS A . n 
A 1 95  ASP 95  94  94  ASP ASP A . n 
A 1 96  ILE 96  95  95  ILE ILE A . n 
A 1 97  TYR 97  96  96  TYR TYR A . n 
A 1 98  ARG 98  97  97  ARG ARG A . n 
A 1 99  PHE 99  98  98  PHE PHE A . n 
A 1 100 GLU 100 99  99  GLU GLU A . n 
A 1 101 ASN 101 100 100 ASN ASN A . n 
A 1 102 ASP 102 101 101 ASP ASP A . n 
A 1 103 THR 103 102 102 THR THR A . n 
A 1 104 ILE 104 103 103 ILE ILE A . n 
A 1 105 LYS 105 104 104 LYS LYS A . n 
A 1 106 THR 106 105 105 THR THR A . n 
A 1 107 ILE 107 106 106 ILE ILE A . n 
A 1 108 THR 108 107 107 THR THR A . n 
A 1 109 SER 109 108 108 SER SER A . n 
A 1 110 TYR 110 109 109 TYR TYR A . n 
A 1 111 CYS 111 110 110 CYS CYS A . n 
A 1 112 ILE 112 111 111 ILE ILE A . n 
# 
loop_
_pdbx_nonpoly_scheme.asym_id 
_pdbx_nonpoly_scheme.entity_id 
_pdbx_nonpoly_scheme.mon_id 
_pdbx_nonpoly_scheme.ndb_seq_num 
_pdbx_nonpoly_scheme.pdb_seq_num 
_pdbx_nonpoly_scheme.auth_seq_num 
_pdbx_nonpoly_scheme.pdb_mon_id 
_pdbx_nonpoly_scheme.auth_mon_id 
_pdbx_nonpoly_scheme.pdb_strand_id 
_pdbx_nonpoly_scheme.pdb_ins_code 
B 2 TRS 1   112 1   TRS TRS A . 
C 3 PGE 1   113 2   PGE PGE A . 
D 4 HOH 1   114 3   HOH HOH A . 
D 4 HOH 2   115 4   HOH HOH A . 
D 4 HOH 3   116 5   HOH HOH A . 
D 4 HOH 4   117 6   HOH HOH A . 
D 4 HOH 5   118 7   HOH HOH A . 
D 4 HOH 6   119 8   HOH HOH A . 
D 4 HOH 7   120 9   HOH HOH A . 
D 4 HOH 8   121 10  HOH HOH A . 
D 4 HOH 9   122 11  HOH HOH A . 
D 4 HOH 10  123 12  HOH HOH A . 
D 4 HOH 11  124 13  HOH HOH A . 
D 4 HOH 12  125 14  HOH HOH A . 
D 4 HOH 13  126 15  HOH HOH A . 
D 4 HOH 14  127 16  HOH HOH A . 
D 4 HOH 15  128 17  HOH HOH A . 
D 4 HOH 16  129 18  HOH HOH A . 
D 4 HOH 17  130 19  HOH HOH A . 
D 4 HOH 18  131 20  HOH HOH A . 
D 4 HOH 19  132 21  HOH HOH A . 
D 4 HOH 20  133 22  HOH HOH A . 
D 4 HOH 21  134 23  HOH HOH A . 
D 4 HOH 22  135 24  HOH HOH A . 
D 4 HOH 23  136 25  HOH HOH A . 
D 4 HOH 24  137 26  HOH HOH A . 
D 4 HOH 25  138 27  HOH HOH A . 
D 4 HOH 26  139 28  HOH HOH A . 
D 4 HOH 27  140 29  HOH HOH A . 
D 4 HOH 28  141 30  HOH HOH A . 
D 4 HOH 29  142 31  HOH HOH A . 
D 4 HOH 30  143 32  HOH HOH A . 
D 4 HOH 31  144 33  HOH HOH A . 
D 4 HOH 32  145 34  HOH HOH A . 
D 4 HOH 33  146 35  HOH HOH A . 
D 4 HOH 34  147 36  HOH HOH A . 
D 4 HOH 35  148 37  HOH HOH A . 
D 4 HOH 36  149 38  HOH HOH A . 
D 4 HOH 37  150 39  HOH HOH A . 
D 4 HOH 38  151 40  HOH HOH A . 
D 4 HOH 39  152 41  HOH HOH A . 
D 4 HOH 40  153 42  HOH HOH A . 
D 4 HOH 41  154 43  HOH HOH A . 
D 4 HOH 42  155 44  HOH HOH A . 
D 4 HOH 43  156 45  HOH HOH A . 
D 4 HOH 44  157 46  HOH HOH A . 
D 4 HOH 45  158 47  HOH HOH A . 
D 4 HOH 46  159 48  HOH HOH A . 
D 4 HOH 47  160 49  HOH HOH A . 
D 4 HOH 48  161 50  HOH HOH A . 
D 4 HOH 49  162 51  HOH HOH A . 
D 4 HOH 50  163 52  HOH HOH A . 
D 4 HOH 51  164 53  HOH HOH A . 
D 4 HOH 52  165 54  HOH HOH A . 
D 4 HOH 53  166 55  HOH HOH A . 
D 4 HOH 54  167 56  HOH HOH A . 
D 4 HOH 55  168 57  HOH HOH A . 
D 4 HOH 56  169 58  HOH HOH A . 
D 4 HOH 57  170 59  HOH HOH A . 
D 4 HOH 58  171 60  HOH HOH A . 
D 4 HOH 59  172 61  HOH HOH A . 
D 4 HOH 60  173 62  HOH HOH A . 
D 4 HOH 61  174 63  HOH HOH A . 
D 4 HOH 62  175 64  HOH HOH A . 
D 4 HOH 63  176 65  HOH HOH A . 
D 4 HOH 64  177 66  HOH HOH A . 
D 4 HOH 65  178 67  HOH HOH A . 
D 4 HOH 66  179 68  HOH HOH A . 
D 4 HOH 67  180 69  HOH HOH A . 
D 4 HOH 68  181 70  HOH HOH A . 
D 4 HOH 69  182 71  HOH HOH A . 
D 4 HOH 70  183 72  HOH HOH A . 
D 4 HOH 71  184 73  HOH HOH A . 
D 4 HOH 72  185 74  HOH HOH A . 
D 4 HOH 73  186 75  HOH HOH A . 
D 4 HOH 74  187 76  HOH HOH A . 
D 4 HOH 75  188 77  HOH HOH A . 
D 4 HOH 76  189 78  HOH HOH A . 
D 4 HOH 77  190 79  HOH HOH A . 
D 4 HOH 78  191 80  HOH HOH A . 
D 4 HOH 79  192 81  HOH HOH A . 
D 4 HOH 80  193 82  HOH HOH A . 
D 4 HOH 81  194 83  HOH HOH A . 
D 4 HOH 82  195 84  HOH HOH A . 
D 4 HOH 83  196 85  HOH HOH A . 
D 4 HOH 84  197 86  HOH HOH A . 
D 4 HOH 85  198 87  HOH HOH A . 
D 4 HOH 86  199 88  HOH HOH A . 
D 4 HOH 87  200 89  HOH HOH A . 
D 4 HOH 88  201 90  HOH HOH A . 
D 4 HOH 89  202 91  HOH HOH A . 
D 4 HOH 90  203 92  HOH HOH A . 
D 4 HOH 91  204 93  HOH HOH A . 
D 4 HOH 92  205 94  HOH HOH A . 
D 4 HOH 93  206 95  HOH HOH A . 
D 4 HOH 94  207 96  HOH HOH A . 
D 4 HOH 95  208 97  HOH HOH A . 
D 4 HOH 96  209 98  HOH HOH A . 
D 4 HOH 97  210 99  HOH HOH A . 
D 4 HOH 98  211 100 HOH HOH A . 
D 4 HOH 99  212 101 HOH HOH A . 
D 4 HOH 100 213 102 HOH HOH A . 
D 4 HOH 101 214 103 HOH HOH A . 
D 4 HOH 102 215 104 HOH HOH A . 
D 4 HOH 103 216 105 HOH HOH A . 
D 4 HOH 104 217 106 HOH HOH A . 
D 4 HOH 105 218 107 HOH HOH A . 
D 4 HOH 106 219 108 HOH HOH A . 
# 
loop_
_pdbx_unobs_or_zero_occ_atoms.id 
_pdbx_unobs_or_zero_occ_atoms.PDB_model_num 
_pdbx_unobs_or_zero_occ_atoms.polymer_flag 
_pdbx_unobs_or_zero_occ_atoms.occupancy_flag 
_pdbx_unobs_or_zero_occ_atoms.auth_asym_id 
_pdbx_unobs_or_zero_occ_atoms.auth_comp_id 
_pdbx_unobs_or_zero_occ_atoms.auth_seq_id 
_pdbx_unobs_or_zero_occ_atoms.PDB_ins_code 
_pdbx_unobs_or_zero_occ_atoms.auth_atom_id 
_pdbx_unobs_or_zero_occ_atoms.label_alt_id 
_pdbx_unobs_or_zero_occ_atoms.label_asym_id 
_pdbx_unobs_or_zero_occ_atoms.label_comp_id 
_pdbx_unobs_or_zero_occ_atoms.label_seq_id 
_pdbx_unobs_or_zero_occ_atoms.label_atom_id 
1  1 Y 1 A GLU 2  ? CG  ? A GLU 3  CG  
2  1 Y 1 A GLU 2  ? CD  ? A GLU 3  CD  
3  1 Y 1 A GLU 2  ? OE1 ? A GLU 3  OE1 
4  1 Y 1 A GLU 2  ? OE2 ? A GLU 3  OE2 
5  1 Y 1 A GLU 69 ? CG  ? A GLU 70 CG  
6  1 Y 1 A GLU 69 ? CD  ? A GLU 70 CD  
7  1 Y 1 A GLU 69 ? OE1 ? A GLU 70 OE1 
8  1 Y 1 A GLU 69 ? OE2 ? A GLU 70 OE2 
9  1 Y 1 A LYS 77 ? CD  ? A LYS 78 CD  
10 1 Y 1 A LYS 77 ? CE  ? A LYS 78 CE  
11 1 Y 1 A LYS 77 ? NZ  ? A LYS 78 NZ  
12 1 Y 1 A LYS 86 ? CG  ? A LYS 87 CG  
13 1 Y 1 A LYS 86 ? CD  ? A LYS 87 CD  
14 1 Y 1 A LYS 86 ? CE  ? A LYS 87 CE  
15 1 Y 1 A LYS 86 ? NZ  ? A LYS 87 NZ  
16 1 Y 1 A ARG 97 ? NE  ? A ARG 98 NE  
17 1 Y 1 A ARG 97 ? CZ  ? A ARG 98 CZ  
18 1 Y 1 A ARG 97 ? NH1 ? A ARG 98 NH1 
19 1 Y 1 A ARG 97 ? NH2 ? A ARG 98 NH2 
# 
loop_
_software.name 
_software.version 
_software.date 
_software.type 
_software.contact_author 
_software.contact_author_email 
_software.classification 
_software.location 
_software.language 
_software.citation_id 
_software.pdbx_ordinal 
REFMAC      5.2.0019 ?               program 'Garib N. Murshudov'         garib@ysbl.york.ac.uk                refinement        
http://www.ccp4.ac.uk/dist/html/refmac5.html                                Fortran_77 ? 1 
PHENIX      .        ?               package 'P.D. Adams'                 PDAdams@lbl.gov                      refinement        
http://www.phenix-online.org/                                               C++        ? 2 
SHELX       .        ?               package 'George M. Sheldrick'        gsheldr@shelx.uni-ac.gwdg.de         phasing           
http://shelx.uni-ac.gwdg.de/SHELX/                                          Fortran_77 ? 3 
MolProbity  3beta29  ?               package 'D.C. & J.S. Richardson lab' molprobity@kinemage.biochem.duke.edu 'model building'  
http://kinemage.biochem.duke.edu/molprobity/                                ?          ? 4 
XSCALE      .        ?               package 'Wolfgang Kabsch'            ?                                    'data scaling'    
http://www.mpimf-heidelberg.mpg.de/~kabsch/xds/html_doc/xscale_program.html ?          ? 5 
PDB_EXTRACT 3.006    'June 11, 2008' package PDB                          help@deposit.rcsb.org                'data extraction' 
http://sw-tools.pdb.org/apps/PDB_EXTRACT/                                   C++        ? 6 
XDS         .        ?               ?       ?                            ?                                    'data reduction'  ? 
?          ? 7 
SHELXD      .        ?               ?       ?                            ?                                    phasing           ? 
?          ? 8 
autoSHARP   .        ?               ?       ?                            ?                                    phasing           ? 
?          ? 9 
# 
_cell.entry_id           3F14 
_cell.length_a           57.640 
_cell.length_b           57.640 
_cell.length_c           59.390 
_cell.angle_alpha        90.000 
_cell.angle_beta         90.000 
_cell.angle_gamma        120.000 
_cell.pdbx_unique_axis   ? 
_cell.Z_PDB              6 
_cell.length_a_esd       ? 
_cell.length_b_esd       ? 
_cell.length_c_esd       ? 
_cell.angle_alpha_esd    ? 
_cell.angle_beta_esd     ? 
_cell.angle_gamma_esd    ? 
# 
_symmetry.entry_id                         3F14 
_symmetry.Int_Tables_number                154 
_symmetry.space_group_name_H-M             'P 32 2 1' 
_symmetry.pdbx_full_space_group_name_H-M   ? 
_symmetry.cell_setting                     ? 
_symmetry.space_group_name_Hall            ? 
# 
_exptl.crystals_number   1 
_exptl.method            'X-RAY DIFFRACTION' 
_exptl.entry_id          3F14 
# 
_exptl_crystal.id                    1 
_exptl_crystal.density_Matthews      2.21 
_exptl_crystal.density_meas          ? 
_exptl_crystal.density_percent_sol   44.39 
_exptl_crystal.description           ? 
_exptl_crystal.F_000                 ? 
_exptl_crystal.preparation           ? 
# 
_exptl_crystal_grow.crystal_id      1 
_exptl_crystal_grow.method          'VAPOR DIFFUSION, SITTING DROP' 
_exptl_crystal_grow.pH              8.5 
_exptl_crystal_grow.temp            277 
_exptl_crystal_grow.pdbx_details    
'0.2000M NaOAc, 30.0000% PEG-4000, 0.1M TRIS pH 8.5, NANODROP, VAPOR DIFFUSION, SITTING DROP, temperature 277K' 
_exptl_crystal_grow.temp_details    ? 
_exptl_crystal_grow.pdbx_pH_range   ? 
# 
_diffrn.id                     1 
_diffrn.ambient_temp           100 
_diffrn.ambient_temp_details   ? 
_diffrn.crystal_id             1 
# 
_diffrn_detector.diffrn_id              1 
_diffrn_detector.detector               CCD 
_diffrn_detector.type                   'MARMOSAIC 325 mm CCD' 
_diffrn_detector.details                'Flat collimating mirror, toroid focusing mirror' 
_diffrn_detector.pdbx_collection_date   2008-08-03 
# 
_diffrn_radiation.diffrn_id                        1 
_diffrn_radiation.pdbx_monochromatic_or_laue_m_l   M 
_diffrn_radiation.monochromator                    'Double crystal monochromator' 
_diffrn_radiation.pdbx_diffrn_protocol             MAD 
_diffrn_radiation.wavelength_id                    1 
_diffrn_radiation.pdbx_scattering_type             x-ray 
# 
loop_
_diffrn_radiation_wavelength.id 
_diffrn_radiation_wavelength.wavelength 
_diffrn_radiation_wavelength.wt 
1 0.91162 1.0 
2 0.97939 1.0 
3 0.97925 1.0 
# 
_diffrn_source.diffrn_id                   1 
_diffrn_source.source                      SYNCHROTRON 
_diffrn_source.pdbx_synchrotron_beamline   BL9-2 
_diffrn_source.type                        'SSRL BEAMLINE BL9-2' 
_diffrn_source.pdbx_wavelength_list        0.91162,0.97939,0.97925 
_diffrn_source.pdbx_wavelength             ? 
_diffrn_source.pdbx_synchrotron_site       SSRL 
# 
_reflns.entry_id                     3F14 
_reflns.d_resolution_high            1.45 
_reflns.d_resolution_low             25.933 
_reflns.number_obs                   20633 
_reflns.pdbx_Rmerge_I_obs            0.043 
_reflns.percent_possible_obs         99.700 
_reflns.B_iso_Wilson_estimate        17.008 
_reflns.observed_criterion_sigma_I   -3.00 
_reflns.observed_criterion_sigma_F   ? 
_reflns.number_all                   ? 
_reflns.pdbx_Rsym_value              ? 
_reflns.pdbx_netI_over_sigmaI        16.580 
_reflns.pdbx_redundancy              7.16 
_reflns.R_free_details               ? 
_reflns.limit_h_max                  ? 
_reflns.limit_h_min                  ? 
_reflns.limit_k_max                  ? 
_reflns.limit_k_min                  ? 
_reflns.limit_l_max                  ? 
_reflns.limit_l_min                  ? 
_reflns.observed_criterion_F_max     ? 
_reflns.observed_criterion_F_min     ? 
_reflns.pdbx_chi_squared             ? 
_reflns.pdbx_scaling_rejects         ? 
_reflns.pdbx_ordinal                 1 
_reflns.pdbx_diffrn_id               1 
# 
loop_
_reflns_shell.d_res_high 
_reflns_shell.d_res_low 
_reflns_shell.number_measured_obs 
_reflns_shell.number_measured_all 
_reflns_shell.number_unique_obs 
_reflns_shell.Rmerge_I_obs 
_reflns_shell.meanI_over_sigI_obs 
_reflns_shell.pdbx_Rsym_value 
_reflns_shell.pdbx_chi_squared 
_reflns_shell.pdbx_redundancy 
_reflns_shell.percent_possible_obs 
_reflns_shell.number_unique_all 
_reflns_shell.percent_possible_all 
_reflns_shell.pdbx_ordinal 
_reflns_shell.pdbx_diffrn_id 
1.45 1.50   13549 ? 3671 0.538 2.5  ? ? ? ? ? 98.80 1  1 
1.50 1.56   14859 ? 3965 0.377 3.6  ? ? ? ? ? 99.80 2  1 
1.56 1.63   14450 ? 3839 0.266 5.0  ? ? ? ? ? 99.80 3  1 
1.63 1.72   15535 ? 4101 0.187 6.9  ? ? ? ? ? 99.80 4  1 
1.72 1.83   15078 ? 3971 0.132 9.6  ? ? ? ? ? 99.90 5  1 
1.83 1.97   14858 ? 3907 0.082 14.5 ? ? ? ? ? 99.90 6  1 
1.97 2.17   14853 ? 3892 0.054 21.7 ? ? ? ? ? 99.80 7  1 
2.17 2.48   14744 ? 3850 0.041 26.6 ? ? ? ? ? 99.70 8  1 
2.48 3.12   14887 ? 3872 0.032 33.5 ? ? ? ? ? 99.60 9  1 
3.12 25.933 14983 ? 3931 0.025 41.8 ? ? ? ? ? 99.40 10 1 
# 
_refine.entry_id                                 3F14 
_refine.ls_d_res_high                            1.450 
_refine.ls_d_res_low                             25.933 
_refine.pdbx_ls_sigma_F                          0.00 
_refine.ls_percent_reflns_obs                    99.850 
_refine.ls_number_reflns_obs                     20606 
_refine.pdbx_ls_cross_valid_method               THROUGHOUT 
_refine.pdbx_R_Free_selection_details            RANDOM 
_refine.details                                  
;1.HYDROGENS HAVE BEEN ADDED IN THE RIDING POSITIONS.
 2.ATOM RECORD CONTAINS RESIDUAL B FACTORS ONLY.
 3.A MET-INHIBITION PROTOCOL WAS USED FOR SELENOMETHIONINE
 INCORPORATION DURING PROTEIN EXPRESSION. THE OCCUPANCY
 OF THE SE ATOMS IN THE MSE RESIDUES WAS REDUCED TO 0.75
 TO ACCOUNT FOR THE REDUCED SCATTERING POWER DUE TO PARTIAL
 S-MET INCORPORATION.
 4.PEG MOLECULE AND TRIS ANION FROM CRYSTALLIZATION ARE MODELED
 INTO THIS STRUCTURE.
;
_refine.ls_R_factor_obs                          0.171 
_refine.ls_R_factor_R_work                       0.171 
_refine.ls_R_factor_R_free                       0.181 
_refine.ls_percent_reflns_R_free                 5.100 
_refine.ls_number_reflns_R_free                  1054 
_refine.B_iso_mean                               20.996 
_refine.aniso_B[1][1]                            0.080 
_refine.aniso_B[2][2]                            0.080 
_refine.aniso_B[3][3]                            -0.130 
_refine.aniso_B[1][2]                            0.040 
_refine.aniso_B[1][3]                            0.000 
_refine.aniso_B[2][3]                            0.000 
_refine.correlation_coeff_Fo_to_Fc               0.966 
_refine.correlation_coeff_Fo_to_Fc_free          0.968 
_refine.pdbx_overall_ESU_R                       0.069 
_refine.pdbx_overall_ESU_R_Free                  0.064 
_refine.overall_SU_ML                            0.045 
_refine.overall_SU_B                             2.333 
_refine.solvent_model_details                    'BABINET MODEL WITH MASK' 
_refine.pdbx_solvent_vdw_probe_radii             1.200 
_refine.pdbx_solvent_ion_probe_radii             0.800 
_refine.pdbx_solvent_shrinkage_radii             0.800 
_refine.pdbx_method_to_determine_struct          MAD 
_refine.pdbx_stereochemistry_target_values       'MAXIMUM LIKELIHOOD WITH PHASES' 
_refine.B_iso_max                                68.03 
_refine.B_iso_min                                8.96 
_refine.occupancy_max                            1.00 
_refine.occupancy_min                            0.30 
_refine.pdbx_ls_sigma_I                          ? 
_refine.ls_number_reflns_all                     ? 
_refine.ls_R_factor_all                          ? 
_refine.ls_redundancy_reflns_obs                 ? 
_refine.pdbx_data_cutoff_high_absF               ? 
_refine.pdbx_data_cutoff_low_absF                ? 
_refine.ls_number_parameters                     ? 
_refine.ls_number_restraints                     ? 
_refine.ls_R_factor_R_free_error                 ? 
_refine.ls_R_factor_R_free_error_details         ? 
_refine.pdbx_starting_model                      ? 
_refine.pdbx_stereochem_target_val_spec_case     ? 
_refine.solvent_model_param_bsol                 ? 
_refine.solvent_model_param_ksol                 ? 
_refine.pdbx_isotropic_thermal_model             ? 
_refine.overall_SU_R_Cruickshank_DPI             ? 
_refine.overall_SU_R_free                        ? 
_refine.pdbx_data_cutoff_high_rms_absF           ? 
_refine.ls_wR_factor_R_free                      ? 
_refine.ls_wR_factor_R_work                      ? 
_refine.overall_FOM_free_R_set                   ? 
_refine.overall_FOM_work_R_set                   ? 
_refine.pdbx_overall_phase_error                 ? 
_refine.pdbx_refine_id                           'X-RAY DIFFRACTION' 
_refine.pdbx_TLS_residual_ADP_flag               'LIKELY RESIDUAL' 
_refine.pdbx_diffrn_id                           1 
_refine.pdbx_overall_SU_R_free_Cruickshank_DPI   ? 
_refine.pdbx_overall_SU_R_Blow_DPI               ? 
_refine.pdbx_overall_SU_R_free_Blow_DPI          ? 
# 
_refine_hist.pdbx_refine_id                   'X-RAY DIFFRACTION' 
_refine_hist.cycle_id                         LAST 
_refine_hist.pdbx_number_atoms_protein        873 
_refine_hist.pdbx_number_atoms_nucleic_acid   0 
_refine_hist.pdbx_number_atoms_ligand         18 
_refine_hist.number_atoms_solvent             106 
_refine_hist.number_atoms_total               997 
_refine_hist.d_res_high                       1.450 
_refine_hist.d_res_low                        25.933 
# 
loop_
_refine_ls_restr.type 
_refine_ls_restr.number 
_refine_ls_restr.dev_ideal 
_refine_ls_restr.dev_ideal_target 
_refine_ls_restr.weight 
_refine_ls_restr.pdbx_refine_id 
_refine_ls_restr.pdbx_restraint_function 
r_bond_refined_d         1039 0.018  0.022  ? 'X-RAY DIFFRACTION' ? 
r_bond_other_d           672  0.002  0.020  ? 'X-RAY DIFFRACTION' ? 
r_angle_refined_deg      1417 1.753  1.935  ? 'X-RAY DIFFRACTION' ? 
r_angle_other_deg        1653 1.033  3.000  ? 'X-RAY DIFFRACTION' ? 
r_dihedral_angle_1_deg   132  5.841  5.000  ? 'X-RAY DIFFRACTION' ? 
r_dihedral_angle_2_deg   52   40.662 25.962 ? 'X-RAY DIFFRACTION' ? 
r_dihedral_angle_3_deg   166  10.530 15.000 ? 'X-RAY DIFFRACTION' ? 
r_dihedral_angle_4_deg   1    30.342 15.000 ? 'X-RAY DIFFRACTION' ? 
r_chiral_restr           149  0.088  0.200  ? 'X-RAY DIFFRACTION' ? 
r_gen_planes_refined     1204 0.010  0.020  ? 'X-RAY DIFFRACTION' ? 
r_gen_planes_other       216  0.004  0.020  ? 'X-RAY DIFFRACTION' ? 
r_nbd_refined            202  0.285  0.300  ? 'X-RAY DIFFRACTION' ? 
r_nbd_other              696  0.182  0.300  ? 'X-RAY DIFFRACTION' ? 
r_nbtor_refined          519  0.184  0.500  ? 'X-RAY DIFFRACTION' ? 
r_nbtor_other            518  0.088  0.500  ? 'X-RAY DIFFRACTION' ? 
r_xyhbond_nbd_refined    168  0.188  0.500  ? 'X-RAY DIFFRACTION' ? 
r_xyhbond_nbd_other      2    0.065  0.500  ? 'X-RAY DIFFRACTION' ? 
r_symmetry_vdw_refined   10   0.120  0.300  ? 'X-RAY DIFFRACTION' ? 
r_symmetry_vdw_other     23   0.277  0.300  ? 'X-RAY DIFFRACTION' ? 
r_symmetry_hbond_refined 26   0.182  0.500  ? 'X-RAY DIFFRACTION' ? 
r_mcbond_it              700  2.148  3.000  ? 'X-RAY DIFFRACTION' ? 
r_mcbond_other           252  0.503  3.000  ? 'X-RAY DIFFRACTION' ? 
r_mcangle_it             1037 2.690  5.000  ? 'X-RAY DIFFRACTION' ? 
r_scbond_it              450  5.369  8.000  ? 'X-RAY DIFFRACTION' ? 
r_scangle_it             380  6.442  11.000 ? 'X-RAY DIFFRACTION' ? 
# 
_refine_ls_shell.d_res_high                       1.450 
_refine_ls_shell.d_res_low                        1.488 
_refine_ls_shell.pdbx_total_number_of_bins_used   20 
_refine_ls_shell.percent_reflns_obs               99.130 
_refine_ls_shell.number_reflns_R_work             1398 
_refine_ls_shell.R_factor_all                     ? 
_refine_ls_shell.R_factor_R_work                  0.208 
_refine_ls_shell.R_factor_R_free                  0.283 
_refine_ls_shell.percent_reflns_R_free            ? 
_refine_ls_shell.number_reflns_R_free             81 
_refine_ls_shell.R_factor_R_free_error            ? 
_refine_ls_shell.number_reflns_all                1479 
_refine_ls_shell.number_reflns_obs                ? 
_refine_ls_shell.redundancy_reflns_obs            ? 
_refine_ls_shell.pdbx_refine_id                   'X-RAY DIFFRACTION' 
# 
_struct.entry_id                  3F14 
_struct.title                     
;Crystal structure of NTF2-like protein of unknown function (YP_680363.1) from CYTOPHAGA HUTCHINSONII ATCC 33406 at 1.45 A resolution
;
_struct.pdbx_model_details        ? 
_struct.pdbx_CASP_flag            ? 
_struct.pdbx_model_type_details   ? 
# 
_struct_keywords.text            
;YP_680363.1, NTF2-like protein of unknown function, Structural Genomics, Joint Center for Structural Genomics, JCSG, Protein Structure Initiative, PSI-2, unknown function
;
_struct_keywords.pdbx_keywords   'structural genomics, unknown function' 
_struct_keywords.entry_id        3F14 
# 
loop_
_struct_asym.id 
_struct_asym.pdbx_blank_PDB_chainid_flag 
_struct_asym.pdbx_modified 
_struct_asym.entity_id 
_struct_asym.details 
A N N 1 ? 
B N N 2 ? 
C N N 3 ? 
D N N 4 ? 
# 
_struct_ref.id                         1 
_struct_ref.db_name                    UNP 
_struct_ref.db_code                    Q11NJ3_CYTH3 
_struct_ref.pdbx_db_accession          Q11NJ3 
_struct_ref.entity_id                  1 
_struct_ref.pdbx_seq_one_letter_code   
;METTHYSIAQHFSSGDFPAVYACFNDIIEWNIIGNQVVKGKADVIDFCNKMLPEMKGAVLTNDNVIQNENQIVIEGKCRY
FDAEGKEAFVSYCDIYRFENDTIKTITSYCI
;
_struct_ref.pdbx_align_begin           1 
_struct_ref.pdbx_db_isoform            ? 
# 
_struct_ref_seq.align_id                      1 
_struct_ref_seq.ref_id                        1 
_struct_ref_seq.pdbx_PDB_id_code              3F14 
_struct_ref_seq.pdbx_strand_id                A 
_struct_ref_seq.seq_align_beg                 2 
_struct_ref_seq.pdbx_seq_align_beg_ins_code   ? 
_struct_ref_seq.seq_align_end                 112 
_struct_ref_seq.pdbx_seq_align_end_ins_code   ? 
_struct_ref_seq.pdbx_db_accession             Q11NJ3 
_struct_ref_seq.db_align_beg                  1 
_struct_ref_seq.pdbx_db_align_beg_ins_code    ? 
_struct_ref_seq.db_align_end                  111 
_struct_ref_seq.pdbx_db_align_end_ins_code    ? 
_struct_ref_seq.pdbx_auth_seq_align_beg       1 
_struct_ref_seq.pdbx_auth_seq_align_end       111 
# 
_struct_ref_seq_dif.align_id                     1 
_struct_ref_seq_dif.pdbx_pdb_id_code             3F14 
_struct_ref_seq_dif.mon_id                       GLY 
_struct_ref_seq_dif.pdbx_pdb_strand_id           A 
_struct_ref_seq_dif.seq_num                      1 
_struct_ref_seq_dif.pdbx_pdb_ins_code            ? 
_struct_ref_seq_dif.pdbx_seq_db_name             UNP 
_struct_ref_seq_dif.pdbx_seq_db_accession_code   Q11NJ3 
_struct_ref_seq_dif.db_mon_id                    ? 
_struct_ref_seq_dif.pdbx_seq_db_seq_num          ? 
_struct_ref_seq_dif.details                      'expression tag' 
_struct_ref_seq_dif.pdbx_auth_seq_num            0 
_struct_ref_seq_dif.pdbx_ordinal                 1 
# 
_pdbx_struct_assembly.id                   1 
_pdbx_struct_assembly.details              author_and_software_defined_assembly 
_pdbx_struct_assembly.method_details       PISA 
_pdbx_struct_assembly.oligomeric_details   dimeric 
_pdbx_struct_assembly.oligomeric_count     2 
# 
loop_
_pdbx_struct_assembly_prop.biol_id 
_pdbx_struct_assembly_prop.type 
_pdbx_struct_assembly_prop.value 
_pdbx_struct_assembly_prop.details 
1 'ABSA (A^2)' 2990  ? 
1 MORE         3     ? 
1 'SSA (A^2)'  10670 ? 
# 
_pdbx_struct_assembly_gen.assembly_id       1 
_pdbx_struct_assembly_gen.oper_expression   1,2 
_pdbx_struct_assembly_gen.asym_id_list      A,B,C,D 
# 
loop_
_pdbx_struct_oper_list.id 
_pdbx_struct_oper_list.type 
_pdbx_struct_oper_list.name 
_pdbx_struct_oper_list.symmetry_operation 
_pdbx_struct_oper_list.matrix[1][1] 
_pdbx_struct_oper_list.matrix[1][2] 
_pdbx_struct_oper_list.matrix[1][3] 
_pdbx_struct_oper_list.vector[1] 
_pdbx_struct_oper_list.matrix[2][1] 
_pdbx_struct_oper_list.matrix[2][2] 
_pdbx_struct_oper_list.matrix[2][3] 
_pdbx_struct_oper_list.vector[2] 
_pdbx_struct_oper_list.matrix[3][1] 
_pdbx_struct_oper_list.matrix[3][2] 
_pdbx_struct_oper_list.matrix[3][3] 
_pdbx_struct_oper_list.vector[3] 
1 'identity operation'         1_555 x,y,z              1.0000000000  0.0000000000  0.0000000000  0.0000000000 0.0000000000  1.0000000000 0.0000000000 0.0000000000 0.0000000000  0.0000000000 1.0000000000  0.0000000000   
2 'crystal symmetry operation' 6_765 -x+2,-x+y+1,-z+2/3 -0.4369399764 -0.8993211371 -0.0174628027 1.9518560281 -0.8993211371 0.4363983832 0.0278916402 1.6770386984 -0.0174628027 0.0278916402 -0.9994584068 -23.4317626211 
# 
_struct_biol.id        1 
_struct_biol.details   ? 
# 
loop_
_struct_conf.conf_type_id 
_struct_conf.id 
_struct_conf.pdbx_PDB_helix_id 
_struct_conf.beg_label_comp_id 
_struct_conf.beg_label_asym_id 
_struct_conf.beg_label_seq_id 
_struct_conf.pdbx_beg_PDB_ins_code 
_struct_conf.end_label_comp_id 
_struct_conf.end_label_asym_id 
_struct_conf.end_label_seq_id 
_struct_conf.pdbx_end_PDB_ins_code 
_struct_conf.beg_auth_comp_id 
_struct_conf.beg_auth_asym_id 
_struct_conf.beg_auth_seq_id 
_struct_conf.end_auth_comp_id 
_struct_conf.end_auth_asym_id 
_struct_conf.end_auth_seq_id 
_struct_conf.pdbx_PDB_helix_class 
_struct_conf.details 
_struct_conf.pdbx_PDB_helix_length 
HELX_P HELX_P1 1 GLY A 1  ? SER A 15 ? GLY A 0  SER A 14 1 ? 15 
HELX_P HELX_P2 2 ASP A 17 ? ALA A 23 ? ASP A 16 ALA A 22 5 ? 7  
HELX_P HELX_P3 3 GLY A 41 ? GLY A 58 ? GLY A 40 GLY A 57 1 ? 18 
# 
_struct_conf_type.id          HELX_P 
_struct_conf_type.criteria    ? 
_struct_conf_type.reference   ? 
# 
loop_
_struct_conn.id 
_struct_conn.conn_type_id 
_struct_conn.pdbx_leaving_atom_flag 
_struct_conn.pdbx_PDB_id 
_struct_conn.ptnr1_label_asym_id 
_struct_conn.ptnr1_label_comp_id 
_struct_conn.ptnr1_label_seq_id 
_struct_conn.ptnr1_label_atom_id 
_struct_conn.pdbx_ptnr1_label_alt_id 
_struct_conn.pdbx_ptnr1_PDB_ins_code 
_struct_conn.pdbx_ptnr1_standard_comp_id 
_struct_conn.ptnr1_symmetry 
_struct_conn.ptnr2_label_asym_id 
_struct_conn.ptnr2_label_comp_id 
_struct_conn.ptnr2_label_seq_id 
_struct_conn.ptnr2_label_atom_id 
_struct_conn.pdbx_ptnr2_label_alt_id 
_struct_conn.pdbx_ptnr2_PDB_ins_code 
_struct_conn.ptnr1_auth_asym_id 
_struct_conn.ptnr1_auth_comp_id 
_struct_conn.ptnr1_auth_seq_id 
_struct_conn.ptnr2_auth_asym_id 
_struct_conn.ptnr2_auth_comp_id 
_struct_conn.ptnr2_auth_seq_id 
_struct_conn.ptnr2_symmetry 
_struct_conn.pdbx_ptnr3_label_atom_id 
_struct_conn.pdbx_ptnr3_label_seq_id 
_struct_conn.pdbx_ptnr3_label_comp_id 
_struct_conn.pdbx_ptnr3_label_asym_id 
_struct_conn.pdbx_ptnr3_label_alt_id 
_struct_conn.pdbx_ptnr3_PDB_ins_code 
_struct_conn.details 
_struct_conn.pdbx_dist_value 
_struct_conn.pdbx_value_order 
_struct_conn.pdbx_role 
covale1 covale both ? A GLY 1  C ? ? ? 1_555 A MSE 2  N ? ? A GLY 0  A MSE 1  1_555 ? ? ? ? ? ? ? 1.329 ? ? 
covale2 covale both ? A MSE 2  C ? ? ? 1_555 A GLU 3  N ? ? A MSE 1  A GLU 2  1_555 ? ? ? ? ? ? ? 1.332 ? ? 
covale3 covale both ? A LYS 51 C A ? ? 1_555 A MSE 52 N A ? A LYS 50 A MSE 51 1_555 ? ? ? ? ? ? ? 1.340 ? ? 
covale4 covale both ? A LYS 51 C B ? ? 1_555 A MSE 52 N B ? A LYS 50 A MSE 51 1_555 ? ? ? ? ? ? ? 1.328 ? ? 
covale5 covale both ? A MSE 52 C A ? ? 1_555 A LEU 53 N ? ? A MSE 51 A LEU 52 1_555 ? ? ? ? ? ? ? 1.330 ? ? 
covale6 covale both ? A MSE 52 C B ? ? 1_555 A LEU 53 N ? ? A MSE 51 A LEU 52 1_555 ? ? ? ? ? ? ? 1.330 ? ? 
covale7 covale both ? A GLU 55 C ? ? ? 1_555 A MSE 56 N ? ? A GLU 54 A MSE 55 1_555 ? ? ? ? ? ? ? 1.326 ? ? 
covale8 covale both ? A MSE 56 C ? ? ? 1_555 A LYS 57 N ? ? A MSE 55 A LYS 56 1_555 ? ? ? ? ? ? ? 1.320 ? ? 
# 
_struct_conn_type.id          covale 
_struct_conn_type.criteria    ? 
_struct_conn_type.reference   ? 
# 
loop_
_pdbx_modification_feature.ordinal 
_pdbx_modification_feature.label_comp_id 
_pdbx_modification_feature.label_asym_id 
_pdbx_modification_feature.label_seq_id 
_pdbx_modification_feature.label_alt_id 
_pdbx_modification_feature.modified_residue_label_comp_id 
_pdbx_modification_feature.modified_residue_label_asym_id 
_pdbx_modification_feature.modified_residue_label_seq_id 
_pdbx_modification_feature.modified_residue_label_alt_id 
_pdbx_modification_feature.auth_comp_id 
_pdbx_modification_feature.auth_asym_id 
_pdbx_modification_feature.auth_seq_id 
_pdbx_modification_feature.PDB_ins_code 
_pdbx_modification_feature.symmetry 
_pdbx_modification_feature.modified_residue_auth_comp_id 
_pdbx_modification_feature.modified_residue_auth_asym_id 
_pdbx_modification_feature.modified_residue_auth_seq_id 
_pdbx_modification_feature.modified_residue_PDB_ins_code 
_pdbx_modification_feature.modified_residue_symmetry 
_pdbx_modification_feature.comp_id_linking_atom 
_pdbx_modification_feature.modified_residue_id_linking_atom 
_pdbx_modification_feature.modified_residue_id 
_pdbx_modification_feature.ref_pcm_id 
_pdbx_modification_feature.ref_comp_id 
_pdbx_modification_feature.type 
_pdbx_modification_feature.category 
1 MSE A 2  ? . . . . MSE A 1  ? 1_555 . . . . . . . MET 1 MSE Selenomethionine 'Named protein modification' 
2 MSE A 52 A . . . . MSE A 51 ? 1_555 . . . . . . . MET 1 MSE Selenomethionine 'Named protein modification' 
3 MSE A 52 B . . . . MSE A 51 ? 1_555 . . . . . . . MET 1 MSE Selenomethionine 'Named protein modification' 
4 MSE A 56 ? . . . . MSE A 55 ? 1_555 . . . . . . . MET 1 MSE Selenomethionine 'Named protein modification' 
# 
_struct_sheet.id               A 
_struct_sheet.type             ? 
_struct_sheet.number_strands   6 
_struct_sheet.details          ? 
# 
loop_
_struct_sheet_order.sheet_id 
_struct_sheet_order.range_id_1 
_struct_sheet_order.range_id_2 
_struct_sheet_order.offset 
_struct_sheet_order.sense 
A 1 2 ? anti-parallel 
A 2 3 ? parallel      
A 3 4 ? anti-parallel 
A 4 5 ? anti-parallel 
A 5 6 ? anti-parallel 
# 
loop_
_struct_sheet_range.sheet_id 
_struct_sheet_range.id 
_struct_sheet_range.beg_label_comp_id 
_struct_sheet_range.beg_label_asym_id 
_struct_sheet_range.beg_label_seq_id 
_struct_sheet_range.pdbx_beg_PDB_ins_code 
_struct_sheet_range.end_label_comp_id 
_struct_sheet_range.end_label_asym_id 
_struct_sheet_range.end_label_seq_id 
_struct_sheet_range.pdbx_end_PDB_ins_code 
_struct_sheet_range.beg_auth_comp_id 
_struct_sheet_range.beg_auth_asym_id 
_struct_sheet_range.beg_auth_seq_id 
_struct_sheet_range.end_auth_comp_id 
_struct_sheet_range.end_auth_asym_id 
_struct_sheet_range.end_auth_seq_id 
A 1 GLN A 37  ? LYS A 40  ? GLN A 36  LYS A 39  
A 2 PHE A 25  ? ILE A 33  ? PHE A 24  ILE A 32  
A 3 THR A 103 ? ILE A 112 ? THR A 102 ILE A 111 
A 4 GLU A 88  ? GLU A 100 ? GLU A 87  GLU A 99  
A 5 GLN A 72  ? PHE A 82  ? GLN A 71  PHE A 81  
A 6 VAL A 60  ? GLN A 68  ? VAL A 59  GLN A 67  
# 
loop_
_pdbx_struct_sheet_hbond.sheet_id 
_pdbx_struct_sheet_hbond.range_id_1 
_pdbx_struct_sheet_hbond.range_id_2 
_pdbx_struct_sheet_hbond.range_1_label_atom_id 
_pdbx_struct_sheet_hbond.range_1_label_comp_id 
_pdbx_struct_sheet_hbond.range_1_label_asym_id 
_pdbx_struct_sheet_hbond.range_1_label_seq_id 
_pdbx_struct_sheet_hbond.range_1_PDB_ins_code 
_pdbx_struct_sheet_hbond.range_1_auth_atom_id 
_pdbx_struct_sheet_hbond.range_1_auth_comp_id 
_pdbx_struct_sheet_hbond.range_1_auth_asym_id 
_pdbx_struct_sheet_hbond.range_1_auth_seq_id 
_pdbx_struct_sheet_hbond.range_2_label_atom_id 
_pdbx_struct_sheet_hbond.range_2_label_comp_id 
_pdbx_struct_sheet_hbond.range_2_label_asym_id 
_pdbx_struct_sheet_hbond.range_2_label_seq_id 
_pdbx_struct_sheet_hbond.range_2_PDB_ins_code 
_pdbx_struct_sheet_hbond.range_2_auth_atom_id 
_pdbx_struct_sheet_hbond.range_2_auth_comp_id 
_pdbx_struct_sheet_hbond.range_2_auth_asym_id 
_pdbx_struct_sheet_hbond.range_2_auth_seq_id 
A 1 2 O GLN A 37  ? O GLN A 36  N ILE A 33  ? N ILE A 32  
A 2 3 N ASN A 32  ? N ASN A 31  O ILE A 107 ? O ILE A 106 
A 3 4 O ILE A 112 ? O ILE A 111 N SER A 92  ? N SER A 91  
A 4 5 O TYR A 97  ? O TYR A 96  N ILE A 73  ? N ILE A 72  
A 5 6 O ARG A 80  ? O ARG A 79  N VAL A 60  ? N VAL A 59  
# 
loop_
_struct_site.id 
_struct_site.pdbx_evidence_code 
_struct_site.pdbx_auth_asym_id 
_struct_site.pdbx_auth_comp_id 
_struct_site.pdbx_auth_seq_id 
_struct_site.pdbx_auth_ins_code 
_struct_site.pdbx_num_residues 
_struct_site.details 
AC1 Software A TRS 112 ? 8 'BINDING SITE FOR RESIDUE TRS A 112' 
AC2 Software A PGE 113 ? 4 'BINDING SITE FOR RESIDUE PGE A 113' 
# 
loop_
_struct_site_gen.id 
_struct_site_gen.site_id 
_struct_site_gen.pdbx_num_res 
_struct_site_gen.label_comp_id 
_struct_site_gen.label_asym_id 
_struct_site_gen.label_seq_id 
_struct_site_gen.pdbx_auth_ins_code 
_struct_site_gen.auth_comp_id 
_struct_site_gen.auth_asym_id 
_struct_site_gen.auth_seq_id 
_struct_site_gen.label_atom_id 
_struct_site_gen.label_alt_id 
_struct_site_gen.symmetry 
_struct_site_gen.details 
1  AC1 8 PHE A 13  ? PHE A 12  . ? 1_555 ? 
2  AC1 8 SER A 14  ? SER A 13  . ? 1_555 ? 
3  AC1 8 PHE A 18  ? PHE A 17  . ? 1_555 ? 
4  AC1 8 MSE A 56  ? MSE A 55  . ? 1_555 ? 
5  AC1 8 TYR A 93  ? TYR A 92  . ? 1_555 ? 
6  AC1 8 ASP A 95  ? ASP A 94  . ? 1_555 ? 
7  AC1 8 CYS A 111 ? CYS A 110 . ? 1_555 ? 
8  AC1 8 PGE C .   ? PGE A 113 . ? 1_555 ? 
9  AC2 4 GLU A 55  ? GLU A 54  . ? 1_555 ? 
10 AC2 4 TRS B .   ? TRS A 112 . ? 1_555 ? 
11 AC2 4 HOH D .   ? HOH A 198 . ? 1_555 ? 
12 AC2 4 HOH D .   ? HOH A 202 . ? 1_555 ? 
# 
_pdbx_entry_details.entry_id                   3F14 
_pdbx_entry_details.compound_details           ? 
_pdbx_entry_details.source_details             ? 
_pdbx_entry_details.nonpolymer_details         ? 
_pdbx_entry_details.sequence_details           
;THE CONSTRUCT WAS EXPRESSED WITH A PURIFICATION TAG MGSDKIHHHHHHENLYFQG. THE TAG WAS REMOVED WITH TEV PROTEASE LEAVING ONLY A GLYCINE (0) FOLLOWED BY THE TARGET SEQUENCE.
;
_pdbx_entry_details.has_ligand_of_interest     ? 
_pdbx_entry_details.has_protein_modification   Y 
# 
_pdbx_validate_rmsd_bond.id                        1 
_pdbx_validate_rmsd_bond.PDB_model_num             1 
_pdbx_validate_rmsd_bond.auth_atom_id_1            CB 
_pdbx_validate_rmsd_bond.auth_asym_id_1            A 
_pdbx_validate_rmsd_bond.auth_comp_id_1            GLU 
_pdbx_validate_rmsd_bond.auth_seq_id_1             87 
_pdbx_validate_rmsd_bond.PDB_ins_code_1            ? 
_pdbx_validate_rmsd_bond.label_alt_id_1            ? 
_pdbx_validate_rmsd_bond.auth_atom_id_2            CG 
_pdbx_validate_rmsd_bond.auth_asym_id_2            A 
_pdbx_validate_rmsd_bond.auth_comp_id_2            GLU 
_pdbx_validate_rmsd_bond.auth_seq_id_2             87 
_pdbx_validate_rmsd_bond.PDB_ins_code_2            ? 
_pdbx_validate_rmsd_bond.label_alt_id_2            ? 
_pdbx_validate_rmsd_bond.bond_value                1.387 
_pdbx_validate_rmsd_bond.bond_target_value         1.517 
_pdbx_validate_rmsd_bond.bond_deviation            -0.130 
_pdbx_validate_rmsd_bond.bond_standard_deviation   0.019 
_pdbx_validate_rmsd_bond.linker_flag               N 
# 
loop_
_pdbx_validate_rmsd_angle.id 
_pdbx_validate_rmsd_angle.PDB_model_num 
_pdbx_validate_rmsd_angle.auth_atom_id_1 
_pdbx_validate_rmsd_angle.auth_asym_id_1 
_pdbx_validate_rmsd_angle.auth_comp_id_1 
_pdbx_validate_rmsd_angle.auth_seq_id_1 
_pdbx_validate_rmsd_angle.PDB_ins_code_1 
_pdbx_validate_rmsd_angle.label_alt_id_1 
_pdbx_validate_rmsd_angle.auth_atom_id_2 
_pdbx_validate_rmsd_angle.auth_asym_id_2 
_pdbx_validate_rmsd_angle.auth_comp_id_2 
_pdbx_validate_rmsd_angle.auth_seq_id_2 
_pdbx_validate_rmsd_angle.PDB_ins_code_2 
_pdbx_validate_rmsd_angle.label_alt_id_2 
_pdbx_validate_rmsd_angle.auth_atom_id_3 
_pdbx_validate_rmsd_angle.auth_asym_id_3 
_pdbx_validate_rmsd_angle.auth_comp_id_3 
_pdbx_validate_rmsd_angle.auth_seq_id_3 
_pdbx_validate_rmsd_angle.PDB_ins_code_3 
_pdbx_validate_rmsd_angle.label_alt_id_3 
_pdbx_validate_rmsd_angle.angle_value 
_pdbx_validate_rmsd_angle.angle_target_value 
_pdbx_validate_rmsd_angle.angle_deviation 
_pdbx_validate_rmsd_angle.angle_standard_deviation 
_pdbx_validate_rmsd_angle.linker_flag 
1 1 N  A ASN 70 ? ? CA A ASN 70 ? ? CB  A ASN 70 ? ? 98.76  110.60 -11.84 1.80 N 
2 1 NE A ARG 79 ? ? CZ A ARG 79 ? ? NH2 A ARG 79 ? ? 116.61 120.30 -3.69  0.50 N 
# 
loop_
_pdbx_validate_torsion.id 
_pdbx_validate_torsion.PDB_model_num 
_pdbx_validate_torsion.auth_comp_id 
_pdbx_validate_torsion.auth_asym_id 
_pdbx_validate_torsion.auth_seq_id 
_pdbx_validate_torsion.PDB_ins_code 
_pdbx_validate_torsion.label_alt_id 
_pdbx_validate_torsion.phi 
_pdbx_validate_torsion.psi 
1 1 ASN A 35  ? B -123.11 -80.15  
2 1 ASP A 63  ? B -128.90 -106.16 
3 1 ASN A 68  ? A -112.58 -165.15 
4 1 ASN A 100 ? ? 52.23   -115.68 
# 
_pdbx_SG_project.project_name          'PSI, Protein Structure Initiative' 
_pdbx_SG_project.full_name_of_center   'Joint Center for Structural Genomics' 
_pdbx_SG_project.id                    1 
_pdbx_SG_project.initial_of_center     JCSG 
# 
loop_
_pdbx_struct_mod_residue.id 
_pdbx_struct_mod_residue.label_asym_id 
_pdbx_struct_mod_residue.label_comp_id 
_pdbx_struct_mod_residue.label_seq_id 
_pdbx_struct_mod_residue.auth_asym_id 
_pdbx_struct_mod_residue.auth_comp_id 
_pdbx_struct_mod_residue.auth_seq_id 
_pdbx_struct_mod_residue.PDB_ins_code 
_pdbx_struct_mod_residue.parent_comp_id 
_pdbx_struct_mod_residue.details 
1 A MSE 2  A MSE 1  ? MET SELENOMETHIONINE 
2 A MSE 52 A MSE 51 ? MET SELENOMETHIONINE 
3 A MSE 56 A MSE 55 ? MET SELENOMETHIONINE 
# 
_pdbx_refine_tls.id               1 
_pdbx_refine_tls.details          ? 
_pdbx_refine_tls.method           refined 
_pdbx_refine_tls.origin_x         0.0463 
_pdbx_refine_tls.origin_y         0.3825 
_pdbx_refine_tls.origin_z         0.3378 
_pdbx_refine_tls.T[1][1]          -0.0452 
_pdbx_refine_tls.T[2][2]          -0.0209 
_pdbx_refine_tls.T[3][3]          -0.0192 
_pdbx_refine_tls.T[1][2]          0.0064 
_pdbx_refine_tls.T[1][3]          -0.0086 
_pdbx_refine_tls.T[2][3]          0.0277 
_pdbx_refine_tls.L[1][1]          2.5382 
_pdbx_refine_tls.L[2][2]          0.4382 
_pdbx_refine_tls.L[3][3]          2.3914 
_pdbx_refine_tls.L[1][2]          0.3990 
_pdbx_refine_tls.L[1][3]          0.9295 
_pdbx_refine_tls.L[2][3]          0.2098 
_pdbx_refine_tls.S[1][1]          0.0798 
_pdbx_refine_tls.S[2][2]          0.0005 
_pdbx_refine_tls.S[3][3]          -0.0802 
_pdbx_refine_tls.S[1][2]          -0.2628 
_pdbx_refine_tls.S[1][3]          -0.1917 
_pdbx_refine_tls.S[2][3]          -0.0602 
_pdbx_refine_tls.S[2][1]          0.0654 
_pdbx_refine_tls.S[3][1]          0.1525 
_pdbx_refine_tls.S[3][2]          0.0167 
_pdbx_refine_tls.pdbx_refine_id   'X-RAY DIFFRACTION' 
# 
_pdbx_refine_tls_group.id                  1 
_pdbx_refine_tls_group.refine_tls_id       1 
_pdbx_refine_tls_group.beg_auth_asym_id    A 
_pdbx_refine_tls_group.end_auth_asym_id    A 
_pdbx_refine_tls_group.end_auth_seq_id     111 
_pdbx_refine_tls_group.selection           ? 
_pdbx_refine_tls_group.beg_auth_seq_id     0 
_pdbx_refine_tls_group.beg_label_asym_id   . 
_pdbx_refine_tls_group.beg_label_seq_id    . 
_pdbx_refine_tls_group.end_label_asym_id   . 
_pdbx_refine_tls_group.end_label_seq_id    . 
_pdbx_refine_tls_group.pdbx_refine_id      'X-RAY DIFFRACTION' 
_pdbx_refine_tls_group.selection_details   ? 
# 
_phasing.method   MAD 
# 
loop_
_chem_comp_atom.comp_id 
_chem_comp_atom.atom_id 
_chem_comp_atom.type_symbol 
_chem_comp_atom.pdbx_aromatic_flag 
_chem_comp_atom.pdbx_stereo_config 
_chem_comp_atom.pdbx_ordinal 
ALA N    N  N N 1   
ALA CA   C  N S 2   
ALA C    C  N N 3   
ALA O    O  N N 4   
ALA CB   C  N N 5   
ALA OXT  O  N N 6   
ALA H    H  N N 7   
ALA H2   H  N N 8   
ALA HA   H  N N 9   
ALA HB1  H  N N 10  
ALA HB2  H  N N 11  
ALA HB3  H  N N 12  
ALA HXT  H  N N 13  
ARG N    N  N N 14  
ARG CA   C  N S 15  
ARG C    C  N N 16  
ARG O    O  N N 17  
ARG CB   C  N N 18  
ARG CG   C  N N 19  
ARG CD   C  N N 20  
ARG NE   N  N N 21  
ARG CZ   C  N N 22  
ARG NH1  N  N N 23  
ARG NH2  N  N N 24  
ARG OXT  O  N N 25  
ARG H    H  N N 26  
ARG H2   H  N N 27  
ARG HA   H  N N 28  
ARG HB2  H  N N 29  
ARG HB3  H  N N 30  
ARG HG2  H  N N 31  
ARG HG3  H  N N 32  
ARG HD2  H  N N 33  
ARG HD3  H  N N 34  
ARG HE   H  N N 35  
ARG HH11 H  N N 36  
ARG HH12 H  N N 37  
ARG HH21 H  N N 38  
ARG HH22 H  N N 39  
ARG HXT  H  N N 40  
ASN N    N  N N 41  
ASN CA   C  N S 42  
ASN C    C  N N 43  
ASN O    O  N N 44  
ASN CB   C  N N 45  
ASN CG   C  N N 46  
ASN OD1  O  N N 47  
ASN ND2  N  N N 48  
ASN OXT  O  N N 49  
ASN H    H  N N 50  
ASN H2   H  N N 51  
ASN HA   H  N N 52  
ASN HB2  H  N N 53  
ASN HB3  H  N N 54  
ASN HD21 H  N N 55  
ASN HD22 H  N N 56  
ASN HXT  H  N N 57  
ASP N    N  N N 58  
ASP CA   C  N S 59  
ASP C    C  N N 60  
ASP O    O  N N 61  
ASP CB   C  N N 62  
ASP CG   C  N N 63  
ASP OD1  O  N N 64  
ASP OD2  O  N N 65  
ASP OXT  O  N N 66  
ASP H    H  N N 67  
ASP H2   H  N N 68  
ASP HA   H  N N 69  
ASP HB2  H  N N 70  
ASP HB3  H  N N 71  
ASP HD2  H  N N 72  
ASP HXT  H  N N 73  
CYS N    N  N N 74  
CYS CA   C  N R 75  
CYS C    C  N N 76  
CYS O    O  N N 77  
CYS CB   C  N N 78  
CYS SG   S  N N 79  
CYS OXT  O  N N 80  
CYS H    H  N N 81  
CYS H2   H  N N 82  
CYS HA   H  N N 83  
CYS HB2  H  N N 84  
CYS HB3  H  N N 85  
CYS HG   H  N N 86  
CYS HXT  H  N N 87  
GLN N    N  N N 88  
GLN CA   C  N S 89  
GLN C    C  N N 90  
GLN O    O  N N 91  
GLN CB   C  N N 92  
GLN CG   C  N N 93  
GLN CD   C  N N 94  
GLN OE1  O  N N 95  
GLN NE2  N  N N 96  
GLN OXT  O  N N 97  
GLN H    H  N N 98  
GLN H2   H  N N 99  
GLN HA   H  N N 100 
GLN HB2  H  N N 101 
GLN HB3  H  N N 102 
GLN HG2  H  N N 103 
GLN HG3  H  N N 104 
GLN HE21 H  N N 105 
GLN HE22 H  N N 106 
GLN HXT  H  N N 107 
GLU N    N  N N 108 
GLU CA   C  N S 109 
GLU C    C  N N 110 
GLU O    O  N N 111 
GLU CB   C  N N 112 
GLU CG   C  N N 113 
GLU CD   C  N N 114 
GLU OE1  O  N N 115 
GLU OE2  O  N N 116 
GLU OXT  O  N N 117 
GLU H    H  N N 118 
GLU H2   H  N N 119 
GLU HA   H  N N 120 
GLU HB2  H  N N 121 
GLU HB3  H  N N 122 
GLU HG2  H  N N 123 
GLU HG3  H  N N 124 
GLU HE2  H  N N 125 
GLU HXT  H  N N 126 
GLY N    N  N N 127 
GLY CA   C  N N 128 
GLY C    C  N N 129 
GLY O    O  N N 130 
GLY OXT  O  N N 131 
GLY H    H  N N 132 
GLY H2   H  N N 133 
GLY HA2  H  N N 134 
GLY HA3  H  N N 135 
GLY HXT  H  N N 136 
HIS N    N  N N 137 
HIS CA   C  N S 138 
HIS C    C  N N 139 
HIS O    O  N N 140 
HIS CB   C  N N 141 
HIS CG   C  Y N 142 
HIS ND1  N  Y N 143 
HIS CD2  C  Y N 144 
HIS CE1  C  Y N 145 
HIS NE2  N  Y N 146 
HIS OXT  O  N N 147 
HIS H    H  N N 148 
HIS H2   H  N N 149 
HIS HA   H  N N 150 
HIS HB2  H  N N 151 
HIS HB3  H  N N 152 
HIS HD1  H  N N 153 
HIS HD2  H  N N 154 
HIS HE1  H  N N 155 
HIS HE2  H  N N 156 
HIS HXT  H  N N 157 
HOH O    O  N N 158 
HOH H1   H  N N 159 
HOH H2   H  N N 160 
ILE N    N  N N 161 
ILE CA   C  N S 162 
ILE C    C  N N 163 
ILE O    O  N N 164 
ILE CB   C  N S 165 
ILE CG1  C  N N 166 
ILE CG2  C  N N 167 
ILE CD1  C  N N 168 
ILE OXT  O  N N 169 
ILE H    H  N N 170 
ILE H2   H  N N 171 
ILE HA   H  N N 172 
ILE HB   H  N N 173 
ILE HG12 H  N N 174 
ILE HG13 H  N N 175 
ILE HG21 H  N N 176 
ILE HG22 H  N N 177 
ILE HG23 H  N N 178 
ILE HD11 H  N N 179 
ILE HD12 H  N N 180 
ILE HD13 H  N N 181 
ILE HXT  H  N N 182 
LEU N    N  N N 183 
LEU CA   C  N S 184 
LEU C    C  N N 185 
LEU O    O  N N 186 
LEU CB   C  N N 187 
LEU CG   C  N N 188 
LEU CD1  C  N N 189 
LEU CD2  C  N N 190 
LEU OXT  O  N N 191 
LEU H    H  N N 192 
LEU H2   H  N N 193 
LEU HA   H  N N 194 
LEU HB2  H  N N 195 
LEU HB3  H  N N 196 
LEU HG   H  N N 197 
LEU HD11 H  N N 198 
LEU HD12 H  N N 199 
LEU HD13 H  N N 200 
LEU HD21 H  N N 201 
LEU HD22 H  N N 202 
LEU HD23 H  N N 203 
LEU HXT  H  N N 204 
LYS N    N  N N 205 
LYS CA   C  N S 206 
LYS C    C  N N 207 
LYS O    O  N N 208 
LYS CB   C  N N 209 
LYS CG   C  N N 210 
LYS CD   C  N N 211 
LYS CE   C  N N 212 
LYS NZ   N  N N 213 
LYS OXT  O  N N 214 
LYS H    H  N N 215 
LYS H2   H  N N 216 
LYS HA   H  N N 217 
LYS HB2  H  N N 218 
LYS HB3  H  N N 219 
LYS HG2  H  N N 220 
LYS HG3  H  N N 221 
LYS HD2  H  N N 222 
LYS HD3  H  N N 223 
LYS HE2  H  N N 224 
LYS HE3  H  N N 225 
LYS HZ1  H  N N 226 
LYS HZ2  H  N N 227 
LYS HZ3  H  N N 228 
LYS HXT  H  N N 229 
MSE N    N  N N 230 
MSE CA   C  N S 231 
MSE C    C  N N 232 
MSE O    O  N N 233 
MSE OXT  O  N N 234 
MSE CB   C  N N 235 
MSE CG   C  N N 236 
MSE SE   SE N N 237 
MSE CE   C  N N 238 
MSE H    H  N N 239 
MSE H2   H  N N 240 
MSE HA   H  N N 241 
MSE HXT  H  N N 242 
MSE HB2  H  N N 243 
MSE HB3  H  N N 244 
MSE HG2  H  N N 245 
MSE HG3  H  N N 246 
MSE HE1  H  N N 247 
MSE HE2  H  N N 248 
MSE HE3  H  N N 249 
PGE C1   C  N N 250 
PGE O1   O  N N 251 
PGE C2   C  N N 252 
PGE O2   O  N N 253 
PGE C3   C  N N 254 
PGE C4   C  N N 255 
PGE O4   O  N N 256 
PGE C6   C  N N 257 
PGE C5   C  N N 258 
PGE O3   O  N N 259 
PGE H1   H  N N 260 
PGE H12  H  N N 261 
PGE HO1  H  N N 262 
PGE H2   H  N N 263 
PGE H22  H  N N 264 
PGE H3   H  N N 265 
PGE H32  H  N N 266 
PGE H4   H  N N 267 
PGE H42  H  N N 268 
PGE HO4  H  N N 269 
PGE H6   H  N N 270 
PGE H62  H  N N 271 
PGE H5   H  N N 272 
PGE H52  H  N N 273 
PHE N    N  N N 274 
PHE CA   C  N S 275 
PHE C    C  N N 276 
PHE O    O  N N 277 
PHE CB   C  N N 278 
PHE CG   C  Y N 279 
PHE CD1  C  Y N 280 
PHE CD2  C  Y N 281 
PHE CE1  C  Y N 282 
PHE CE2  C  Y N 283 
PHE CZ   C  Y N 284 
PHE OXT  O  N N 285 
PHE H    H  N N 286 
PHE H2   H  N N 287 
PHE HA   H  N N 288 
PHE HB2  H  N N 289 
PHE HB3  H  N N 290 
PHE HD1  H  N N 291 
PHE HD2  H  N N 292 
PHE HE1  H  N N 293 
PHE HE2  H  N N 294 
PHE HZ   H  N N 295 
PHE HXT  H  N N 296 
PRO N    N  N N 297 
PRO CA   C  N S 298 
PRO C    C  N N 299 
PRO O    O  N N 300 
PRO CB   C  N N 301 
PRO CG   C  N N 302 
PRO CD   C  N N 303 
PRO OXT  O  N N 304 
PRO H    H  N N 305 
PRO HA   H  N N 306 
PRO HB2  H  N N 307 
PRO HB3  H  N N 308 
PRO HG2  H  N N 309 
PRO HG3  H  N N 310 
PRO HD2  H  N N 311 
PRO HD3  H  N N 312 
PRO HXT  H  N N 313 
SER N    N  N N 314 
SER CA   C  N S 315 
SER C    C  N N 316 
SER O    O  N N 317 
SER CB   C  N N 318 
SER OG   O  N N 319 
SER OXT  O  N N 320 
SER H    H  N N 321 
SER H2   H  N N 322 
SER HA   H  N N 323 
SER HB2  H  N N 324 
SER HB3  H  N N 325 
SER HG   H  N N 326 
SER HXT  H  N N 327 
THR N    N  N N 328 
THR CA   C  N S 329 
THR C    C  N N 330 
THR O    O  N N 331 
THR CB   C  N R 332 
THR OG1  O  N N 333 
THR CG2  C  N N 334 
THR OXT  O  N N 335 
THR H    H  N N 336 
THR H2   H  N N 337 
THR HA   H  N N 338 
THR HB   H  N N 339 
THR HG1  H  N N 340 
THR HG21 H  N N 341 
THR HG22 H  N N 342 
THR HG23 H  N N 343 
THR HXT  H  N N 344 
TRP N    N  N N 345 
TRP CA   C  N S 346 
TRP C    C  N N 347 
TRP O    O  N N 348 
TRP CB   C  N N 349 
TRP CG   C  Y N 350 
TRP CD1  C  Y N 351 
TRP CD2  C  Y N 352 
TRP NE1  N  Y N 353 
TRP CE2  C  Y N 354 
TRP CE3  C  Y N 355 
TRP CZ2  C  Y N 356 
TRP CZ3  C  Y N 357 
TRP CH2  C  Y N 358 
TRP OXT  O  N N 359 
TRP H    H  N N 360 
TRP H2   H  N N 361 
TRP HA   H  N N 362 
TRP HB2  H  N N 363 
TRP HB3  H  N N 364 
TRP HD1  H  N N 365 
TRP HE1  H  N N 366 
TRP HE3  H  N N 367 
TRP HZ2  H  N N 368 
TRP HZ3  H  N N 369 
TRP HH2  H  N N 370 
TRP HXT  H  N N 371 
TRS C    C  N N 372 
TRS C1   C  N N 373 
TRS C2   C  N N 374 
TRS C3   C  N N 375 
TRS N    N  N N 376 
TRS O1   O  N N 377 
TRS O2   O  N N 378 
TRS O3   O  N N 379 
TRS H11  H  N N 380 
TRS H12  H  N N 381 
TRS H21  H  N N 382 
TRS H22  H  N N 383 
TRS H31  H  N N 384 
TRS H32  H  N N 385 
TRS HN1  H  N N 386 
TRS HN2  H  N N 387 
TRS HN3  H  N N 388 
TRS HO1  H  N N 389 
TRS HO2  H  N N 390 
TRS HO3  H  N N 391 
TYR N    N  N N 392 
TYR CA   C  N S 393 
TYR C    C  N N 394 
TYR O    O  N N 395 
TYR CB   C  N N 396 
TYR CG   C  Y N 397 
TYR CD1  C  Y N 398 
TYR CD2  C  Y N 399 
TYR CE1  C  Y N 400 
TYR CE2  C  Y N 401 
TYR CZ   C  Y N 402 
TYR OH   O  N N 403 
TYR OXT  O  N N 404 
TYR H    H  N N 405 
TYR H2   H  N N 406 
TYR HA   H  N N 407 
TYR HB2  H  N N 408 
TYR HB3  H  N N 409 
TYR HD1  H  N N 410 
TYR HD2  H  N N 411 
TYR HE1  H  N N 412 
TYR HE2  H  N N 413 
TYR HH   H  N N 414 
TYR HXT  H  N N 415 
VAL N    N  N N 416 
VAL CA   C  N S 417 
VAL C    C  N N 418 
VAL O    O  N N 419 
VAL CB   C  N N 420 
VAL CG1  C  N N 421 
VAL CG2  C  N N 422 
VAL OXT  O  N N 423 
VAL H    H  N N 424 
VAL H2   H  N N 425 
VAL HA   H  N N 426 
VAL HB   H  N N 427 
VAL HG11 H  N N 428 
VAL HG12 H  N N 429 
VAL HG13 H  N N 430 
VAL HG21 H  N N 431 
VAL HG22 H  N N 432 
VAL HG23 H  N N 433 
VAL HXT  H  N N 434 
# 
loop_
_chem_comp_bond.comp_id 
_chem_comp_bond.atom_id_1 
_chem_comp_bond.atom_id_2 
_chem_comp_bond.value_order 
_chem_comp_bond.pdbx_aromatic_flag 
_chem_comp_bond.pdbx_stereo_config 
_chem_comp_bond.pdbx_ordinal 
ALA N   CA   sing N N 1   
ALA N   H    sing N N 2   
ALA N   H2   sing N N 3   
ALA CA  C    sing N N 4   
ALA CA  CB   sing N N 5   
ALA CA  HA   sing N N 6   
ALA C   O    doub N N 7   
ALA C   OXT  sing N N 8   
ALA CB  HB1  sing N N 9   
ALA CB  HB2  sing N N 10  
ALA CB  HB3  sing N N 11  
ALA OXT HXT  sing N N 12  
ARG N   CA   sing N N 13  
ARG N   H    sing N N 14  
ARG N   H2   sing N N 15  
ARG CA  C    sing N N 16  
ARG CA  CB   sing N N 17  
ARG CA  HA   sing N N 18  
ARG C   O    doub N N 19  
ARG C   OXT  sing N N 20  
ARG CB  CG   sing N N 21  
ARG CB  HB2  sing N N 22  
ARG CB  HB3  sing N N 23  
ARG CG  CD   sing N N 24  
ARG CG  HG2  sing N N 25  
ARG CG  HG3  sing N N 26  
ARG CD  NE   sing N N 27  
ARG CD  HD2  sing N N 28  
ARG CD  HD3  sing N N 29  
ARG NE  CZ   sing N N 30  
ARG NE  HE   sing N N 31  
ARG CZ  NH1  sing N N 32  
ARG CZ  NH2  doub N N 33  
ARG NH1 HH11 sing N N 34  
ARG NH1 HH12 sing N N 35  
ARG NH2 HH21 sing N N 36  
ARG NH2 HH22 sing N N 37  
ARG OXT HXT  sing N N 38  
ASN N   CA   sing N N 39  
ASN N   H    sing N N 40  
ASN N   H2   sing N N 41  
ASN CA  C    sing N N 42  
ASN CA  CB   sing N N 43  
ASN CA  HA   sing N N 44  
ASN C   O    doub N N 45  
ASN C   OXT  sing N N 46  
ASN CB  CG   sing N N 47  
ASN CB  HB2  sing N N 48  
ASN CB  HB3  sing N N 49  
ASN CG  OD1  doub N N 50  
ASN CG  ND2  sing N N 51  
ASN ND2 HD21 sing N N 52  
ASN ND2 HD22 sing N N 53  
ASN OXT HXT  sing N N 54  
ASP N   CA   sing N N 55  
ASP N   H    sing N N 56  
ASP N   H2   sing N N 57  
ASP CA  C    sing N N 58  
ASP CA  CB   sing N N 59  
ASP CA  HA   sing N N 60  
ASP C   O    doub N N 61  
ASP C   OXT  sing N N 62  
ASP CB  CG   sing N N 63  
ASP CB  HB2  sing N N 64  
ASP CB  HB3  sing N N 65  
ASP CG  OD1  doub N N 66  
ASP CG  OD2  sing N N 67  
ASP OD2 HD2  sing N N 68  
ASP OXT HXT  sing N N 69  
CYS N   CA   sing N N 70  
CYS N   H    sing N N 71  
CYS N   H2   sing N N 72  
CYS CA  C    sing N N 73  
CYS CA  CB   sing N N 74  
CYS CA  HA   sing N N 75  
CYS C   O    doub N N 76  
CYS C   OXT  sing N N 77  
CYS CB  SG   sing N N 78  
CYS CB  HB2  sing N N 79  
CYS CB  HB3  sing N N 80  
CYS SG  HG   sing N N 81  
CYS OXT HXT  sing N N 82  
GLN N   CA   sing N N 83  
GLN N   H    sing N N 84  
GLN N   H2   sing N N 85  
GLN CA  C    sing N N 86  
GLN CA  CB   sing N N 87  
GLN CA  HA   sing N N 88  
GLN C   O    doub N N 89  
GLN C   OXT  sing N N 90  
GLN CB  CG   sing N N 91  
GLN CB  HB2  sing N N 92  
GLN CB  HB3  sing N N 93  
GLN CG  CD   sing N N 94  
GLN CG  HG2  sing N N 95  
GLN CG  HG3  sing N N 96  
GLN CD  OE1  doub N N 97  
GLN CD  NE2  sing N N 98  
GLN NE2 HE21 sing N N 99  
GLN NE2 HE22 sing N N 100 
GLN OXT HXT  sing N N 101 
GLU N   CA   sing N N 102 
GLU N   H    sing N N 103 
GLU N   H2   sing N N 104 
GLU CA  C    sing N N 105 
GLU CA  CB   sing N N 106 
GLU CA  HA   sing N N 107 
GLU C   O    doub N N 108 
GLU C   OXT  sing N N 109 
GLU CB  CG   sing N N 110 
GLU CB  HB2  sing N N 111 
GLU CB  HB3  sing N N 112 
GLU CG  CD   sing N N 113 
GLU CG  HG2  sing N N 114 
GLU CG  HG3  sing N N 115 
GLU CD  OE1  doub N N 116 
GLU CD  OE2  sing N N 117 
GLU OE2 HE2  sing N N 118 
GLU OXT HXT  sing N N 119 
GLY N   CA   sing N N 120 
GLY N   H    sing N N 121 
GLY N   H2   sing N N 122 
GLY CA  C    sing N N 123 
GLY CA  HA2  sing N N 124 
GLY CA  HA3  sing N N 125 
GLY C   O    doub N N 126 
GLY C   OXT  sing N N 127 
GLY OXT HXT  sing N N 128 
HIS N   CA   sing N N 129 
HIS N   H    sing N N 130 
HIS N   H2   sing N N 131 
HIS CA  C    sing N N 132 
HIS CA  CB   sing N N 133 
HIS CA  HA   sing N N 134 
HIS C   O    doub N N 135 
HIS C   OXT  sing N N 136 
HIS CB  CG   sing N N 137 
HIS CB  HB2  sing N N 138 
HIS CB  HB3  sing N N 139 
HIS CG  ND1  sing Y N 140 
HIS CG  CD2  doub Y N 141 
HIS ND1 CE1  doub Y N 142 
HIS ND1 HD1  sing N N 143 
HIS CD2 NE2  sing Y N 144 
HIS CD2 HD2  sing N N 145 
HIS CE1 NE2  sing Y N 146 
HIS CE1 HE1  sing N N 147 
HIS NE2 HE2  sing N N 148 
HIS OXT HXT  sing N N 149 
HOH O   H1   sing N N 150 
HOH O   H2   sing N N 151 
ILE N   CA   sing N N 152 
ILE N   H    sing N N 153 
ILE N   H2   sing N N 154 
ILE CA  C    sing N N 155 
ILE CA  CB   sing N N 156 
ILE CA  HA   sing N N 157 
ILE C   O    doub N N 158 
ILE C   OXT  sing N N 159 
ILE CB  CG1  sing N N 160 
ILE CB  CG2  sing N N 161 
ILE CB  HB   sing N N 162 
ILE CG1 CD1  sing N N 163 
ILE CG1 HG12 sing N N 164 
ILE CG1 HG13 sing N N 165 
ILE CG2 HG21 sing N N 166 
ILE CG2 HG22 sing N N 167 
ILE CG2 HG23 sing N N 168 
ILE CD1 HD11 sing N N 169 
ILE CD1 HD12 sing N N 170 
ILE CD1 HD13 sing N N 171 
ILE OXT HXT  sing N N 172 
LEU N   CA   sing N N 173 
LEU N   H    sing N N 174 
LEU N   H2   sing N N 175 
LEU CA  C    sing N N 176 
LEU CA  CB   sing N N 177 
LEU CA  HA   sing N N 178 
LEU C   O    doub N N 179 
LEU C   OXT  sing N N 180 
LEU CB  CG   sing N N 181 
LEU CB  HB2  sing N N 182 
LEU CB  HB3  sing N N 183 
LEU CG  CD1  sing N N 184 
LEU CG  CD2  sing N N 185 
LEU CG  HG   sing N N 186 
LEU CD1 HD11 sing N N 187 
LEU CD1 HD12 sing N N 188 
LEU CD1 HD13 sing N N 189 
LEU CD2 HD21 sing N N 190 
LEU CD2 HD22 sing N N 191 
LEU CD2 HD23 sing N N 192 
LEU OXT HXT  sing N N 193 
LYS N   CA   sing N N 194 
LYS N   H    sing N N 195 
LYS N   H2   sing N N 196 
LYS CA  C    sing N N 197 
LYS CA  CB   sing N N 198 
LYS CA  HA   sing N N 199 
LYS C   O    doub N N 200 
LYS C   OXT  sing N N 201 
LYS CB  CG   sing N N 202 
LYS CB  HB2  sing N N 203 
LYS CB  HB3  sing N N 204 
LYS CG  CD   sing N N 205 
LYS CG  HG2  sing N N 206 
LYS CG  HG3  sing N N 207 
LYS CD  CE   sing N N 208 
LYS CD  HD2  sing N N 209 
LYS CD  HD3  sing N N 210 
LYS CE  NZ   sing N N 211 
LYS CE  HE2  sing N N 212 
LYS CE  HE3  sing N N 213 
LYS NZ  HZ1  sing N N 214 
LYS NZ  HZ2  sing N N 215 
LYS NZ  HZ3  sing N N 216 
LYS OXT HXT  sing N N 217 
MSE N   CA   sing N N 218 
MSE N   H    sing N N 219 
MSE N   H2   sing N N 220 
MSE CA  C    sing N N 221 
MSE CA  CB   sing N N 222 
MSE CA  HA   sing N N 223 
MSE C   O    doub N N 224 
MSE C   OXT  sing N N 225 
MSE OXT HXT  sing N N 226 
MSE CB  CG   sing N N 227 
MSE CB  HB2  sing N N 228 
MSE CB  HB3  sing N N 229 
MSE CG  SE   sing N N 230 
MSE CG  HG2  sing N N 231 
MSE CG  HG3  sing N N 232 
MSE SE  CE   sing N N 233 
MSE CE  HE1  sing N N 234 
MSE CE  HE2  sing N N 235 
MSE CE  HE3  sing N N 236 
PGE C1  O1   sing N N 237 
PGE C1  C2   sing N N 238 
PGE C1  H1   sing N N 239 
PGE C1  H12  sing N N 240 
PGE O1  HO1  sing N N 241 
PGE C2  O2   sing N N 242 
PGE C2  H2   sing N N 243 
PGE C2  H22  sing N N 244 
PGE O2  C3   sing N N 245 
PGE C3  C4   sing N N 246 
PGE C3  H3   sing N N 247 
PGE C3  H32  sing N N 248 
PGE C4  O3   sing N N 249 
PGE C4  H4   sing N N 250 
PGE C4  H42  sing N N 251 
PGE O4  C6   sing N N 252 
PGE O4  HO4  sing N N 253 
PGE C6  C5   sing N N 254 
PGE C6  H6   sing N N 255 
PGE C6  H62  sing N N 256 
PGE C5  O3   sing N N 257 
PGE C5  H5   sing N N 258 
PGE C5  H52  sing N N 259 
PHE N   CA   sing N N 260 
PHE N   H    sing N N 261 
PHE N   H2   sing N N 262 
PHE CA  C    sing N N 263 
PHE CA  CB   sing N N 264 
PHE CA  HA   sing N N 265 
PHE C   O    doub N N 266 
PHE C   OXT  sing N N 267 
PHE CB  CG   sing N N 268 
PHE CB  HB2  sing N N 269 
PHE CB  HB3  sing N N 270 
PHE CG  CD1  doub Y N 271 
PHE CG  CD2  sing Y N 272 
PHE CD1 CE1  sing Y N 273 
PHE CD1 HD1  sing N N 274 
PHE CD2 CE2  doub Y N 275 
PHE CD2 HD2  sing N N 276 
PHE CE1 CZ   doub Y N 277 
PHE CE1 HE1  sing N N 278 
PHE CE2 CZ   sing Y N 279 
PHE CE2 HE2  sing N N 280 
PHE CZ  HZ   sing N N 281 
PHE OXT HXT  sing N N 282 
PRO N   CA   sing N N 283 
PRO N   CD   sing N N 284 
PRO N   H    sing N N 285 
PRO CA  C    sing N N 286 
PRO CA  CB   sing N N 287 
PRO CA  HA   sing N N 288 
PRO C   O    doub N N 289 
PRO C   OXT  sing N N 290 
PRO CB  CG   sing N N 291 
PRO CB  HB2  sing N N 292 
PRO CB  HB3  sing N N 293 
PRO CG  CD   sing N N 294 
PRO CG  HG2  sing N N 295 
PRO CG  HG3  sing N N 296 
PRO CD  HD2  sing N N 297 
PRO CD  HD3  sing N N 298 
PRO OXT HXT  sing N N 299 
SER N   CA   sing N N 300 
SER N   H    sing N N 301 
SER N   H2   sing N N 302 
SER CA  C    sing N N 303 
SER CA  CB   sing N N 304 
SER CA  HA   sing N N 305 
SER C   O    doub N N 306 
SER C   OXT  sing N N 307 
SER CB  OG   sing N N 308 
SER CB  HB2  sing N N 309 
SER CB  HB3  sing N N 310 
SER OG  HG   sing N N 311 
SER OXT HXT  sing N N 312 
THR N   CA   sing N N 313 
THR N   H    sing N N 314 
THR N   H2   sing N N 315 
THR CA  C    sing N N 316 
THR CA  CB   sing N N 317 
THR CA  HA   sing N N 318 
THR C   O    doub N N 319 
THR C   OXT  sing N N 320 
THR CB  OG1  sing N N 321 
THR CB  CG2  sing N N 322 
THR CB  HB   sing N N 323 
THR OG1 HG1  sing N N 324 
THR CG2 HG21 sing N N 325 
THR CG2 HG22 sing N N 326 
THR CG2 HG23 sing N N 327 
THR OXT HXT  sing N N 328 
TRP N   CA   sing N N 329 
TRP N   H    sing N N 330 
TRP N   H2   sing N N 331 
TRP CA  C    sing N N 332 
TRP CA  CB   sing N N 333 
TRP CA  HA   sing N N 334 
TRP C   O    doub N N 335 
TRP C   OXT  sing N N 336 
TRP CB  CG   sing N N 337 
TRP CB  HB2  sing N N 338 
TRP CB  HB3  sing N N 339 
TRP CG  CD1  doub Y N 340 
TRP CG  CD2  sing Y N 341 
TRP CD1 NE1  sing Y N 342 
TRP CD1 HD1  sing N N 343 
TRP CD2 CE2  doub Y N 344 
TRP CD2 CE3  sing Y N 345 
TRP NE1 CE2  sing Y N 346 
TRP NE1 HE1  sing N N 347 
TRP CE2 CZ2  sing Y N 348 
TRP CE3 CZ3  doub Y N 349 
TRP CE3 HE3  sing N N 350 
TRP CZ2 CH2  doub Y N 351 
TRP CZ2 HZ2  sing N N 352 
TRP CZ3 CH2  sing Y N 353 
TRP CZ3 HZ3  sing N N 354 
TRP CH2 HH2  sing N N 355 
TRP OXT HXT  sing N N 356 
TRS C   C1   sing N N 357 
TRS C   C2   sing N N 358 
TRS C   C3   sing N N 359 
TRS C   N    sing N N 360 
TRS C1  O1   sing N N 361 
TRS C1  H11  sing N N 362 
TRS C1  H12  sing N N 363 
TRS C2  O2   sing N N 364 
TRS C2  H21  sing N N 365 
TRS C2  H22  sing N N 366 
TRS C3  O3   sing N N 367 
TRS C3  H31  sing N N 368 
TRS C3  H32  sing N N 369 
TRS N   HN1  sing N N 370 
TRS N   HN2  sing N N 371 
TRS N   HN3  sing N N 372 
TRS O1  HO1  sing N N 373 
TRS O2  HO2  sing N N 374 
TRS O3  HO3  sing N N 375 
TYR N   CA   sing N N 376 
TYR N   H    sing N N 377 
TYR N   H2   sing N N 378 
TYR CA  C    sing N N 379 
TYR CA  CB   sing N N 380 
TYR CA  HA   sing N N 381 
TYR C   O    doub N N 382 
TYR C   OXT  sing N N 383 
TYR CB  CG   sing N N 384 
TYR CB  HB2  sing N N 385 
TYR CB  HB3  sing N N 386 
TYR CG  CD1  doub Y N 387 
TYR CG  CD2  sing Y N 388 
TYR CD1 CE1  sing Y N 389 
TYR CD1 HD1  sing N N 390 
TYR CD2 CE2  doub Y N 391 
TYR CD2 HD2  sing N N 392 
TYR CE1 CZ   doub Y N 393 
TYR CE1 HE1  sing N N 394 
TYR CE2 CZ   sing Y N 395 
TYR CE2 HE2  sing N N 396 
TYR CZ  OH   sing N N 397 
TYR OH  HH   sing N N 398 
TYR OXT HXT  sing N N 399 
VAL N   CA   sing N N 400 
VAL N   H    sing N N 401 
VAL N   H2   sing N N 402 
VAL CA  C    sing N N 403 
VAL CA  CB   sing N N 404 
VAL CA  HA   sing N N 405 
VAL C   O    doub N N 406 
VAL C   OXT  sing N N 407 
VAL CB  CG1  sing N N 408 
VAL CB  CG2  sing N N 409 
VAL CB  HB   sing N N 410 
VAL CG1 HG11 sing N N 411 
VAL CG1 HG12 sing N N 412 
VAL CG1 HG13 sing N N 413 
VAL CG2 HG21 sing N N 414 
VAL CG2 HG22 sing N N 415 
VAL CG2 HG23 sing N N 416 
VAL OXT HXT  sing N N 417 
# 
_atom_sites.entry_id                    3F14 
_atom_sites.fract_transf_matrix[1][1]   -0.01679352 
_atom_sites.fract_transf_matrix[1][2]   -0.01045334 
_atom_sites.fract_transf_matrix[1][3]   -0.00316442 
_atom_sites.fract_transf_matrix[2][1]   -0.01760232 
_atom_sites.fract_transf_matrix[2][2]   0.00947618 
_atom_sites.fract_transf_matrix[2][3]   -0.00129674 
_atom_sites.fract_transf_matrix[3][1]   0.00210949 
_atom_sites.fract_transf_matrix[3][2]   0.00164355 
_atom_sites.fract_transf_matrix[3][3]   -0.01662429 
_atom_sites.fract_transf_vector[1]      0.988068 
_atom_sites.fract_transf_vector[2]      0.376647 
_atom_sites.fract_transf_vector[3]      0.135131 
# 
loop_
_atom_type.symbol 
C  
N  
O  
S  
SE 
# 
loop_
_atom_site.group_PDB 
_atom_site.id 
_atom_site.type_symbol 
_atom_site.label_atom_id 
_atom_site.label_alt_id 
_atom_site.label_comp_id 
_atom_site.label_asym_id 
_atom_site.label_entity_id 
_atom_site.label_seq_id 
_atom_site.pdbx_PDB_ins_code 
_atom_site.Cartn_x 
_atom_site.Cartn_y 
_atom_site.Cartn_z 
_atom_site.occupancy 
_atom_site.B_iso_or_equiv 
_atom_site.pdbx_formal_charge 
_atom_site.auth_seq_id 
_atom_site.auth_comp_id 
_atom_site.auth_asym_id 
_atom_site.auth_atom_id 
_atom_site.pdbx_PDB_model_num 
ATOM   1    N  N   . GLY A 1 1   ? 8.065   -19.469 1.995   1.00 33.03 ? 0   GLY A N   1 
ATOM   2    C  CA  . GLY A 1 1   ? 9.336   -18.802 1.610   1.00 30.81 ? 0   GLY A CA  1 
ATOM   3    C  C   . GLY A 1 1   ? 9.171   -17.301 1.420   1.00 31.46 ? 0   GLY A C   1 
ATOM   4    O  O   . GLY A 1 1   ? 8.103   -16.723 1.709   1.00 28.46 ? 0   GLY A O   1 
HETATM 5    N  N   . MSE A 1 2   ? 10.227  -16.674 0.912   1.00 29.36 ? 1   MSE A N   1 
HETATM 6    C  CA  . MSE A 1 2   ? 10.253  -15.225 0.751   1.00 30.86 ? 1   MSE A CA  1 
HETATM 7    C  C   . MSE A 1 2   ? 9.099   -14.728 -0.124  1.00 30.52 ? 1   MSE A C   1 
HETATM 8    O  O   . MSE A 1 2   ? 8.414   -13.752 0.219   1.00 27.42 ? 1   MSE A O   1 
HETATM 9    C  CB  . MSE A 1 2   ? 11.591  -14.798 0.142   1.00 32.36 ? 1   MSE A CB  1 
HETATM 10   C  CG  . MSE A 1 2   ? 11.880  -13.305 0.222   1.00 39.92 ? 1   MSE A CG  1 
HETATM 11   SE SE  . MSE A 1 2   ? 12.430  -12.712 2.023   0.75 68.03 ? 1   MSE A SE  1 
HETATM 12   C  CE  . MSE A 1 2   ? 10.793  -12.742 2.909   1.00 15.30 ? 1   MSE A CE  1 
ATOM   13   N  N   . GLU A 1 3   ? 8.855   -15.428 -1.230  1.00 29.85 ? 2   GLU A N   1 
ATOM   14   C  CA  . GLU A 1 3   ? 7.800   -15.043 -2.151  1.00 28.35 ? 2   GLU A CA  1 
ATOM   15   C  C   . GLU A 1 3   ? 6.451   -14.931 -1.441  1.00 29.23 ? 2   GLU A C   1 
ATOM   16   O  O   . GLU A 1 3   ? 5.723   -13.954 -1.636  1.00 21.35 ? 2   GLU A O   1 
ATOM   17   C  CB  . GLU A 1 3   ? 7.708   -16.027 -3.328  1.00 29.80 ? 2   GLU A CB  1 
ATOM   18   N  N   . THR A 1 4   ? 6.121   -15.904 -0.595  1.00 24.37 ? 3   THR A N   1 
ATOM   19   C  CA  . THR A 1 4   ? 4.808   -15.886 0.089   1.00 25.52 ? 3   THR A CA  1 
ATOM   20   C  C   . THR A 1 4   ? 4.727   -14.767 1.165   1.00 25.36 ? 3   THR A C   1 
ATOM   21   O  O   . THR A 1 4   ? 3.661   -14.177 1.408   1.00 24.98 ? 3   THR A O   1 
ATOM   22   C  CB  . THR A 1 4   ? 4.498   -17.249 0.703   1.00 27.06 ? 3   THR A CB  1 
ATOM   23   O  OG1 . THR A 1 4   ? 5.479   -17.541 1.694   1.00 34.26 ? 3   THR A OG1 1 
ATOM   24   C  CG2 . THR A 1 4   ? 4.538   -18.331 -0.373  1.00 25.87 ? 3   THR A CG2 1 
ATOM   25   N  N   . THR A 1 5   ? 5.856   -14.480 1.786   1.00 23.16 ? 4   THR A N   1 
ATOM   26   C  CA  . THR A 1 5   ? 5.904   -13.444 2.804   1.00 24.52 ? 4   THR A CA  1 
ATOM   27   C  C   . THR A 1 5   ? 5.709   -12.076 2.136   1.00 22.58 ? 4   THR A C   1 
ATOM   28   O  O   . THR A 1 5   ? 4.849   -11.283 2.568   1.00 19.20 ? 4   THR A O   1 
ATOM   29   C  CB  . THR A 1 5   ? 7.221   -13.491 3.587   1.00 28.44 ? 4   THR A CB  1 
ATOM   30   O  OG1 . THR A 1 5   ? 8.312   -13.262 2.695   1.00 43.72 ? 4   THR A OG1 1 
ATOM   31   C  CG2 . THR A 1 5   ? 7.394   -14.844 4.213   1.00 22.67 ? 4   THR A CG2 1 
ATOM   32   N  N   . HIS A 1 6   ? 6.488   -11.801 1.090   1.00 22.04 ? 5   HIS A N   1 
ATOM   33   C  CA  . HIS A 1 6   ? 6.274   -10.575 0.291   1.00 20.43 ? 5   HIS A CA  1 
ATOM   34   C  C   . HIS A 1 6   ? 4.821   -10.421 -0.162  1.00 20.64 ? 5   HIS A C   1 
ATOM   35   O  O   . HIS A 1 6   ? 4.237   -9.337  -0.055  1.00 18.93 ? 5   HIS A O   1 
ATOM   36   C  CB  . HIS A 1 6   ? 7.141   -10.561 -0.970  1.00 20.46 ? 5   HIS A CB  1 
ATOM   37   C  CG  . HIS A 1 6   ? 8.610   -10.397 -0.724  1.00 20.86 ? 5   HIS A CG  1 
ATOM   38   N  ND1 . HIS A 1 6   ? 9.552   -10.543 -1.727  1.00 21.81 ? 5   HIS A ND1 1 
ATOM   39   C  CD2 . HIS A 1 6   ? 9.301   -10.106 0.401   1.00 18.54 ? 5   HIS A CD2 1 
ATOM   40   C  CE1 . HIS A 1 6   ? 10.758  -10.322 -1.228  1.00 19.73 ? 5   HIS A CE1 1 
ATOM   41   N  NE2 . HIS A 1 6   ? 10.632  -10.055 0.059   1.00 19.92 ? 5   HIS A NE2 1 
ATOM   42   N  N   A TYR A 1 7   ? 4.254   -11.492 -0.700  0.50 18.45 ? 6   TYR A N   1 
ATOM   43   N  N   B TYR A 1 7   ? 4.244   -11.481 -0.712  0.50 18.59 ? 6   TYR A N   1 
ATOM   44   C  CA  A TYR A 1 7   ? 2.867   -11.501 -1.163  0.50 19.41 ? 6   TYR A CA  1 
ATOM   45   C  CA  B TYR A 1 7   ? 2.849   -11.450 -1.163  0.50 19.21 ? 6   TYR A CA  1 
ATOM   46   C  C   A TYR A 1 7   ? 1.925   -11.059 -0.048  0.50 19.06 ? 6   TYR A C   1 
ATOM   47   C  C   B TYR A 1 7   ? 1.931   -11.022 -0.028  0.50 18.83 ? 6   TYR A C   1 
ATOM   48   O  O   A TYR A 1 7   ? 1.058   -10.230 -0.249  0.50 18.38 ? 6   TYR A O   1 
ATOM   49   O  O   B TYR A 1 7   ? 1.093   -10.153 -0.189  0.50 18.39 ? 6   TYR A O   1 
ATOM   50   C  CB  A TYR A 1 7   ? 2.495   -12.904 -1.657  0.50 21.50 ? 6   TYR A CB  1 
ATOM   51   C  CB  B TYR A 1 7   ? 2.435   -12.821 -1.711  0.50 20.97 ? 6   TYR A CB  1 
ATOM   52   C  CG  A TYR A 1 7   ? 1.194   -13.025 -2.406  0.50 21.62 ? 6   TYR A CG  1 
ATOM   53   C  CG  B TYR A 1 7   ? 0.986   -12.964 -2.114  0.50 20.05 ? 6   TYR A CG  1 
ATOM   54   C  CD1 A TYR A 1 7   ? -0.020  -13.183 -1.735  0.50 22.56 ? 6   TYR A CD1 1 
ATOM   55   C  CD1 B TYR A 1 7   ? 0.034   -13.484 -1.234  0.50 19.89 ? 6   TYR A CD1 1 
ATOM   56   C  CD2 A TYR A 1 7   ? 1.177   -13.020 -3.801  0.50 22.31 ? 6   TYR A CD2 1 
ATOM   57   C  CD2 B TYR A 1 7   ? 0.570   -12.618 -3.399  0.50 23.74 ? 6   TYR A CD2 1 
ATOM   58   C  CE1 A TYR A 1 7   ? -1.221  -13.308 -2.443  0.50 24.51 ? 6   TYR A CE1 1 
ATOM   59   C  CE1 B TYR A 1 7   ? -1.292  -13.626 -1.615  0.50 24.57 ? 6   TYR A CE1 1 
ATOM   60   C  CE2 A TYR A 1 7   ? -0.003  -13.154 -4.512  0.50 21.09 ? 6   TYR A CE2 1 
ATOM   61   C  CE2 B TYR A 1 7   ? -0.764  -12.764 -3.796  0.50 26.22 ? 6   TYR A CE2 1 
ATOM   62   C  CZ  A TYR A 1 7   ? -1.202  -13.292 -3.833  0.50 20.07 ? 6   TYR A CZ  1 
ATOM   63   C  CZ  B TYR A 1 7   ? -1.691  -13.266 -2.900  0.50 21.19 ? 6   TYR A CZ  1 
ATOM   64   O  OH  A TYR A 1 7   ? -2.366  -13.421 -4.550  0.50 23.24 ? 6   TYR A OH  1 
ATOM   65   O  OH  B TYR A 1 7   ? -3.005  -13.414 -3.302  0.50 24.68 ? 6   TYR A OH  1 
ATOM   66   N  N   . SER A 1 8   ? 2.091   -11.636 1.135   1.00 19.46 ? 7   SER A N   1 
ATOM   67   C  CA  . SER A 1 8   ? 1.235   -11.300 2.270   1.00 18.29 ? 7   SER A CA  1 
ATOM   68   C  C   . SER A 1 8   ? 1.366   -9.835  2.727   1.00 17.09 ? 7   SER A C   1 
ATOM   69   O  O   . SER A 1 8   ? 0.380   -9.149  3.008   1.00 18.17 ? 7   SER A O   1 
ATOM   70   C  CB  . SER A 1 8   ? 1.575   -12.226 3.440   1.00 20.38 ? 7   SER A CB  1 
ATOM   71   O  OG  . SER A 1 8   ? 0.638   -11.996 4.461   1.00 28.15 ? 7   SER A OG  1 
ATOM   72   N  N   . ILE A 1 9   ? 2.597   -9.385  2.807   1.00 17.22 ? 8   ILE A N   1 
ATOM   73   C  CA  . ILE A 1 9   ? 2.892   -8.010  3.219   1.00 21.11 ? 8   ILE A CA  1 
ATOM   74   C  C   . ILE A 1 9   ? 2.203   -7.043  2.275   1.00 17.60 ? 8   ILE A C   1 
ATOM   75   O  O   . ILE A 1 9   ? 1.493   -6.135  2.712   1.00 17.89 ? 8   ILE A O   1 
ATOM   76   C  CB  . ILE A 1 9   ? 4.397   -7.718  3.189   1.00 20.18 ? 8   ILE A CB  1 
ATOM   77   C  CG1 . ILE A 1 9   ? 5.128   -8.471  4.299   1.00 25.97 ? 8   ILE A CG1 1 
ATOM   78   C  CG2 . ILE A 1 9   ? 4.656   -6.212  3.366   1.00 21.68 ? 8   ILE A CG2 1 
ATOM   79   C  CD1 . ILE A 1 9   ? 6.614   -8.529  4.089   1.00 24.10 ? 8   ILE A CD1 1 
ATOM   80   N  N   . ALA A 1 10  ? 2.390   -7.252  0.982   1.00 17.20 ? 9   ALA A N   1 
ATOM   81   C  CA  . ALA A 1 10  ? 1.827   -6.373  -0.050  1.00 19.17 ? 9   ALA A CA  1 
ATOM   82   C  C   . ALA A 1 10  ? 0.325   -6.415  -0.010  1.00 17.83 ? 9   ALA A C   1 
ATOM   83   O  O   . ALA A 1 10  ? -0.344  -5.387  -0.141  1.00 18.27 ? 9   ALA A O   1 
ATOM   84   C  CB  . ALA A 1 10  ? 2.354   -6.768  -1.456  1.00 20.35 ? 9   ALA A CB  1 
ATOM   85   N  N   . GLN A 1 11  ? -0.265  -7.602  0.106   1.00 16.58 ? 10  GLN A N   1 
ATOM   86   C  CA  . GLN A 1 11  ? -1.710  -7.708  0.212   1.00 17.70 ? 10  GLN A CA  1 
ATOM   87   C  C   . GLN A 1 11  ? -2.267  -6.902  1.370   1.00 17.50 ? 10  GLN A C   1 
ATOM   88   O  O   . GLN A 1 11  ? -3.241  -6.176  1.197   1.00 17.93 ? 10  GLN A O   1 
ATOM   89   C  CB  . GLN A 1 11  ? -2.134  -9.156  0.378   1.00 19.04 ? 10  GLN A CB  1 
ATOM   90   C  CG  . GLN A 1 11  ? -1.974  -10.019 -0.870  1.00 18.35 ? 10  GLN A CG  1 
ATOM   91   C  CD  . GLN A 1 11  ? -3.034  -9.748  -1.926  1.00 26.47 ? 10  GLN A CD  1 
ATOM   92   O  OE1 . GLN A 1 11  ? -4.128  -9.274  -1.612  1.00 22.25 ? 10  GLN A OE1 1 
ATOM   93   N  NE2 . GLN A 1 11  ? -2.723  -10.089 -3.191  1.00 26.77 ? 10  GLN A NE2 1 
ATOM   94   N  N   . HIS A 1 12  ? -1.642  -7.013  2.542   1.00 16.41 ? 11  HIS A N   1 
ATOM   95   C  CA  . HIS A 1 12  ? -2.097  -6.258  3.705   1.00 17.26 ? 11  HIS A CA  1 
ATOM   96   C  C   . HIS A 1 12  ? -1.973  -4.768  3.511   1.00 16.63 ? 11  HIS A C   1 
ATOM   97   O  O   . HIS A 1 12  ? -2.921  -4.032  3.730   1.00 17.21 ? 11  HIS A O   1 
ATOM   98   C  CB  . HIS A 1 12  ? -1.308  -6.651  4.949   1.00 17.38 ? 11  HIS A CB  1 
ATOM   99   C  CG  . HIS A 1 12  ? -1.792  -7.906  5.596   1.00 21.68 ? 11  HIS A CG  1 
ATOM   100  N  ND1 . HIS A 1 12  ? -1.194  -9.134  5.392   1.00 30.00 ? 11  HIS A ND1 1 
ATOM   101  C  CD2 . HIS A 1 12  ? -2.820  -8.112  6.451   1.00 23.24 ? 11  HIS A CD2 1 
ATOM   102  C  CE1 . HIS A 1 12  ? -1.826  -10.048 6.118   1.00 27.00 ? 11  HIS A CE1 1 
ATOM   103  N  NE2 . HIS A 1 12  ? -2.816  -9.454  6.768   1.00 25.63 ? 11  HIS A NE2 1 
ATOM   104  N  N   . PHE A 1 13  ? -0.824  -4.283  3.019   1.00 15.29 ? 12  PHE A N   1 
ATOM   105  C  CA  . PHE A 1 13  ? -0.683  -2.839  2.838   1.00 16.73 ? 12  PHE A CA  1 
ATOM   106  C  C   . PHE A 1 13  ? -1.672  -2.315  1.791   1.00 15.89 ? 12  PHE A C   1 
ATOM   107  O  O   . PHE A 1 13  ? -2.331  -1.310  2.022   1.00 16.18 ? 12  PHE A O   1 
ATOM   108  C  CB  . PHE A 1 13  ? 0.771   -2.462  2.451   1.00 15.62 ? 12  PHE A CB  1 
ATOM   109  C  CG  . PHE A 1 13  ? 1.028   -0.954  2.483   1.00 14.23 ? 12  PHE A CG  1 
ATOM   110  C  CD1 . PHE A 1 13  ? 0.695   -0.131  1.434   1.00 15.52 ? 12  PHE A CD1 1 
ATOM   111  C  CD2 . PHE A 1 13  ? 1.608   -0.382  3.628   1.00 14.06 ? 12  PHE A CD2 1 
ATOM   112  C  CE1 . PHE A 1 13  ? 0.882   1.233   1.510   1.00 16.08 ? 12  PHE A CE1 1 
ATOM   113  C  CE2 . PHE A 1 13  ? 1.832   0.963   3.699   1.00 16.52 ? 12  PHE A CE2 1 
ATOM   114  C  CZ  . PHE A 1 13  ? 1.443   1.792   2.659   1.00 16.65 ? 12  PHE A CZ  1 
ATOM   115  N  N   . SER A 1 14  ? -1.797  -3.013  0.653   1.00 15.10 ? 13  SER A N   1 
ATOM   116  C  CA  . SER A 1 14  ? -2.640  -2.515  -0.427  1.00 15.50 ? 13  SER A CA  1 
ATOM   117  C  C   . SER A 1 14  ? -4.120  -2.458  -0.033  1.00 16.60 ? 13  SER A C   1 
ATOM   118  O  O   . SER A 1 14  ? -4.865  -1.629  -0.507  1.00 15.92 ? 13  SER A O   1 
ATOM   119  C  CB  . SER A 1 14  ? -2.452  -3.346  -1.708  1.00 17.59 ? 13  SER A CB  1 
ATOM   120  O  OG  . SER A 1 14  ? -1.249  -2.928  -2.404  1.00 16.98 ? 13  SER A OG  1 
ATOM   121  N  N   . SER A 1 15  ? -4.534  -3.384  0.824   1.00 16.99 ? 14  SER A N   1 
ATOM   122  C  CA  . SER A 1 15  ? -5.914  -3.449  1.276   1.00 17.38 ? 14  SER A CA  1 
ATOM   123  C  C   . SER A 1 15  ? -6.167  -2.487  2.463   1.00 17.64 ? 14  SER A C   1 
ATOM   124  O  O   . SER A 1 15  ? -7.302  -2.421  2.977   1.00 18.67 ? 14  SER A O   1 
ATOM   125  C  CB  . SER A 1 15  ? -6.328  -4.917  1.592   1.00 18.16 ? 14  SER A CB  1 
ATOM   126  O  OG  . SER A 1 15  ? -5.571  -5.391  2.640   1.00 21.73 ? 14  SER A OG  1 
ATOM   127  N  N   . GLY A 1 16  ? -5.177  -1.676  2.848   1.00 16.99 ? 15  GLY A N   1 
ATOM   128  C  CA  . GLY A 1 16  ? -5.329  -0.669  3.897   1.00 17.20 ? 15  GLY A CA  1 
ATOM   129  C  C   . GLY A 1 16  ? -5.040  -1.089  5.300   1.00 15.56 ? 15  GLY A C   1 
ATOM   130  O  O   . GLY A 1 16  ? -5.208  -0.273  6.200   1.00 19.27 ? 15  GLY A O   1 
ATOM   131  N  N   . ASP A 1 17  ? -4.620  -2.323  5.495   1.00 15.53 ? 16  ASP A N   1 
ATOM   132  C  CA  . ASP A 1 17  ? -4.325  -2.856  6.802   1.00 15.72 ? 16  ASP A CA  1 
ATOM   133  C  C   . ASP A 1 17  ? -2.868  -2.574  7.117   1.00 18.88 ? 16  ASP A C   1 
ATOM   134  O  O   . ASP A 1 17  ? -2.062  -3.476  7.326   1.00 18.41 ? 16  ASP A O   1 
ATOM   135  C  CB  . ASP A 1 17  ? -4.619  -4.361  6.892   1.00 17.69 ? 16  ASP A CB  1 
ATOM   136  C  CG  . ASP A 1 17  ? -4.584  -4.898  8.333   1.00 20.84 ? 16  ASP A CG  1 
ATOM   137  O  OD1 . ASP A 1 17  ? -4.393  -4.100  9.279   1.00 26.58 ? 16  ASP A OD1 1 
ATOM   138  O  OD2 . ASP A 1 17  ? -4.679  -6.152  8.473   1.00 25.01 ? 16  ASP A OD2 1 
ATOM   139  N  N   . PHE A 1 18  ? -2.546  -1.291  7.188   1.00 18.23 ? 17  PHE A N   1 
ATOM   140  C  CA  . PHE A 1 18  ? -1.157  -0.883  7.372   1.00 17.51 ? 17  PHE A CA  1 
ATOM   141  C  C   . PHE A 1 18  ? -0.523  -1.429  8.670   1.00 18.84 ? 17  PHE A C   1 
ATOM   142  O  O   . PHE A 1 18  ? 0.630   -1.892  8.633   1.00 18.83 ? 17  PHE A O   1 
ATOM   143  C  CB  . PHE A 1 18  ? -1.019  0.630   7.371   1.00 18.36 ? 17  PHE A CB  1 
ATOM   144  C  CG  . PHE A 1 18  ? -1.732  1.338   6.231   1.00 15.69 ? 17  PHE A CG  1 
ATOM   145  C  CD1 . PHE A 1 18  ? -1.547  1.014   4.909   1.00 17.94 ? 17  PHE A CD1 1 
ATOM   146  C  CD2 . PHE A 1 18  ? -2.505  2.447   6.511   1.00 15.73 ? 17  PHE A CD2 1 
ATOM   147  C  CE1 . PHE A 1 18  ? -2.157  1.745   3.915   1.00 17.10 ? 17  PHE A CE1 1 
ATOM   148  C  CE2 . PHE A 1 18  ? -3.115  3.176   5.505   1.00 17.52 ? 17  PHE A CE2 1 
ATOM   149  C  CZ  . PHE A 1 18  ? -2.922  2.823   4.202   1.00 16.20 ? 17  PHE A CZ  1 
ATOM   150  N  N   . PRO A 1 19  ? -1.249  -1.388  9.797   1.00 16.45 ? 18  PRO A N   1 
ATOM   151  C  CA  . PRO A 1 19  ? -0.630  -1.835  11.071  1.00 18.37 ? 18  PRO A CA  1 
ATOM   152  C  C   . PRO A 1 19  ? -0.104  -3.263  11.033  1.00 19.85 ? 18  PRO A C   1 
ATOM   153  O  O   . PRO A 1 19  ? 0.819   -3.566  11.764  1.00 19.90 ? 18  PRO A O   1 
ATOM   154  C  CB  . PRO A 1 19  ? -1.749  -1.648  12.092  1.00 19.11 ? 18  PRO A CB  1 
ATOM   155  C  CG  . PRO A 1 19  ? -2.603  -0.597  11.494  1.00 22.15 ? 18  PRO A CG  1 
ATOM   156  C  CD  . PRO A 1 19  ? -2.603  -0.857  10.038  1.00 19.79 ? 18  PRO A CD  1 
ATOM   157  N  N   . ALA A 1 20  ? -0.666  -4.129  10.203  1.00 19.58 ? 19  ALA A N   1 
ATOM   158  C  CA  . ALA A 1 20  ? -0.164  -5.509  10.076  1.00 19.88 ? 19  ALA A CA  1 
ATOM   159  C  C   . ALA A 1 20  ? 1.248   -5.581  9.525   1.00 22.04 ? 19  ALA A C   1 
ATOM   160  O  O   . ALA A 1 20  ? 1.905   -6.610  9.679   1.00 22.34 ? 19  ALA A O   1 
ATOM   161  C  CB  . ALA A 1 20  ? -1.122  -6.370  9.196   1.00 20.19 ? 19  ALA A CB  1 
ATOM   162  N  N   . VAL A 1 21  ? 1.737   -4.514  8.889   1.00 17.49 ? 20  VAL A N   1 
ATOM   163  C  CA  . VAL A 1 21  ? 3.054   -4.593  8.249   1.00 18.93 ? 20  VAL A CA  1 
ATOM   164  C  C   . VAL A 1 21  ? 4.046   -3.521  8.680   1.00 16.96 ? 20  VAL A C   1 
ATOM   165  O  O   . VAL A 1 21  ? 5.164   -3.469  8.151   1.00 18.14 ? 20  VAL A O   1 
ATOM   166  C  CB  . VAL A 1 21  ? 2.935   -4.651  6.689   1.00 20.93 ? 20  VAL A CB  1 
ATOM   167  C  CG1 . VAL A 1 21  ? 2.183   -5.904  6.274   1.00 22.25 ? 20  VAL A CG1 1 
ATOM   168  C  CG2 . VAL A 1 21  ? 2.232   -3.436  6.152   1.00 19.66 ? 20  VAL A CG2 1 
ATOM   169  N  N   . TYR A 1 22  ? 3.692   -2.681  9.654   1.00 18.63 ? 21  TYR A N   1 
ATOM   170  C  CA  . TYR A 1 22  ? 4.673   -1.693  10.145  1.00 18.82 ? 21  TYR A CA  1 
ATOM   171  C  C   . TYR A 1 22  ? 6.014   -2.318  10.566  1.00 20.19 ? 21  TYR A C   1 
ATOM   172  O  O   . TYR A 1 22  ? 7.075   -1.730  10.308  1.00 19.37 ? 21  TYR A O   1 
ATOM   173  C  CB  . TYR A 1 22  ? 4.117   -0.919  11.336  1.00 16.17 ? 21  TYR A CB  1 
ATOM   174  C  CG  . TYR A 1 22  ? 2.936   -0.024  11.055  1.00 19.36 ? 21  TYR A CG  1 
ATOM   175  C  CD1 . TYR A 1 22  ? 2.693   0.485   9.797   1.00 17.66 ? 21  TYR A CD1 1 
ATOM   176  C  CD2 . TYR A 1 22  ? 2.099   0.361   12.099  1.00 16.42 ? 21  TYR A CD2 1 
ATOM   177  C  CE1 . TYR A 1 22  ? 1.591   1.289   9.578   1.00 17.63 ? 21  TYR A CE1 1 
ATOM   178  C  CE2 . TYR A 1 22  ? 1.017   1.185   11.882  1.00 16.57 ? 21  TYR A CE2 1 
ATOM   179  C  CZ  . TYR A 1 22  ? 0.777   1.629   10.607  1.00 15.27 ? 21  TYR A CZ  1 
ATOM   180  O  OH  . TYR A 1 22  ? -0.294  2.436   10.372  1.00 18.17 ? 21  TYR A OH  1 
ATOM   181  N  N   . ALA A 1 23  ? 5.953   -3.485  11.196  1.00 20.99 ? 22  ALA A N   1 
ATOM   182  C  CA  . ALA A 1 23  ? 7.172   -4.219  11.605  1.00 19.05 ? 22  ALA A CA  1 
ATOM   183  C  C   . ALA A 1 23  ? 8.028   -4.682  10.410  1.00 19.99 ? 22  ALA A C   1 
ATOM   184  O  O   . ALA A 1 23  ? 9.177   -5.057  10.622  1.00 20.70 ? 22  ALA A O   1 
ATOM   185  C  CB  . ALA A 1 23  ? 6.797   -5.393  12.458  1.00 22.10 ? 22  ALA A CB  1 
ATOM   186  N  N   . CYS A 1 24  ? 7.481   -4.676  9.180   1.00 16.50 ? 23  CYS A N   1 
ATOM   187  C  CA  . CYS A 1 24  ? 8.207   -5.028  7.982   1.00 17.38 ? 23  CYS A CA  1 
ATOM   188  C  C   . CYS A 1 24  ? 8.790   -3.817  7.269   1.00 15.37 ? 23  CYS A C   1 
ATOM   189  O  O   . CYS A 1 24  ? 9.433   -3.989  6.247   1.00 19.07 ? 23  CYS A O   1 
ATOM   190  C  CB  . CYS A 1 24  ? 7.246   -5.713  6.993   1.00 20.60 ? 23  CYS A CB  1 
ATOM   191  S  SG  . CYS A 1 24  ? 6.370   -7.108  7.743   1.00 27.49 ? 23  CYS A SG  1 
ATOM   192  N  N   . PHE A 1 25  ? 8.555   -2.602  7.760   1.00 16.16 ? 24  PHE A N   1 
ATOM   193  C  CA  . PHE A 1 25  ? 9.097   -1.422  7.104   1.00 16.01 ? 24  PHE A CA  1 
ATOM   194  C  C   . PHE A 1 25  ? 10.580  -1.338  7.278   1.00 16.27 ? 24  PHE A C   1 
ATOM   195  O  O   . PHE A 1 25  ? 11.100  -1.500  8.400   1.00 16.49 ? 24  PHE A O   1 
ATOM   196  C  CB  . PHE A 1 25  ? 8.517   -0.138  7.690   1.00 17.23 ? 24  PHE A CB  1 
ATOM   197  C  CG  . PHE A 1 25  ? 7.057   0.184   7.298   1.00 17.23 ? 24  PHE A CG  1 
ATOM   198  C  CD1 . PHE A 1 25  ? 6.242   -0.700  6.586   1.00 17.04 ? 24  PHE A CD1 1 
ATOM   199  C  CD2 . PHE A 1 25  ? 6.512   1.391   7.706   1.00 15.95 ? 24  PHE A CD2 1 
ATOM   200  C  CE1 . PHE A 1 25  ? 4.914   -0.323  6.233   1.00 17.47 ? 24  PHE A CE1 1 
ATOM   201  C  CE2 . PHE A 1 25  ? 5.206   1.753   7.385   1.00 17.80 ? 24  PHE A CE2 1 
ATOM   202  C  CZ  . PHE A 1 25  ? 4.420   0.895   6.645   1.00 16.58 ? 24  PHE A CZ  1 
ATOM   203  N  N   . ASN A 1 26  ? 11.294  -1.036  6.200   1.00 14.42 ? 25  ASN A N   1 
ATOM   204  C  CA  . ASN A 1 26  ? 12.711  -0.689  6.332   1.00 13.30 ? 25  ASN A CA  1 
ATOM   205  C  C   . ASN A 1 26  ? 12.850  0.611   7.132   1.00 14.16 ? 25  ASN A C   1 
ATOM   206  O  O   . ASN A 1 26  ? 12.026  1.512   7.037   1.00 13.20 ? 25  ASN A O   1 
ATOM   207  C  CB  . ASN A 1 26  ? 13.327  -0.577  4.945   1.00 14.10 ? 25  ASN A CB  1 
ATOM   208  C  CG  . ASN A 1 26  ? 14.839  -0.547  4.959   1.00 18.27 ? 25  ASN A CG  1 
ATOM   209  O  OD1 . ASN A 1 26  ? 15.448  0.506   5.126   1.00 17.43 ? 25  ASN A OD1 1 
ATOM   210  N  ND2 . ASN A 1 26  ? 15.450  -1.715  4.791   1.00 18.47 ? 25  ASN A ND2 1 
ATOM   211  N  N   . ASP A 1 27  ? 13.957  0.758   7.857   1.00 13.54 ? 26  ASP A N   1 
ATOM   212  C  CA  . ASP A 1 27  ? 14.225  1.991   8.610   1.00 14.22 ? 26  ASP A CA  1 
ATOM   213  C  C   . ASP A 1 27  ? 14.100  3.237   7.709   1.00 12.74 ? 26  ASP A C   1 
ATOM   214  O  O   . ASP A 1 27  ? 13.664  4.277   8.197   1.00 13.80 ? 26  ASP A O   1 
ATOM   215  C  CB  . ASP A 1 27  ? 15.611  1.939   9.253   1.00 13.02 ? 26  ASP A CB  1 
ATOM   216  C  CG  . ASP A 1 27  ? 15.650  1.028   10.452  1.00 15.38 ? 26  ASP A CG  1 
ATOM   217  O  OD1 . ASP A 1 27  ? 14.728  1.143   11.299  1.00 17.68 ? 26  ASP A OD1 1 
ATOM   218  O  OD2 . ASP A 1 27  ? 16.557  0.186   10.516  1.00 18.84 ? 26  ASP A OD2 1 
ATOM   219  N  N   . ILE A 1 28  ? 14.492  3.135   6.450   1.00 14.44 ? 27  ILE A N   1 
ATOM   220  C  CA  . ILE A 1 28  ? 14.436  4.296   5.540   1.00 15.91 ? 27  ILE A CA  1 
ATOM   221  C  C   . ILE A 1 28  ? 13.423  4.108   4.421   1.00 14.39 ? 27  ILE A C   1 
ATOM   222  O  O   . ILE A 1 28  ? 13.594  4.617   3.339   1.00 15.22 ? 27  ILE A O   1 
ATOM   223  C  CB  . ILE A 1 28  ? 15.840  4.719   5.030   1.00 17.75 ? 27  ILE A CB  1 
ATOM   224  C  CG1 . ILE A 1 28  ? 16.510  3.577   4.265   1.00 18.33 ? 27  ILE A CG1 1 
ATOM   225  C  CG2 . ILE A 1 28  ? 16.707  5.168   6.237   1.00 15.13 ? 27  ILE A CG2 1 
ATOM   226  C  CD1 . ILE A 1 28  ? 17.792  4.030   3.492   1.00 21.98 ? 27  ILE A CD1 1 
ATOM   227  N  N   . ILE A 1 29  ? 12.376  3.364   4.711   1.00 13.78 ? 28  ILE A N   1 
ATOM   228  C  CA  . ILE A 1 29  ? 11.262  3.211   3.782   1.00 13.61 ? 28  ILE A CA  1 
ATOM   229  C  C   . ILE A 1 29  ? 10.814  4.534   3.206   1.00 14.38 ? 28  ILE A C   1 
ATOM   230  O  O   . ILE A 1 29  ? 10.765  5.536   3.884   1.00 16.06 ? 28  ILE A O   1 
ATOM   231  C  CB  . ILE A 1 29  ? 10.087  2.493   4.466   1.00 13.38 ? 28  ILE A CB  1 
ATOM   232  C  CG1 . ILE A 1 29  ? 8.905   2.234   3.475   1.00 15.51 ? 28  ILE A CG1 1 
ATOM   233  C  CG2 . ILE A 1 29  ? 9.546   3.271   5.701   1.00 15.72 ? 28  ILE A CG2 1 
ATOM   234  C  CD1 . ILE A 1 29  ? 7.814   1.276   4.040   1.00 16.97 ? 28  ILE A CD1 1 
ATOM   235  N  N   . GLU A 1 30  ? 10.445  4.533   1.922   1.00 14.86 ? 29  GLU A N   1 
ATOM   236  C  CA  . GLU A 1 30  ? 9.799   5.693   1.335   1.00 15.21 ? 29  GLU A CA  1 
ATOM   237  C  C   . GLU A 1 30  ? 8.466   5.246   0.726   1.00 16.74 ? 29  GLU A C   1 
ATOM   238  O  O   . GLU A 1 30  ? 8.404   4.185   0.114   1.00 16.71 ? 29  GLU A O   1 
ATOM   239  C  CB  . GLU A 1 30  ? 10.660  6.303   0.223   1.00 17.10 ? 29  GLU A CB  1 
ATOM   240  C  CG  . GLU A 1 30  ? 11.968  6.769   0.750   1.00 17.02 ? 29  GLU A CG  1 
ATOM   241  C  CD  . GLU A 1 30  ? 12.800  7.581   -0.255  1.00 23.27 ? 29  GLU A CD  1 
ATOM   242  O  OE1 . GLU A 1 30  ? 12.296  7.873   -1.371  1.00 21.93 ? 29  GLU A OE1 1 
ATOM   243  O  OE2 . GLU A 1 30  ? 13.963  7.869   0.111   1.00 22.05 ? 29  GLU A OE2 1 
ATOM   244  N  N   . TRP A 1 31  ? 7.433   6.057   0.903   1.00 14.60 ? 30  TRP A N   1 
ATOM   245  C  CA  . TRP A 1 31  ? 6.150   5.893   0.233   1.00 16.19 ? 30  TRP A CA  1 
ATOM   246  C  C   . TRP A 1 31  ? 5.956   7.073   -0.680  1.00 15.08 ? 30  TRP A C   1 
ATOM   247  O  O   . TRP A 1 31  ? 5.749   8.185   -0.231  1.00 15.18 ? 30  TRP A O   1 
ATOM   248  C  CB  . TRP A 1 31  ? 4.999   5.773   1.217   1.00 15.90 ? 30  TRP A CB  1 
ATOM   249  C  CG  . TRP A 1 31  ? 3.657   5.384   0.587   1.00 15.53 ? 30  TRP A CG  1 
ATOM   250  C  CD1 . TRP A 1 31  ? 3.455   4.923   -0.656  1.00 15.61 ? 30  TRP A CD1 1 
ATOM   251  C  CD2 . TRP A 1 31  ? 2.374   5.329   1.239   1.00 13.29 ? 30  TRP A CD2 1 
ATOM   252  N  NE1 . TRP A 1 31  ? 2.129   4.626   -0.844  1.00 14.65 ? 30  TRP A NE1 1 
ATOM   253  C  CE2 . TRP A 1 31  ? 1.432   4.853   0.307   1.00 14.41 ? 30  TRP A CE2 1 
ATOM   254  C  CE3 . TRP A 1 31  ? 1.930   5.623   2.530   1.00 16.50 ? 30  TRP A CE3 1 
ATOM   255  C  CZ2 . TRP A 1 31  ? 0.068   4.705   0.617   1.00 14.96 ? 30  TRP A CZ2 1 
ATOM   256  C  CZ3 . TRP A 1 31  ? 0.569   5.496   2.832   1.00 15.78 ? 30  TRP A CZ3 1 
ATOM   257  C  CH2 . TRP A 1 31  ? -0.336  5.016   1.894   1.00 15.83 ? 30  TRP A CH2 1 
ATOM   258  N  N   . ASN A 1 32  ? 6.044   6.818   -1.996  1.00 14.82 ? 31  ASN A N   1 
ATOM   259  C  CA  . ASN A 1 32  ? 5.852   7.785   -3.058  1.00 14.82 ? 31  ASN A CA  1 
ATOM   260  C  C   . ASN A 1 32  ? 4.400   7.664   -3.542  1.00 16.69 ? 31  ASN A C   1 
ATOM   261  O  O   . ASN A 1 32  ? 4.074   6.747   -4.280  1.00 15.26 ? 31  ASN A O   1 
ATOM   262  C  CB  . ASN A 1 32  ? 6.831   7.542   -4.188  1.00 15.61 ? 31  ASN A CB  1 
ATOM   263  C  CG  . ASN A 1 32  ? 6.679   8.537   -5.312  1.00 18.17 ? 31  ASN A CG  1 
ATOM   264  O  OD1 . ASN A 1 32  ? 5.862   9.436   -5.246  1.00 18.87 ? 31  ASN A OD1 1 
ATOM   265  N  ND2 . ASN A 1 32  ? 7.470   8.364   -6.349  1.00 20.32 ? 31  ASN A ND2 1 
ATOM   266  N  N   . ILE A 1 33  ? 3.539   8.575   -3.129  1.00 14.95 ? 32  ILE A N   1 
ATOM   267  C  CA  . ILE A 1 33  ? 2.147   8.641   -3.573  1.00 14.91 ? 32  ILE A CA  1 
ATOM   268  C  C   . ILE A 1 33  ? 2.176   9.592   -4.780  1.00 15.22 ? 32  ILE A C   1 
ATOM   269  O  O   . ILE A 1 33  ? 2.271   10.811  -4.641  1.00 14.95 ? 32  ILE A O   1 
ATOM   270  C  CB  . ILE A 1 33  ? 1.190   9.099   -2.485  1.00 15.58 ? 32  ILE A CB  1 
ATOM   271  C  CG1 . ILE A 1 33  ? 1.316   8.135   -1.278  1.00 18.52 ? 32  ILE A CG1 1 
ATOM   272  C  CG2 . ILE A 1 33  ? -0.265  9.124   -3.059  1.00 17.07 ? 32  ILE A CG2 1 
ATOM   273  C  CD1 . ILE A 1 33  ? 0.467   8.585   -0.042  1.00 21.33 ? 32  ILE A CD1 1 
ATOM   274  N  N   . ILE A 1 34  ? 2.167   9.005   -5.982  1.00 14.41 ? 33  ILE A N   1 
ATOM   275  C  CA  . ILE A 1 34  ? 2.359   9.718   -7.229  1.00 14.76 ? 33  ILE A CA  1 
ATOM   276  C  C   . ILE A 1 34  ? 1.368   10.873  -7.380  1.00 14.10 ? 33  ILE A C   1 
ATOM   277  O  O   . ILE A 1 34  ? 0.171   10.721  -7.205  1.00 14.77 ? 33  ILE A O   1 
ATOM   278  C  CB  . ILE A 1 34  ? 2.192   8.727   -8.430  1.00 14.53 ? 33  ILE A CB  1 
ATOM   279  C  CG1 . ILE A 1 34  ? 3.282   7.639   -8.407  1.00 15.44 ? 33  ILE A CG1 1 
ATOM   280  C  CG2 . ILE A 1 34  ? 2.197   9.475   -9.763  1.00 16.28 ? 33  ILE A CG2 1 
ATOM   281  C  CD1 . ILE A 1 34  ? 4.670   8.084   -8.770  1.00 17.47 ? 33  ILE A CD1 1 
ATOM   282  N  N   . GLY A 1 35  ? 1.911   12.056  -7.705  1.00 15.22 ? 34  GLY A N   1 
ATOM   283  C  CA  . GLY A 1 35  ? 1.119   13.267  -7.842  1.00 16.27 ? 34  GLY A CA  1 
ATOM   284  C  C   . GLY A 1 35  ? 0.746   13.932  -6.531  1.00 19.15 ? 34  GLY A C   1 
ATOM   285  O  O   . GLY A 1 35  ? 0.093   14.960  -6.533  1.00 19.10 ? 34  GLY A O   1 
ATOM   286  N  N   A ASN A 1 36  ? 1.137   13.321  -5.417  0.48 16.46 ? 35  ASN A N   1 
ATOM   287  N  N   B ASN A 1 36  ? 1.204   13.384  -5.419  0.52 16.73 ? 35  ASN A N   1 
ATOM   288  C  CA  A ASN A 1 36  ? 0.806   13.821  -4.086  0.48 16.68 ? 35  ASN A CA  1 
ATOM   289  C  CA  B ASN A 1 36  ? 0.875   13.893  -4.099  0.52 16.57 ? 35  ASN A CA  1 
ATOM   290  C  C   A ASN A 1 36  ? 2.038   14.188  -3.244  0.48 17.04 ? 35  ASN A C   1 
ATOM   291  C  C   B ASN A 1 36  ? 2.202   14.221  -3.383  0.52 15.47 ? 35  ASN A C   1 
ATOM   292  O  O   A ASN A 1 36  ? 2.203   15.362  -2.910  0.48 17.68 ? 35  ASN A O   1 
ATOM   293  O  O   B ASN A 1 36  ? 2.691   15.380  -3.390  0.52 14.17 ? 35  ASN A O   1 
ATOM   294  C  CB  A ASN A 1 36  ? -0.099  12.807  -3.376  0.48 17.73 ? 35  ASN A CB  1 
ATOM   295  C  CB  B ASN A 1 36  ? -0.014  12.826  -3.414  0.52 18.43 ? 35  ASN A CB  1 
ATOM   296  C  CG  A ASN A 1 36  ? -0.378  13.178  -1.929  0.48 17.40 ? 35  ASN A CG  1 
ATOM   297  C  CG  B ASN A 1 36  ? -0.673  13.289  -2.105  0.52 21.73 ? 35  ASN A CG  1 
ATOM   298  O  OD1 A ASN A 1 36  ? 0.242   14.081  -1.386  0.48 16.22 ? 35  ASN A OD1 1 
ATOM   299  O  OD1 B ASN A 1 36  ? -0.373  12.764  -1.040  0.52 27.18 ? 35  ASN A OD1 1 
ATOM   300  N  ND2 A ASN A 1 36  ? -1.292  12.462  -1.302  0.48 19.49 ? 35  ASN A ND2 1 
ATOM   301  N  ND2 B ASN A 1 36  ? -1.600  14.233  -2.197  0.52 31.43 ? 35  ASN A ND2 1 
ATOM   302  N  N   . GLN A 1 37  ? 2.843   13.197  -2.847  1.00 16.15 ? 36  GLN A N   1 
ATOM   303  C  CA  . GLN A 1 37  ? 4.047   13.427  -2.057  1.00 15.70 ? 36  GLN A CA  1 
ATOM   304  C  C   . GLN A 1 37  ? 4.843   12.168  -1.829  1.00 16.51 ? 36  GLN A C   1 
ATOM   305  O  O   . GLN A 1 37  ? 4.322   11.087  -1.977  1.00 15.88 ? 36  GLN A O   1 
ATOM   306  C  CB  . GLN A 1 37  ? 3.671   13.962  -0.681  1.00 18.76 ? 36  GLN A CB  1 
ATOM   307  C  CG  . GLN A 1 37  ? 2.921   13.007  0.215   1.00 19.55 ? 36  GLN A CG  1 
ATOM   308  C  CD  . GLN A 1 37  ? 2.387   13.714  1.437   1.00 18.71 ? 36  GLN A CD  1 
ATOM   309  O  OE1 . GLN A 1 37  ? 3.113   13.871  2.422   1.00 22.56 ? 36  GLN A OE1 1 
ATOM   310  N  NE2 . GLN A 1 37  ? 1.130   14.118  1.380   1.00 24.19 ? 36  GLN A NE2 1 
ATOM   311  N  N   . VAL A 1 38  ? 6.059   12.327  -1.360  1.00 15.79 ? 37  VAL A N   1 
ATOM   312  C  CA  . VAL A 1 38  ? 6.927   11.272  -0.864  1.00 15.83 ? 37  VAL A CA  1 
ATOM   313  C  C   . VAL A 1 38  ? 7.062   11.402  0.658   1.00 14.91 ? 37  VAL A C   1 
ATOM   314  O  O   . VAL A 1 38  ? 7.450   12.471  1.151   1.00 17.13 ? 37  VAL A O   1 
ATOM   315  C  CB  . VAL A 1 38  ? 8.331   11.317  -1.458  1.00 15.63 ? 37  VAL A CB  1 
ATOM   316  C  CG1 . VAL A 1 38  ? 9.094   10.104  -0.972  1.00 19.66 ? 37  VAL A CG1 1 
ATOM   317  C  CG2 . VAL A 1 38  ? 8.310   11.349  -3.014  1.00 21.88 ? 37  VAL A CG2 1 
ATOM   318  N  N   . VAL A 1 39  ? 6.708   10.343  1.391   1.00 15.76 ? 38  VAL A N   1 
ATOM   319  C  CA  . VAL A 1 39  ? 6.846   10.259  2.853   1.00 14.37 ? 38  VAL A CA  1 
ATOM   320  C  C   . VAL A 1 39  ? 8.088   9.390   3.100   1.00 15.30 ? 38  VAL A C   1 
ATOM   321  O  O   . VAL A 1 39  ? 8.194   8.326   2.493   1.00 15.36 ? 38  VAL A O   1 
ATOM   322  C  CB  . VAL A 1 39  ? 5.615   9.672   3.512   1.00 14.93 ? 38  VAL A CB  1 
ATOM   323  C  CG1 . VAL A 1 39  ? 5.685   9.786   5.054   1.00 18.19 ? 38  VAL A CG1 1 
ATOM   324  C  CG2 . VAL A 1 39  ? 4.356   10.364  2.972   1.00 17.25 ? 38  VAL A CG2 1 
ATOM   325  N  N   . LYS A 1 40  ? 8.999   9.824   3.951   1.00 15.91 ? 39  LYS A N   1 
ATOM   326  C  CA  . LYS A 1 40  ? 10.296  9.186   4.102   1.00 16.28 ? 39  LYS A CA  1 
ATOM   327  C  C   . LYS A 1 40  ? 10.640  8.853   5.559   1.00 14.92 ? 39  LYS A C   1 
ATOM   328  O  O   . LYS A 1 40  ? 10.542  9.707   6.445   1.00 17.17 ? 39  LYS A O   1 
ATOM   329  C  CB  . LYS A 1 40  ? 11.416  10.139  3.657   1.00 21.34 ? 39  LYS A CB  1 
ATOM   330  C  CG  . LYS A 1 40  ? 11.292  10.656  2.322   1.00 28.72 ? 39  LYS A CG  1 
ATOM   331  C  CD  . LYS A 1 40  ? 12.529  11.533  1.997   1.00 29.58 ? 39  LYS A CD  1 
ATOM   332  C  CE  . LYS A 1 40  ? 13.758  10.749  1.867   1.00 33.34 ? 39  LYS A CE  1 
ATOM   333  N  NZ  . LYS A 1 40  ? 14.780  11.530  1.055   1.00 40.84 ? 39  LYS A NZ  1 
ATOM   334  N  N   . GLY A 1 41  ? 11.163  7.646   5.749   1.00 15.00 ? 40  GLY A N   1 
ATOM   335  C  CA  . GLY A 1 41  ? 11.581  7.175   7.038   1.00 15.33 ? 40  GLY A CA  1 
ATOM   336  C  C   . GLY A 1 41  ? 10.498  6.421   7.781   1.00 15.55 ? 40  GLY A C   1 
ATOM   337  O  O   . GLY A 1 41  ? 9.326   6.737   7.656   1.00 15.06 ? 40  GLY A O   1 
ATOM   338  N  N   A LYS A 1 42  ? 10.922  5.435   8.568   0.50 14.73 ? 41  LYS A N   1 
ATOM   339  N  N   B LYS A 1 42  ? 10.891  5.433   8.581   0.50 15.23 ? 41  LYS A N   1 
ATOM   340  C  CA  A LYS A 1 42  ? 9.990   4.549   9.220   0.50 13.78 ? 41  LYS A CA  1 
ATOM   341  C  CA  B LYS A 1 42  ? 9.918   4.538   9.198   0.50 14.90 ? 41  LYS A CA  1 
ATOM   342  C  C   A LYS A 1 42  ? 8.963   5.348   10.002  0.50 14.15 ? 41  LYS A C   1 
ATOM   343  C  C   B LYS A 1 42  ? 8.929   5.263   10.117  0.50 15.78 ? 41  LYS A C   1 
ATOM   344  O  O   A LYS A 1 42  ? 7.769   5.223   9.744   0.50 13.64 ? 41  LYS A O   1 
ATOM   345  O  O   B LYS A 1 42  ? 7.718   4.960   10.121  0.50 12.88 ? 41  LYS A O   1 
ATOM   346  C  CB  A LYS A 1 42  ? 10.736  3.555   10.097  0.50 15.02 ? 41  LYS A CB  1 
ATOM   347  C  CB  B LYS A 1 42  ? 10.654  3.414   9.918   0.50 14.29 ? 41  LYS A CB  1 
ATOM   348  C  CG  A LYS A 1 42  ? 9.875   2.492   10.715  0.50 11.79 ? 41  LYS A CG  1 
ATOM   349  C  CG  B LYS A 1 42  ? 9.768   2.382   10.578  0.50 16.89 ? 41  LYS A CG  1 
ATOM   350  C  CD  A LYS A 1 42  ? 10.743  1.415   11.338  0.50 15.55 ? 41  LYS A CD  1 
ATOM   351  C  CD  B LYS A 1 42  ? 10.608  1.243   11.104  0.50 18.50 ? 41  LYS A CD  1 
ATOM   352  C  CE  A LYS A 1 42  ? 9.931   0.342   11.985  0.50 13.21 ? 41  LYS A CE  1 
ATOM   353  C  CE  B LYS A 1 42  ? 9.820   0.046   11.539  0.50 26.81 ? 41  LYS A CE  1 
ATOM   354  N  NZ  A LYS A 1 42  ? 10.757  -0.576  12.782  0.50 13.70 ? 41  LYS A NZ  1 
ATOM   355  N  NZ  B LYS A 1 42  ? 10.694  -1.168  11.520  0.50 25.68 ? 41  LYS A NZ  1 
ATOM   356  N  N   . ALA A 1 43  ? 9.410   6.207   10.920  1.00 13.60 ? 42  ALA A N   1 
ATOM   357  C  CA  . ALA A 1 43  ? 8.505   6.940   11.812  1.00 13.12 ? 42  ALA A CA  1 
ATOM   358  C  C   . ALA A 1 43  ? 7.521   7.803   11.044  1.00 12.94 ? 42  ALA A C   1 
ATOM   359  O  O   . ALA A 1 43  ? 6.326   7.738   11.311  1.00 12.83 ? 42  ALA A O   1 
ATOM   360  C  CB  . ALA A 1 43  ? 9.273   7.815   12.823  1.00 13.21 ? 42  ALA A CB  1 
ATOM   361  N  N   . ASP A 1 44  ? 7.993   8.529   10.039  1.00 13.56 ? 43  ASP A N   1 
ATOM   362  C  CA  . ASP A 1 44  ? 7.097   9.390   9.268   1.00 13.04 ? 43  ASP A CA  1 
ATOM   363  C  C   . ASP A 1 44  ? 6.111   8.568   8.456   1.00 14.88 ? 43  ASP A C   1 
ATOM   364  O  O   . ASP A 1 44  ? 4.942   8.957   8.350   1.00 14.36 ? 43  ASP A O   1 
ATOM   365  C  CB  . ASP A 1 44  ? 7.888   10.251  8.284   1.00 14.35 ? 43  ASP A CB  1 
ATOM   366  C  CG  . ASP A 1 44  ? 8.611   11.405  8.927   1.00 17.38 ? 43  ASP A CG  1 
ATOM   367  O  OD1 . ASP A 1 44  ? 8.481   11.593  10.153  1.00 19.62 ? 43  ASP A OD1 1 
ATOM   368  O  OD2 . ASP A 1 44  ? 9.308   12.170  8.190   1.00 17.32 ? 43  ASP A OD2 1 
ATOM   369  N  N   . VAL A 1 45  ? 6.514   7.425   7.884   1.00 13.19 ? 44  VAL A N   1 
ATOM   370  C  CA  . VAL A 1 45  ? 5.559   6.614   7.100   1.00 12.67 ? 44  VAL A CA  1 
ATOM   371  C  C   . VAL A 1 45  ? 4.522   5.982   8.044   1.00 13.82 ? 44  VAL A C   1 
ATOM   372  O  O   . VAL A 1 45  ? 3.333   5.956   7.724   1.00 14.31 ? 44  VAL A O   1 
ATOM   373  C  CB  . VAL A 1 45  ? 6.251   5.595   6.173   1.00 14.47 ? 44  VAL A CB  1 
ATOM   374  C  CG1 . VAL A 1 45  ? 5.239   4.733   5.449   1.00 15.79 ? 44  VAL A CG1 1 
ATOM   375  C  CG2 . VAL A 1 45  ? 7.198   6.310   5.169   1.00 14.87 ? 44  VAL A CG2 1 
ATOM   376  N  N   . ILE A 1 46  ? 4.935   5.488   9.196   1.00 13.43 ? 45  ILE A N   1 
ATOM   377  C  CA  . ILE A 1 46  ? 3.983   4.926   10.142  1.00 13.39 ? 45  ILE A CA  1 
ATOM   378  C  C   . ILE A 1 46  ? 3.011   5.999   10.608  1.00 15.07 ? 45  ILE A C   1 
ATOM   379  O  O   . ILE A 1 46  ? 1.788   5.746   10.673  1.00 14.82 ? 45  ILE A O   1 
ATOM   380  C  CB  . ILE A 1 46  ? 4.701   4.218   11.326  1.00 13.63 ? 45  ILE A CB  1 
ATOM   381  C  CG1 . ILE A 1 46  ? 5.347   2.943   10.798  1.00 13.60 ? 45  ILE A CG1 1 
ATOM   382  C  CG2 . ILE A 1 46  ? 3.702   3.902   12.452  1.00 14.72 ? 45  ILE A CG2 1 
ATOM   383  C  CD1 . ILE A 1 46  ? 6.229   2.260   11.829  1.00 14.86 ? 45  ILE A CD1 1 
ATOM   384  N  N   . ASP A 1 47  ? 3.493   7.189   10.890  1.00 13.93 ? 46  ASP A N   1 
ATOM   385  C  CA  . ASP A 1 47  ? 2.604   8.256   11.381  1.00 13.89 ? 46  ASP A CA  1 
ATOM   386  C  C   . ASP A 1 47  ? 1.605   8.628   10.293  1.00 14.36 ? 46  ASP A C   1 
ATOM   387  O  O   . ASP A 1 47  ? 0.424   8.876   10.571  1.00 14.67 ? 46  ASP A O   1 
ATOM   388  C  CB  . ASP A 1 47  ? 3.401   9.508   11.822  1.00 13.07 ? 46  ASP A CB  1 
ATOM   389  C  CG  . ASP A 1 47  ? 4.136   9.334   13.144  1.00 14.11 ? 46  ASP A CG  1 
ATOM   390  O  OD1 . ASP A 1 47  ? 3.780   8.449   13.966  1.00 15.25 ? 46  ASP A OD1 1 
ATOM   391  O  OD2 . ASP A 1 47  ? 5.026   10.194  13.420  1.00 14.24 ? 46  ASP A OD2 1 
ATOM   392  N  N   . PHE A 1 48  ? 2.064   8.676   9.056   1.00 14.24 ? 47  PHE A N   1 
ATOM   393  C  CA  . PHE A 1 48  ? 1.199   9.022   7.921   1.00 14.14 ? 47  PHE A CA  1 
ATOM   394  C  C   . PHE A 1 48  ? 0.154   7.955   7.703   1.00 16.68 ? 47  PHE A C   1 
ATOM   395  O  O   . PHE A 1 48  ? -1.041  8.250   7.558   1.00 15.70 ? 47  PHE A O   1 
ATOM   396  C  CB  . PHE A 1 48  ? 2.058   9.178   6.667   1.00 15.06 ? 47  PHE A CB  1 
ATOM   397  C  CG  . PHE A 1 48  ? 1.328   9.726   5.456   1.00 15.38 ? 47  PHE A CG  1 
ATOM   398  C  CD1 . PHE A 1 48  ? 1.277   11.093  5.231   1.00 18.71 ? 47  PHE A CD1 1 
ATOM   399  C  CD2 . PHE A 1 48  ? 0.784   8.862   4.556   1.00 18.64 ? 47  PHE A CD2 1 
ATOM   400  C  CE1 . PHE A 1 48  ? 0.631   11.573  4.095   1.00 21.91 ? 47  PHE A CE1 1 
ATOM   401  C  CE2 . PHE A 1 48  ? 0.150   9.339   3.442   1.00 19.45 ? 47  PHE A CE2 1 
ATOM   402  C  CZ  . PHE A 1 48  ? 0.092   10.693  3.225   1.00 18.62 ? 47  PHE A CZ  1 
ATOM   403  N  N   . CYS A 1 49  ? 0.557   6.698   7.734   1.00 15.12 ? 48  CYS A N   1 
ATOM   404  C  CA  . CYS A 1 49  ? -0.387  5.600   7.656   1.00 15.81 ? 48  CYS A CA  1 
ATOM   405  C  C   . CYS A 1 49  ? -1.384  5.663   8.781   1.00 14.64 ? 48  CYS A C   1 
ATOM   406  O  O   . CYS A 1 49  ? -2.590  5.378   8.555   1.00 16.22 ? 48  CYS A O   1 
ATOM   407  C  CB  . CYS A 1 49  ? 0.373   4.265   7.696   1.00 14.67 ? 48  CYS A CB  1 
ATOM   408  S  SG  . CYS A 1 49  ? 1.289   3.870   6.208   1.00 16.32 ? 48  CYS A SG  1 
ATOM   409  N  N   . ASN A 1 50  ? -0.967  5.909   10.015  1.00 14.24 ? 49  ASN A N   1 
ATOM   410  C  CA  . ASN A 1 50  ? -1.906  5.989   11.136  1.00 14.38 ? 49  ASN A CA  1 
ATOM   411  C  C   . ASN A 1 50  ? -2.913  7.115   10.964  1.00 15.51 ? 49  ASN A C   1 
ATOM   412  O  O   . ASN A 1 50  ? -4.075  6.968   11.394  1.00 17.02 ? 49  ASN A O   1 
ATOM   413  C  CB  . ASN A 1 50  ? -1.168  6.070   12.493  1.00 15.42 ? 49  ASN A CB  1 
ATOM   414  C  CG  . ASN A 1 50  ? -0.655  4.699   12.953  1.00 16.76 ? 49  ASN A CG  1 
ATOM   415  O  OD1 . ASN A 1 50  ? -1.227  3.673   12.602  1.00 18.53 ? 49  ASN A OD1 1 
ATOM   416  N  ND2 . ASN A 1 50  ? 0.359   4.688   13.791  1.00 15.80 ? 49  ASN A ND2 1 
ATOM   417  N  N   A LYS A 1 51  ? -2.484  8.264   10.456  0.70 16.09 ? 50  LYS A N   1 
ATOM   418  N  N   B LYS A 1 51  ? -2.552  8.169   10.228  0.30 15.47 ? 50  LYS A N   1 
ATOM   419  C  CA  A LYS A 1 51  ? -3.408  9.382   10.208  0.70 16.98 ? 50  LYS A CA  1 
ATOM   420  C  CA  B LYS A 1 51  ? -3.518  9.228   9.907   0.30 16.78 ? 50  LYS A CA  1 
ATOM   421  C  C   A LYS A 1 51  ? -4.492  8.955   9.207   0.70 15.63 ? 50  LYS A C   1 
ATOM   422  C  C   B LYS A 1 51  ? -4.508  8.812   8.799   0.30 14.53 ? 50  LYS A C   1 
ATOM   423  O  O   A LYS A 1 51  ? -5.681  9.275   9.380   0.70 16.09 ? 50  LYS A O   1 
ATOM   424  O  O   B LYS A 1 51  ? -5.656  9.303   8.774   0.30 13.59 ? 50  LYS A O   1 
ATOM   425  C  CB  A LYS A 1 51  ? -2.605  10.581  9.723   0.70 19.84 ? 50  LYS A CB  1 
ATOM   426  C  CB  B LYS A 1 51  ? -2.820  10.543  9.538   0.30 17.41 ? 50  LYS A CB  1 
ATOM   427  C  CG  A LYS A 1 51  ? -3.353  11.821  9.309   0.70 22.52 ? 50  LYS A CG  1 
ATOM   428  C  CG  B LYS A 1 51  ? -2.197  11.297  10.731  0.30 20.63 ? 50  LYS A CG  1 
ATOM   429  C  CD  A LYS A 1 51  ? -2.377  13.000  9.132   0.70 23.01 ? 50  LYS A CD  1 
ATOM   430  C  CD  B LYS A 1 51  ? -1.887  12.765  10.403  0.30 20.54 ? 50  LYS A CD  1 
ATOM   431  C  CE  A LYS A 1 51  ? -2.955  14.136  8.302   0.70 28.06 ? 50  LYS A CE  1 
ATOM   432  C  CE  B LYS A 1 51  ? -1.710  13.621  11.660  0.30 25.47 ? 50  LYS A CE  1 
ATOM   433  N  NZ  A LYS A 1 51  ? -4.438  14.289  8.488   0.70 33.58 ? 50  LYS A NZ  1 
ATOM   434  N  NZ  B LYS A 1 51  ? -1.612  15.080  11.342  0.30 23.14 ? 50  LYS A NZ  1 
HETATM 435  N  N   A MSE A 1 52  ? -4.092  8.162   8.202   0.51 11.55 ? 51  MSE A N   1 
HETATM 436  N  N   B MSE A 1 52  ? -4.152  7.913   7.889   0.49 18.66 ? 51  MSE A N   1 
HETATM 437  C  CA  A MSE A 1 52  ? -4.952  7.654   7.069   0.51 12.40 ? 51  MSE A CA  1 
HETATM 438  C  CA  B MSE A 1 52  ? -5.186  7.592   6.939   0.49 20.13 ? 51  MSE A CA  1 
HETATM 439  C  C   A MSE A 1 52  ? -5.857  6.469   7.428   0.51 13.44 ? 51  MSE A C   1 
HETATM 440  C  C   B MSE A 1 52  ? -5.860  6.291   7.317   0.49 19.07 ? 51  MSE A C   1 
HETATM 441  O  O   A MSE A 1 52  ? -6.882  6.254   6.777   0.51 13.29 ? 51  MSE A O   1 
HETATM 442  O  O   B MSE A 1 52  ? -6.757  5.834   6.604   0.49 18.11 ? 51  MSE A O   1 
HETATM 443  C  CB  A MSE A 1 52  ? -4.088  7.248   5.822   0.51 11.71 ? 51  MSE A CB  1 
HETATM 444  C  CB  B MSE A 1 52  ? -4.657  7.611   5.524   0.49 25.18 ? 51  MSE A CB  1 
HETATM 445  C  CG  A MSE A 1 52  ? -4.872  6.915   4.467   0.51 12.71 ? 51  MSE A CG  1 
HETATM 446  C  CG  B MSE A 1 52  ? -3.631  6.627   5.221   0.49 26.75 ? 51  MSE A CG  1 
HETATM 447  SE SE  A MSE A 1 52  ? -3.798  6.525   2.980   0.38 18.85 ? 51  MSE A SE  1 
HETATM 448  SE SE  B MSE A 1 52  ? -3.035  6.976   3.471   0.37 24.75 ? 51  MSE A SE  1 
HETATM 449  C  CE  A MSE A 1 52  ? -2.953  8.219   2.808   0.51 23.97 ? 51  MSE A CE  1 
HETATM 450  C  CE  B MSE A 1 52  ? -4.583  6.273   2.412   0.49 25.40 ? 51  MSE A CE  1 
ATOM   451  N  N   . LEU A 1 53  ? -5.492  5.705   8.453   1.00 15.55 ? 52  LEU A N   1 
ATOM   452  C  CA  . LEU A 1 53  ? -6.134  4.461   8.826   1.00 14.99 ? 52  LEU A CA  1 
ATOM   453  C  C   . LEU A 1 53  ? -7.654  4.560   9.005   1.00 15.18 ? 52  LEU A C   1 
ATOM   454  O  O   . LEU A 1 53  ? -8.374  3.701   8.464   1.00 16.28 ? 52  LEU A O   1 
ATOM   455  C  CB  . LEU A 1 53  ? -5.464  3.858   10.056  1.00 17.77 ? 52  LEU A CB  1 
ATOM   456  C  CG  . LEU A 1 53  ? -5.838  2.422   10.412  1.00 17.68 ? 52  LEU A CG  1 
ATOM   457  C  CD1 . LEU A 1 53  ? -5.584  1.416   9.291   1.00 19.99 ? 52  LEU A CD1 1 
ATOM   458  C  CD2 . LEU A 1 53  ? -5.103  2.024   11.689  1.00 20.67 ? 52  LEU A CD2 1 
ATOM   459  N  N   . PRO A 1 54  ? -8.178  5.581   9.688   1.00 15.33 ? 53  PRO A N   1 
ATOM   460  C  CA  . PRO A 1 54  ? -9.654  5.616   9.787   1.00 15.05 ? 53  PRO A CA  1 
ATOM   461  C  C   . PRO A 1 54  ? -10.350 5.690   8.435   1.00 16.57 ? 53  PRO A C   1 
ATOM   462  O  O   . PRO A 1 54  ? -11.426 5.073   8.257   1.00 16.39 ? 53  PRO A O   1 
ATOM   463  C  CB  . PRO A 1 54  ? -9.919  6.886   10.601  1.00 16.45 ? 53  PRO A CB  1 
ATOM   464  C  CG  . PRO A 1 54  ? -8.637  7.152   11.319  1.00 21.46 ? 53  PRO A CG  1 
ATOM   465  C  CD  . PRO A 1 54  ? -7.531  6.657   10.455  1.00 16.47 ? 53  PRO A CD  1 
ATOM   466  N  N   . GLU A 1 55  ? -9.804  6.429   7.475   1.00 16.37 ? 54  GLU A N   1 
ATOM   467  C  CA  . GLU A 1 55  ? -10.353 6.468   6.114   1.00 15.77 ? 54  GLU A CA  1 
ATOM   468  C  C   . GLU A 1 55  ? -10.349 5.109   5.491   1.00 16.45 ? 54  GLU A C   1 
ATOM   469  O  O   . GLU A 1 55  ? -11.299 4.740   4.801   1.00 17.47 ? 54  GLU A O   1 
ATOM   470  C  CB  . GLU A 1 55  ? -9.603  7.425   5.209   1.00 18.58 ? 54  GLU A CB  1 
ATOM   471  C  CG  . GLU A 1 55  ? -10.380 7.664   3.944   1.00 22.45 ? 54  GLU A CG  1 
ATOM   472  C  CD  . GLU A 1 55  ? -9.668  8.536   2.953   1.00 38.47 ? 54  GLU A CD  1 
ATOM   473  O  OE1 . GLU A 1 55  ? -8.440  8.739   3.097   1.00 38.09 ? 54  GLU A OE1 1 
ATOM   474  O  OE2 . GLU A 1 55  ? -10.379 8.987   2.023   1.00 43.30 ? 54  GLU A OE2 1 
HETATM 475  N  N   . MSE A 1 56  ? -9.297  4.324   5.675   1.00 15.89 ? 55  MSE A N   1 
HETATM 476  C  CA  . MSE A 1 56  ? -9.260  2.955   5.151   1.00 14.36 ? 55  MSE A CA  1 
HETATM 477  C  C   . MSE A 1 56  ? -10.305 2.050   5.833   1.00 15.08 ? 55  MSE A C   1 
HETATM 478  O  O   . MSE A 1 56  ? -10.992 1.293   5.128   1.00 16.00 ? 55  MSE A O   1 
HETATM 479  C  CB  . MSE A 1 56  ? -7.881  2.364   5.381   1.00 15.83 ? 55  MSE A CB  1 
HETATM 480  C  CG  . MSE A 1 56  ? -6.739  3.071   4.639   1.00 18.42 ? 55  MSE A CG  1 
HETATM 481  SE SE  . MSE A 1 56  ? -6.778  3.082   2.750   0.75 18.55 ? 55  MSE A SE  1 
HETATM 482  C  CE  . MSE A 1 56  ? -7.818  4.602   2.348   1.00 22.89 ? 55  MSE A CE  1 
ATOM   483  N  N   . LYS A 1 57  ? -10.449 2.190   7.138   1.00 15.78 ? 56  LYS A N   1 
ATOM   484  C  CA  . LYS A 1 57  ? -11.412 1.395   7.895   1.00 16.21 ? 56  LYS A CA  1 
ATOM   485  C  C   . LYS A 1 57  ? -12.840 1.651   7.465   1.00 15.83 ? 56  LYS A C   1 
ATOM   486  O  O   . LYS A 1 57  ? -13.638 0.744   7.544   1.00 18.26 ? 56  LYS A O   1 
ATOM   487  C  CB  . LYS A 1 57  ? -11.255 1.648   9.397   1.00 17.43 ? 56  LYS A CB  1 
ATOM   488  C  CG  . LYS A 1 57  ? -9.960  1.087   9.949   1.00 18.75 ? 56  LYS A CG  1 
ATOM   489  C  CD  . LYS A 1 57  ? -9.783  1.334   11.449  1.00 23.25 ? 56  LYS A CD  1 
ATOM   490  C  CE  . LYS A 1 57  ? -8.579  0.531   12.028  1.00 31.87 ? 56  LYS A CE  1 
ATOM   491  N  NZ  . LYS A 1 57  ? -8.886  -0.930  12.171  1.00 42.38 ? 56  LYS A NZ  1 
ATOM   492  N  N   . GLY A 1 58  ? -13.153 2.861   7.012   1.00 14.12 ? 57  GLY A N   1 
ATOM   493  C  CA  . GLY A 1 58  ? -14.485 3.197   6.523   1.00 13.94 ? 57  GLY A CA  1 
ATOM   494  C  C   . GLY A 1 58  ? -14.756 2.890   5.073   1.00 13.52 ? 57  GLY A C   1 
ATOM   495  O  O   . GLY A 1 58  ? -15.898 3.024   4.594   1.00 15.10 ? 57  GLY A O   1 
ATOM   496  N  N   . ALA A 1 59  ? -13.722 2.476   4.346   1.00 13.48 ? 58  ALA A N   1 
ATOM   497  C  CA  . ALA A 1 59  ? -13.763 2.204   2.920   1.00 14.73 ? 58  ALA A CA  1 
ATOM   498  C  C   . ALA A 1 59  ? -13.789 0.688   2.705   1.00 13.88 ? 58  ALA A C   1 
ATOM   499  O  O   . ALA A 1 59  ? -13.636 -0.085  3.669   1.00 15.72 ? 58  ALA A O   1 
ATOM   500  C  CB  . ALA A 1 59  ? -12.548 2.841   2.201   1.00 15.07 ? 58  ALA A CB  1 
ATOM   501  N  N   . VAL A 1 60  ? -13.898 0.270   1.439   1.00 13.58 ? 59  VAL A N   1 
ATOM   502  C  CA  . VAL A 1 60  ? -13.880 -1.176  1.099   1.00 15.79 ? 59  VAL A CA  1 
ATOM   503  C  C   . VAL A 1 60  ? -12.848 -1.358  -0.004  1.00 14.09 ? 59  VAL A C   1 
ATOM   504  O  O   . VAL A 1 60  ? -13.003 -0.834  -1.116  1.00 14.32 ? 59  VAL A O   1 
ATOM   505  C  CB  . VAL A 1 60  ? -15.211 -1.722  0.686   1.00 13.27 ? 59  VAL A CB  1 
ATOM   506  C  CG1 . VAL A 1 60  ? -15.130 -3.279  0.516   1.00 16.72 ? 59  VAL A CG1 1 
ATOM   507  C  CG2 . VAL A 1 60  ? -16.262 -1.419  1.761   1.00 14.55 ? 59  VAL A CG2 1 
ATOM   508  N  N   . LEU A 1 61  ? -11.745 -2.040  0.308   1.00 14.90 ? 60  LEU A N   1 
ATOM   509  C  CA  . LEU A 1 61  ? -10.630 -2.200  -0.608  1.00 14.39 ? 60  LEU A CA  1 
ATOM   510  C  C   . LEU A 1 61  ? -10.557 -3.628  -1.121  1.00 17.18 ? 60  LEU A C   1 
ATOM   511  O  O   . LEU A 1 61  ? -10.697 -4.567  -0.341  1.00 19.18 ? 60  LEU A O   1 
ATOM   512  C  CB  . LEU A 1 61  ? -9.312  -1.767  0.037   1.00 16.36 ? 60  LEU A CB  1 
ATOM   513  C  CG  . LEU A 1 61  ? -9.221  -0.270  0.405   1.00 15.32 ? 60  LEU A CG  1 
ATOM   514  C  CD1 . LEU A 1 61  ? -9.709  0.049   1.844   1.00 18.96 ? 60  LEU A CD1 1 
ATOM   515  C  CD2 . LEU A 1 61  ? -7.784  0.241   0.198   1.00 19.12 ? 60  LEU A CD2 1 
ATOM   516  N  N   . THR A 1 62  ? -10.354 -3.795  -2.416  1.00 17.13 ? 61  THR A N   1 
ATOM   517  C  CA  . THR A 1 62  ? -10.306 -5.098  -3.059  1.00 16.92 ? 61  THR A CA  1 
ATOM   518  C  C   . THR A 1 62  ? -9.090  -5.160  -3.972  1.00 15.28 ? 61  THR A C   1 
ATOM   519  O  O   . THR A 1 62  ? -8.987  -4.397  -4.907  1.00 17.30 ? 61  THR A O   1 
ATOM   520  C  CB  . THR A 1 62  ? -11.572 -5.304  -3.914  1.00 18.76 ? 61  THR A CB  1 
ATOM   521  O  OG1 . THR A 1 62  ? -12.719 -5.144  -3.064  1.00 19.49 ? 61  THR A OG1 1 
ATOM   522  C  CG2 . THR A 1 62  ? -11.602 -6.715  -4.582  1.00 18.84 ? 61  THR A CG2 1 
ATOM   523  N  N   . ASN A 1 63  ? -8.157  -6.027  -3.635  1.00 16.92 ? 62  ASN A N   1 
ATOM   524  C  CA  . ASN A 1 63  ? -6.985  -6.263  -4.470  1.00 15.91 ? 62  ASN A CA  1 
ATOM   525  C  C   . ASN A 1 63  ? -7.363  -7.241  -5.611  1.00 16.51 ? 62  ASN A C   1 
ATOM   526  O  O   . ASN A 1 63  ? -7.969  -8.280  -5.359  1.00 20.92 ? 62  ASN A O   1 
ATOM   527  C  CB  . ASN A 1 63  ? -5.850  -6.829  -3.624  1.00 15.35 ? 62  ASN A CB  1 
ATOM   528  C  CG  . ASN A 1 63  ? -5.333  -5.866  -2.572  1.00 17.68 ? 62  ASN A CG  1 
ATOM   529  O  OD1 . ASN A 1 63  ? -5.449  -4.640  -2.711  1.00 17.55 ? 62  ASN A OD1 1 
ATOM   530  N  ND2 . ASN A 1 63  ? -4.730  -6.428  -1.518  1.00 18.49 ? 62  ASN A ND2 1 
ATOM   531  N  N   A ASP A 1 64  ? -7.181  -6.781  -6.857  0.50 18.39 ? 63  ASP A N   1 
ATOM   532  N  N   B ASP A 1 64  ? -6.751  -7.065  -6.777  0.50 15.75 ? 63  ASP A N   1 
ATOM   533  C  CA  A ASP A 1 64  ? -7.675  -7.447  -8.086  0.50 18.52 ? 63  ASP A CA  1 
ATOM   534  C  CA  B ASP A 1 64  ? -6.932  -8.018  -7.870  0.50 16.47 ? 63  ASP A CA  1 
ATOM   535  C  C   A ASP A 1 64  ? -6.638  -8.303  -8.847  0.50 19.37 ? 63  ASP A C   1 
ATOM   536  C  C   B ASP A 1 64  ? -5.568  -8.470  -8.423  0.50 17.09 ? 63  ASP A C   1 
ATOM   537  O  O   A ASP A 1 64  ? -7.006  -9.267  -9.517  0.50 21.69 ? 63  ASP A O   1 
ATOM   538  O  O   B ASP A 1 64  ? -4.862  -9.249  -7.801  0.50 18.86 ? 63  ASP A O   1 
ATOM   539  C  CB  A ASP A 1 64  ? -8.160  -6.396  -9.123  0.50 20.49 ? 63  ASP A CB  1 
ATOM   540  C  CB  B ASP A 1 64  ? -7.792  -7.386  -8.962  0.50 19.64 ? 63  ASP A CB  1 
ATOM   541  C  CG  A ASP A 1 64  ? -9.363  -5.577  -8.689  0.50 24.24 ? 63  ASP A CG  1 
ATOM   542  C  CG  B ASP A 1 64  ? -8.242  -8.392  -10.013 0.50 23.88 ? 63  ASP A CG  1 
ATOM   543  O  OD1 A ASP A 1 64  ? -10.197 -6.013  -7.859  0.50 29.52 ? 63  ASP A OD1 1 
ATOM   544  O  OD1 B ASP A 1 64  ? -8.959  -9.341  -9.642  0.50 31.04 ? 63  ASP A OD1 1 
ATOM   545  O  OD2 A ASP A 1 64  ? -9.491  -4.460  -9.251  0.50 25.84 ? 63  ASP A OD2 1 
ATOM   546  O  OD2 B ASP A 1 64  ? -7.909  -8.221  -11.204 0.50 37.67 ? 63  ASP A OD2 1 
ATOM   547  N  N   A ASN A 1 65  ? -5.357  -7.917  -8.811  0.50 16.06 ? 64  ASN A N   1 
ATOM   548  N  N   B ASN A 1 65  ? -5.193  -7.990  -9.602  0.50 17.74 ? 64  ASN A N   1 
ATOM   549  C  CA  A ASN A 1 65  ? -4.327  -8.524  -9.678  0.50 16.44 ? 64  ASN A CA  1 
ATOM   550  C  CA  B ASN A 1 65  ? -4.013  -8.509  -10.271 0.50 18.69 ? 64  ASN A CA  1 
ATOM   551  C  C   A ASN A 1 65  ? -2.927  -8.374  -9.050  0.50 16.42 ? 64  ASN A C   1 
ATOM   552  C  C   B ASN A 1 65  ? -2.756  -8.258  -9.450  0.50 17.75 ? 64  ASN A C   1 
ATOM   553  O  O   A ASN A 1 65  ? -2.733  -7.404  -8.303  0.50 16.54 ? 64  ASN A O   1 
ATOM   554  O  O   B ASN A 1 65  ? -2.489  -7.172  -8.967  0.50 18.42 ? 64  ASN A O   1 
ATOM   555  C  CB  A ASN A 1 65  ? -4.378  -7.838  -11.047 0.50 17.75 ? 64  ASN A CB  1 
ATOM   556  C  CB  B ASN A 1 65  ? -3.867  -7.891  -11.680 0.50 20.39 ? 64  ASN A CB  1 
ATOM   557  C  CG  A ASN A 1 65  ? -3.452  -8.472  -12.071 0.50 15.56 ? 64  ASN A CG  1 
ATOM   558  C  CG  B ASN A 1 65  ? -2.708  -8.512  -12.518 0.50 20.83 ? 64  ASN A CG  1 
ATOM   559  O  OD1 A ASN A 1 65  ? -3.435  -9.696  -12.242 0.50 22.25 ? 64  ASN A OD1 1 
ATOM   560  O  OD1 B ASN A 1 65  ? -2.386  -9.701  -12.421 0.50 22.64 ? 64  ASN A OD1 1 
ATOM   561  N  ND2 A ASN A 1 65  ? -2.699  -7.631  -12.793 0.50 22.57 ? 64  ASN A ND2 1 
ATOM   562  N  ND2 B ASN A 1 65  ? -2.130  -7.696  -13.387 0.50 14.71 ? 64  ASN A ND2 1 
ATOM   563  N  N   . VAL A 1 66  ? -1.983  -9.300  -9.311  1.00 19.65 ? 65  VAL A N   1 
ATOM   564  C  CA  . VAL A 1 66  ? -0.688  -9.250  -8.691  1.00 20.09 ? 65  VAL A CA  1 
ATOM   565  C  C   . VAL A 1 66  ? 0.368   -9.648  -9.721  1.00 20.60 ? 65  VAL A C   1 
ATOM   566  O  O   . VAL A 1 66  ? 0.205   -10.641 -10.448 1.00 21.14 ? 65  VAL A O   1 
ATOM   567  C  CB  . VAL A 1 66  ? -0.548  -10.267 -7.534  1.00 21.26 ? 65  VAL A CB  1 
ATOM   568  C  CG1 . VAL A 1 66  ? 0.904   -10.235 -6.934  1.00 23.37 ? 65  VAL A CG1 1 
ATOM   569  C  CG2 . VAL A 1 66  ? -1.583  -10.055 -6.464  1.00 21.83 ? 65  VAL A CG2 1 
ATOM   570  N  N   A ILE A 1 67  ? 1.475   -8.923  -9.736  0.60 18.47 ? 66  ILE A N   1 
ATOM   571  N  N   B ILE A 1 67  ? 1.404   -8.831  -9.850  0.40 18.19 ? 66  ILE A N   1 
ATOM   572  C  CA  A ILE A 1 67  ? 2.627   -9.235  -10.535 0.60 19.70 ? 66  ILE A CA  1 
ATOM   573  C  CA  B ILE A 1 67  ? 2.587   -9.179  -10.586 0.40 18.75 ? 66  ILE A CA  1 
ATOM   574  C  C   A ILE A 1 67  ? 3.848   -9.254  -9.639  0.60 18.34 ? 66  ILE A C   1 
ATOM   575  C  C   B ILE A 1 67  ? 3.641   -9.381  -9.477  0.40 17.42 ? 66  ILE A C   1 
ATOM   576  O  O   A ILE A 1 67  ? 4.296   -8.196  -9.123  0.60 15.00 ? 66  ILE A O   1 
ATOM   577  O  O   B ILE A 1 67  ? 3.658   -8.621  -8.512  0.40 16.98 ? 66  ILE A O   1 
ATOM   578  C  CB  A ILE A 1 67  ? 2.860   -8.170  -11.575 0.60 17.93 ? 66  ILE A CB  1 
ATOM   579  C  CB  B ILE A 1 67  ? 3.014   -8.065  -11.607 0.40 17.01 ? 66  ILE A CB  1 
ATOM   580  C  CG1 A ILE A 1 67  ? 1.603   -8.004  -12.422 0.60 25.42 ? 66  ILE A CG1 1 
ATOM   581  C  CG1 B ILE A 1 67  ? 1.863   -7.655  -12.589 0.40 17.94 ? 66  ILE A CG1 1 
ATOM   582  C  CG2 A ILE A 1 67  ? 4.079   -8.498  -12.400 0.60 21.93 ? 66  ILE A CG2 1 
ATOM   583  C  CG2 B ILE A 1 67  ? 4.255   -8.500  -12.361 0.40 21.44 ? 66  ILE A CG2 1 
ATOM   584  C  CD1 A ILE A 1 67  ? 1.804   -7.046  -13.503 0.60 21.38 ? 66  ILE A CD1 1 
ATOM   585  C  CD1 B ILE A 1 67  ? 0.888   -6.497  -12.133 0.40 12.20 ? 66  ILE A CD1 1 
ATOM   586  N  N   . GLN A 1 68  ? 4.459   -10.424 -9.559  1.00 18.54 ? 67  GLN A N   1 
ATOM   587  C  CA  . GLN A 1 68  ? 5.538   -10.646 -8.610  1.00 18.47 ? 67  GLN A CA  1 
ATOM   588  C  C   . GLN A 1 68  ? 6.806   -11.177 -9.298  1.00 21.82 ? 67  GLN A C   1 
ATOM   589  O  O   . GLN A 1 68  ? 6.696   -12.089 -10.133 1.00 23.97 ? 67  GLN A O   1 
ATOM   590  C  CB  . GLN A 1 68  ? 5.046   -11.679 -7.579  1.00 22.30 ? 67  GLN A CB  1 
ATOM   591  C  CG  . GLN A 1 68  ? 5.993   -11.919 -6.421  1.00 20.46 ? 67  GLN A CG  1 
ATOM   592  C  CD  . GLN A 1 68  ? 5.358   -12.697 -5.253  1.00 21.05 ? 67  GLN A CD  1 
ATOM   593  O  OE1 . GLN A 1 68  ? 4.282   -13.310 -5.372  1.00 27.12 ? 67  GLN A OE1 1 
ATOM   594  N  NE2 . GLN A 1 68  ? 6.045   -12.661 -4.106  1.00 25.25 ? 67  GLN A NE2 1 
ATOM   595  N  N   A ASN A 1 69  ? 7.963   -10.617 -8.960  0.50 21.21 ? 68  ASN A N   1 
ATOM   596  N  N   B ASN A 1 69  ? 7.962   -10.561 -9.017  0.50 20.20 ? 68  ASN A N   1 
ATOM   597  C  CA  A ASN A 1 69  ? 9.252   -11.207 -9.319  0.50 24.59 ? 68  ASN A CA  1 
ATOM   598  C  CA  B ASN A 1 69  ? 9.289   -11.145 -9.337  0.50 23.26 ? 68  ASN A CA  1 
ATOM   599  C  C   A ASN A 1 69  ? 9.865   -11.646 -7.960  0.50 25.36 ? 68  ASN A C   1 
ATOM   600  C  C   B ASN A 1 69  ? 10.093  -11.159 -8.009  0.50 23.46 ? 68  ASN A C   1 
ATOM   601  O  O   A ASN A 1 69  ? 9.144   -11.739 -6.951  0.50 24.97 ? 68  ASN A O   1 
ATOM   602  O  O   B ASN A 1 69  ? 9.756   -10.431 -7.094  0.50 25.42 ? 68  ASN A O   1 
ATOM   603  C  CB  A ASN A 1 69  ? 10.140  -10.199 -10.055 0.50 23.96 ? 68  ASN A CB  1 
ATOM   604  C  CB  B ASN A 1 69  ? 10.008  -10.455 -10.524 0.50 23.55 ? 68  ASN A CB  1 
ATOM   605  C  CG  A ASN A 1 69  ? 10.665  -9.166  -9.131  0.50 22.62 ? 68  ASN A CG  1 
ATOM   606  C  CG  B ASN A 1 69  ? 10.336  -8.989  -10.270 0.50 22.61 ? 68  ASN A CG  1 
ATOM   607  O  OD1 A ASN A 1 69  ? 10.680  -9.429  -7.961  0.50 19.15 ? 68  ASN A OD1 1 
ATOM   608  O  OD1 B ASN A 1 69  ? 10.016  -8.449  -9.214  0.50 38.88 ? 68  ASN A OD1 1 
ATOM   609  N  ND2 A ASN A 1 69  ? 11.049  -7.976  -9.614  0.50 18.31 ? 68  ASN A ND2 1 
ATOM   610  N  ND2 B ASN A 1 69  ? 11.002  -8.338  -11.236 0.50 15.34 ? 68  ASN A ND2 1 
ATOM   611  N  N   . GLU A 1 70  ? 11.156  -11.945 -7.913  1.00 25.72 ? 69  GLU A N   1 
ATOM   612  C  CA  . GLU A 1 70  ? 11.801  -12.273 -6.629  1.00 26.50 ? 69  GLU A CA  1 
ATOM   613  C  C   . GLU A 1 70  ? 11.966  -11.147 -5.566  1.00 30.84 ? 69  GLU A C   1 
ATOM   614  O  O   . GLU A 1 70  ? 12.048  -11.416 -4.368  1.00 32.49 ? 69  GLU A O   1 
ATOM   615  C  CB  . GLU A 1 70  ? 13.170  -12.940 -6.921  1.00 27.62 ? 69  GLU A CB  1 
ATOM   616  N  N   . ASN A 1 71  ? 11.981  -9.912  -6.042  1.00 28.09 ? 70  ASN A N   1 
ATOM   617  C  CA  . ASN A 1 71  ? 12.284  -8.663  -5.354  1.00 28.78 ? 70  ASN A CA  1 
ATOM   618  C  C   . ASN A 1 71  ? 11.143  -7.590  -5.201  1.00 24.65 ? 70  ASN A C   1 
ATOM   619  O  O   . ASN A 1 71  ? 11.098  -6.762  -4.267  1.00 23.73 ? 70  ASN A O   1 
ATOM   620  C  CB  . ASN A 1 71  ? 13.345  -8.111  -6.327  1.00 29.75 ? 70  ASN A CB  1 
ATOM   621  C  CG  . ASN A 1 71  ? 13.890  -6.781  -5.934  1.00 37.18 ? 70  ASN A CG  1 
ATOM   622  O  OD1 . ASN A 1 71  ? 14.028  -6.477  -4.745  1.00 57.91 ? 70  ASN A OD1 1 
ATOM   623  N  ND2 . ASN A 1 71  ? 14.255  -5.973  -6.939  1.00 46.08 ? 70  ASN A ND2 1 
ATOM   624  N  N   A GLN A 1 72  ? 10.456  -7.377  -6.316  0.59 23.02 ? 71  GLN A N   1 
ATOM   625  N  N   B GLN A 1 72  ? 10.092  -7.814  -5.985  0.41 19.48 ? 71  GLN A N   1 
ATOM   626  C  CA  A GLN A 1 72  ? 9.451   -6.328  -6.437  0.59 20.92 ? 71  GLN A CA  1 
ATOM   627  C  CA  B GLN A 1 72  ? 9.047   -6.816  -6.183  0.41 17.18 ? 71  GLN A CA  1 
ATOM   628  C  C   A GLN A 1 72  ? 8.123   -7.000  -6.691  0.59 19.25 ? 71  GLN A C   1 
ATOM   629  C  C   B GLN A 1 72  ? 7.639   -7.412  -6.295  0.41 14.18 ? 71  GLN A C   1 
ATOM   630  O  O   A GLN A 1 72  ? 8.046   -8.054  -7.295  0.59 19.28 ? 71  GLN A O   1 
ATOM   631  O  O   B GLN A 1 72  ? 7.495   -8.558  -6.744  0.41 14.73 ? 71  GLN A O   1 
ATOM   632  C  CB  A GLN A 1 72  ? 9.741   -5.316  -7.575  0.59 21.65 ? 71  GLN A CB  1 
ATOM   633  C  CB  B GLN A 1 72  ? 9.400   -6.072  -7.470  0.41 15.59 ? 71  GLN A CB  1 
ATOM   634  C  CG  A GLN A 1 72  ? 10.975  -4.414  -7.461  0.59 20.17 ? 71  GLN A CG  1 
ATOM   635  C  CG  B GLN A 1 72  ? 10.930  -5.816  -7.641  0.41 14.43 ? 71  GLN A CG  1 
ATOM   636  C  CD  A GLN A 1 72  ? 10.938  -3.195  -8.407  0.59 18.89 ? 71  GLN A CD  1 
ATOM   637  C  CD  B GLN A 1 72  ? 11.324  -5.171  -8.952  0.41 17.94 ? 71  GLN A CD  1 
ATOM   638  O  OE1 A GLN A 1 72  ? 10.150  -2.251  -8.212  0.59 24.95 ? 71  GLN A OE1 1 
ATOM   639  O  OE1 B GLN A 1 72  ? 11.894  -5.822  -9.832  0.41 28.94 ? 71  GLN A OE1 1 
ATOM   640  N  NE2 A GLN A 1 72  ? 11.783  -3.212  -9.430  0.59 33.57 ? 71  GLN A NE2 1 
ATOM   641  N  NE2 B GLN A 1 72  ? 11.034  -3.884  -9.086  0.41 28.89 ? 71  GLN A NE2 1 
ATOM   642  N  N   A ILE A 1 73  ? 7.040   -6.369  -6.222  0.50 17.36 ? 72  ILE A N   1 
ATOM   643  N  N   B ILE A 1 73  ? 6.612   -6.646  -5.901  0.50 13.04 ? 72  ILE A N   1 
ATOM   644  C  CA  A ILE A 1 73  ? 5.669   -6.875  -6.404  0.50 16.80 ? 72  ILE A CA  1 
ATOM   645  C  CA  B ILE A 1 73  ? 5.265   -6.996  -6.153  0.50 16.12 ? 72  ILE A CA  1 
ATOM   646  C  C   A ILE A 1 73  ? 4.693   -5.713  -6.692  0.50 15.01 ? 72  ILE A C   1 
ATOM   647  C  C   B ILE A 1 73  ? 4.583   -5.743  -6.615  0.50 15.12 ? 72  ILE A C   1 
ATOM   648  O  O   A ILE A 1 73  ? 4.842   -4.615  -6.128  0.50 16.94 ? 72  ILE A O   1 
ATOM   649  O  O   B ILE A 1 73  ? 4.840   -4.630  -6.123  0.50 16.98 ? 72  ILE A O   1 
ATOM   650  C  CB  A ILE A 1 73  ? 5.201   -7.789  -5.206  0.50 16.48 ? 72  ILE A CB  1 
ATOM   651  C  CB  B ILE A 1 73  ? 4.571   -7.523  -4.927  0.50 18.35 ? 72  ILE A CB  1 
ATOM   652  C  CG1 A ILE A 1 73  ? 3.837   -8.452  -5.498  0.50 15.91 ? 72  ILE A CG1 1 
ATOM   653  C  CG1 B ILE A 1 73  ? 5.063   -8.933  -4.635  0.50 20.69 ? 72  ILE A CG1 1 
ATOM   654  C  CG2 A ILE A 1 73  ? 5.156   -7.026  -3.900  0.50 18.19 ? 72  ILE A CG2 1 
ATOM   655  C  CG2 B ILE A 1 73  ? 3.054   -7.552  -5.134  0.50 17.38 ? 72  ILE A CG2 1 
ATOM   656  C  CD1 A ILE A 1 73  ? 3.332   -9.439  -4.407  0.50 17.14 ? 72  ILE A CD1 1 
ATOM   657  C  CD1 B ILE A 1 73  ? 4.523   -9.506  -3.372  0.50 20.48 ? 72  ILE A CD1 1 
ATOM   658  N  N   . VAL A 1 74  ? 3.716   -5.932  -7.592  1.00 15.16 ? 73  VAL A N   1 
ATOM   659  C  CA  . VAL A 1 74  ? 2.765   -4.918  -8.035  1.00 14.96 ? 73  VAL A CA  1 
ATOM   660  C  C   . VAL A 1 74  ? 1.358   -5.440  -7.766  1.00 15.45 ? 73  VAL A C   1 
ATOM   661  O  O   . VAL A 1 74  ? 1.061   -6.575  -8.171  1.00 15.99 ? 73  VAL A O   1 
ATOM   662  C  CB  . VAL A 1 74  ? 2.948   -4.612  -9.534  1.00 15.99 ? 73  VAL A CB  1 
ATOM   663  C  CG1 . VAL A 1 74  ? 1.935   -3.559  -10.003 1.00 17.32 ? 73  VAL A CG1 1 
ATOM   664  C  CG2 . VAL A 1 74  ? 4.424   -4.188  -9.856  1.00 17.56 ? 73  VAL A CG2 1 
ATOM   665  N  N   . ILE A 1 75  ? 0.548   -4.678  -7.065  1.00 15.71 ? 74  ILE A N   1 
ATOM   666  C  CA  . ILE A 1 75  ? -0.849  -5.022  -6.785  1.00 16.01 ? 74  ILE A CA  1 
ATOM   667  C  C   . ILE A 1 75  ? -1.737  -3.951  -7.379  1.00 16.52 ? 74  ILE A C   1 
ATOM   668  O  O   . ILE A 1 75  ? -1.531  -2.760  -7.124  1.00 17.35 ? 74  ILE A O   1 
ATOM   669  C  CB  . ILE A 1 75  ? -1.137  -5.141  -5.298  1.00 16.19 ? 74  ILE A CB  1 
ATOM   670  C  CG1 . ILE A 1 75  ? -0.196  -6.227  -4.710  1.00 22.09 ? 74  ILE A CG1 1 
ATOM   671  C  CG2 . ILE A 1 75  ? -2.675  -5.363  -5.029  1.00 19.24 ? 74  ILE A CG2 1 
ATOM   672  C  CD1 . ILE A 1 75  ? -0.543  -6.773  -3.305  1.00 27.99 ? 74  ILE A CD1 1 
ATOM   673  N  N   . GLU A 1 76  ? -2.689  -4.352  -8.193  1.00 14.79 ? 75  GLU A N   1 
ATOM   674  C  CA  . GLU A 1 76  ? -3.786  -3.498  -8.639  1.00 15.70 ? 75  GLU A CA  1 
ATOM   675  C  C   . GLU A 1 76  ? -5.000  -3.754  -7.819  1.00 17.40 ? 75  GLU A C   1 
ATOM   676  O  O   . GLU A 1 76  ? -5.274  -4.915  -7.497  1.00 17.42 ? 75  GLU A O   1 
ATOM   677  C  CB  . GLU A 1 76  ? -4.128  -3.810  -10.088 1.00 16.47 ? 75  GLU A CB  1 
ATOM   678  C  CG  . GLU A 1 76  ? -2.975  -3.579  -11.088 1.00 16.79 ? 75  GLU A CG  1 
ATOM   679  C  CD  . GLU A 1 76  ? -3.441  -3.839  -12.513 1.00 18.67 ? 75  GLU A CD  1 
ATOM   680  O  OE1 . GLU A 1 76  ? -4.198  -2.992  -13.067 1.00 19.74 ? 75  GLU A OE1 1 
ATOM   681  O  OE2 . GLU A 1 76  ? -3.084  -4.908  -13.071 1.00 19.79 ? 75  GLU A OE2 1 
ATOM   682  N  N   . GLY A 1 77  ? -5.788  -2.741  -7.563  1.00 15.43 ? 76  GLY A N   1 
ATOM   683  C  CA  . GLY A 1 77  ? -7.046  -2.924  -6.873  1.00 15.13 ? 76  GLY A CA  1 
ATOM   684  C  C   . GLY A 1 77  ? -7.924  -1.703  -6.899  1.00 15.85 ? 76  GLY A C   1 
ATOM   685  O  O   . GLY A 1 77  ? -7.613  -0.731  -7.616  1.00 16.12 ? 76  GLY A O   1 
ATOM   686  N  N   . LYS A 1 78  ? -9.008  -1.754  -6.123  1.00 15.73 ? 77  LYS A N   1 
ATOM   687  C  CA  . LYS A 1 78  ? -9.941  -0.642  -6.067  1.00 16.99 ? 77  LYS A CA  1 
ATOM   688  C  C   . LYS A 1 78  ? -10.347 -0.353  -4.637  1.00 16.97 ? 77  LYS A C   1 
ATOM   689  O  O   . LYS A 1 78  ? -10.476 -1.259  -3.801  1.00 17.38 ? 77  LYS A O   1 
ATOM   690  C  CB  . LYS A 1 78  ? -11.169 -0.922  -6.948  1.00 20.51 ? 77  LYS A CB  1 
ATOM   691  C  CG  . LYS A 1 78  ? -10.821 -1.229  -8.425  1.00 26.61 ? 77  LYS A CG  1 
ATOM   692  N  N   . CYS A 1 79  ? -10.523 0.924   -4.335  1.00 17.33 ? 78  CYS A N   1 
ATOM   693  C  CA  . CYS A 1 79  ? -11.008 1.370   -3.043  1.00 17.09 ? 78  CYS A CA  1 
ATOM   694  C  C   . CYS A 1 79  ? -12.354 2.081   -3.181  1.00 16.25 ? 78  CYS A C   1 
ATOM   695  O  O   . CYS A 1 79  ? -12.440 3.166   -3.807  1.00 17.06 ? 78  CYS A O   1 
ATOM   696  C  CB  . CYS A 1 79  ? -10.036 2.356   -2.475  1.00 17.14 ? 78  CYS A CB  1 
ATOM   697  S  SG  . CYS A 1 79  ? -10.484 3.100   -0.880  1.00 20.96 ? 78  CYS A SG  1 
ATOM   698  N  N   . ARG A 1 80  ? -13.402 1.485   -2.614  1.00 15.82 ? 79  ARG A N   1 
ATOM   699  C  CA  . ARG A 1 80  ? -14.752 2.034   -2.616  1.00 14.40 ? 79  ARG A CA  1 
ATOM   700  C  C   . ARG A 1 80  ? -14.918 2.931   -1.419  1.00 16.71 ? 79  ARG A C   1 
ATOM   701  O  O   . ARG A 1 80  ? -14.651 2.527   -0.276  1.00 17.12 ? 79  ARG A O   1 
ATOM   702  C  CB  . ARG A 1 80  ? -15.797 0.914   -2.527  1.00 14.63 ? 79  ARG A CB  1 
ATOM   703  C  CG  . ARG A 1 80  ? -17.236 1.379   -2.564  1.00 14.78 ? 79  ARG A CG  1 
ATOM   704  C  CD  . ARG A 1 80  ? -18.166 0.169   -2.391  1.00 19.45 ? 79  ARG A CD  1 
ATOM   705  N  NE  . ARG A 1 80  ? -19.569 0.574   -2.345  1.00 17.75 ? 79  ARG A NE  1 
ATOM   706  C  CZ  . ARG A 1 80  ? -20.403 0.356   -1.339  1.00 16.17 ? 79  ARG A CZ  1 
ATOM   707  N  NH1 . ARG A 1 80  ? -20.061 -0.292  -0.258  1.00 15.88 ? 79  ARG A NH1 1 
ATOM   708  N  NH2 . ARG A 1 80  ? -21.616 0.824   -1.473  1.00 14.99 ? 79  ARG A NH2 1 
ATOM   709  N  N   . TYR A 1 81  ? -15.351 4.172   -1.660  1.00 16.69 ? 80  TYR A N   1 
ATOM   710  C  CA  . TYR A 1 81  ? -15.549 5.121   -0.572  1.00 16.75 ? 80  TYR A CA  1 
ATOM   711  C  C   . TYR A 1 81  ? -16.724 6.001   -0.959  1.00 16.93 ? 80  TYR A C   1 
ATOM   712  O  O   . TYR A 1 81  ? -17.349 5.773   -1.973  1.00 15.37 ? 80  TYR A O   1 
ATOM   713  C  CB  . TYR A 1 81  ? -14.263 5.897   -0.357  1.00 18.82 ? 80  TYR A CB  1 
ATOM   714  C  CG  . TYR A 1 81  ? -13.983 6.883   -1.429  1.00 20.15 ? 80  TYR A CG  1 
ATOM   715  C  CD1 . TYR A 1 81  ? -13.490 6.472   -2.698  1.00 27.33 ? 80  TYR A CD1 1 
ATOM   716  C  CD2 . TYR A 1 81  ? -14.195 8.231   -1.226  1.00 22.12 ? 80  TYR A CD2 1 
ATOM   717  C  CE1 . TYR A 1 81  ? -13.261 7.368   -3.705  1.00 26.48 ? 80  TYR A CE1 1 
ATOM   718  C  CE2 . TYR A 1 81  ? -13.997 9.143   -2.269  1.00 26.85 ? 80  TYR A CE2 1 
ATOM   719  C  CZ  . TYR A 1 81  ? -13.510 8.708   -3.490  1.00 34.01 ? 80  TYR A CZ  1 
ATOM   720  O  OH  . TYR A 1 81  ? -13.326 9.620   -4.501  1.00 33.42 ? 80  TYR A OH  1 
ATOM   721  N  N   A PHE A 1 82  ? -16.995 7.030   -0.167  0.41 20.75 ? 81  PHE A N   1 
ATOM   722  N  N   B PHE A 1 82  ? -17.125 6.922   -0.085  0.59 19.29 ? 81  PHE A N   1 
ATOM   723  C  CA  A PHE A 1 82  ? -18.142 7.893   -0.411  0.41 23.83 ? 81  PHE A CA  1 
ATOM   724  C  CA  B PHE A 1 82  ? -18.250 7.818   -0.389  0.59 22.75 ? 81  PHE A CA  1 
ATOM   725  C  C   A PHE A 1 82  ? -17.730 9.350   -0.607  0.41 24.46 ? 81  PHE A C   1 
ATOM   726  C  C   B PHE A 1 82  ? -17.774 9.295   -0.596  0.59 23.49 ? 81  PHE A C   1 
ATOM   727  O  O   A PHE A 1 82  ? -16.979 9.884   0.193   0.41 30.14 ? 81  PHE A O   1 
ATOM   728  O  O   B PHE A 1 82  ? -17.013 9.769   0.236   0.59 29.21 ? 81  PHE A O   1 
ATOM   729  C  CB  A PHE A 1 82  ? -19.159 7.641   0.698   0.41 20.26 ? 81  PHE A CB  1 
ATOM   730  C  CB  B PHE A 1 82  ? -19.354 7.608   0.672   0.59 20.35 ? 81  PHE A CB  1 
ATOM   731  C  CG  A PHE A 1 82  ? -19.673 6.247   0.637   0.41 18.87 ? 81  PHE A CG  1 
ATOM   732  C  CG  B PHE A 1 82  ? -20.188 6.342   0.430   0.59 14.43 ? 81  PHE A CG  1 
ATOM   733  C  CD1 A PHE A 1 82  ? -18.944 5.210   1.199   0.41 14.55 ? 81  PHE A CD1 1 
ATOM   734  C  CD1 B PHE A 1 82  ? -21.349 6.391   -0.342  0.59 16.85 ? 81  PHE A CD1 1 
ATOM   735  C  CD2 A PHE A 1 82  ? -20.792 5.943   -0.099  0.41 11.95 ? 81  PHE A CD2 1 
ATOM   736  C  CD2 B PHE A 1 82  ? -19.766 5.112   0.924   0.59 20.25 ? 81  PHE A CD2 1 
ATOM   737  C  CE1 A PHE A 1 82  ? -19.356 3.923   1.056   0.41 17.90 ? 81  PHE A CE1 1 
ATOM   738  C  CE1 B PHE A 1 82  ? -22.102 5.210   -0.613  0.59 12.98 ? 81  PHE A CE1 1 
ATOM   739  C  CE2 A PHE A 1 82  ? -21.199 4.620   -0.241  0.41 10.58 ? 81  PHE A CE2 1 
ATOM   740  C  CE2 B PHE A 1 82  ? -20.489 3.952   0.667   0.59 18.27 ? 81  PHE A CE2 1 
ATOM   741  C  CZ  A PHE A 1 82  ? -20.490 3.630   0.354   0.41 13.47 ? 81  PHE A CZ  1 
ATOM   742  C  CZ  B PHE A 1 82  ? -21.656 3.999   -0.099  0.59 20.33 ? 81  PHE A CZ  1 
ATOM   743  N  N   . ASP A 1 83  ? -18.221 9.935   -1.699  1.00 29.58 ? 82  ASP A N   1 
ATOM   744  C  CA  . ASP A 1 83  ? -17.875 11.345  -2.138  1.00 32.14 ? 82  ASP A CA  1 
ATOM   745  C  C   . ASP A 1 83  ? -18.663 12.424  -1.385  1.00 34.60 ? 82  ASP A C   1 
ATOM   746  O  O   . ASP A 1 83  ? -19.361 12.119  -0.401  1.00 37.24 ? 82  ASP A O   1 
ATOM   747  C  CB  . ASP A 1 83  ? -18.023 11.556  -3.675  1.00 31.14 ? 82  ASP A CB  1 
ATOM   748  C  CG  . ASP A 1 83  ? -19.449 11.493  -4.170  1.00 40.08 ? 82  ASP A CG  1 
ATOM   749  O  OD1 . ASP A 1 83  ? -20.427 11.624  -3.376  1.00 39.40 ? 82  ASP A OD1 1 
ATOM   750  O  OD2 . ASP A 1 83  ? -19.619 11.304  -5.397  1.00 43.96 ? 82  ASP A OD2 1 
ATOM   751  N  N   . ALA A 1 84  ? -18.534 13.681  -1.827  1.00 35.51 ? 83  ALA A N   1 
ATOM   752  C  CA  . ALA A 1 84  ? -19.122 14.860  -1.145  1.00 34.28 ? 83  ALA A CA  1 
ATOM   753  C  C   . ALA A 1 84  ? -20.628 14.867  -1.106  1.00 33.94 ? 83  ALA A C   1 
ATOM   754  O  O   . ALA A 1 84  ? -21.222 15.382  -0.185  1.00 38.22 ? 83  ALA A O   1 
ATOM   755  C  CB  . ALA A 1 84  ? -18.632 16.154  -1.842  1.00 37.59 ? 83  ALA A CB  1 
ATOM   756  N  N   . GLU A 1 85  ? -21.241 14.347  -2.152  1.00 35.75 ? 84  GLU A N   1 
ATOM   757  C  CA  . GLU A 1 85  ? -22.683 14.149  -2.196  1.00 35.93 ? 84  GLU A CA  1 
ATOM   758  C  C   . GLU A 1 85  ? -23.094 12.948  -1.342  1.00 32.18 ? 84  GLU A C   1 
ATOM   759  O  O   . GLU A 1 85  ? -24.272 12.552  -1.385  1.00 33.38 ? 84  GLU A O   1 
ATOM   760  C  CB  . GLU A 1 85  ? -23.152 13.927  -3.658  1.00 38.34 ? 84  GLU A CB  1 
ATOM   761  C  CG  . GLU A 1 85  ? -23.574 15.197  -4.421  1.00 47.13 ? 84  GLU A CG  1 
ATOM   762  C  CD  . GLU A 1 85  ? -22.568 16.336  -4.306  1.00 58.15 ? 84  GLU A CD  1 
ATOM   763  O  OE1 . GLU A 1 85  ? -21.341 16.069  -4.318  1.00 64.26 ? 84  GLU A OE1 1 
ATOM   764  O  OE2 . GLU A 1 85  ? -23.015 17.504  -4.208  1.00 64.52 ? 84  GLU A OE2 1 
ATOM   765  N  N   . GLY A 1 86  ? -22.131 12.361  -0.609  1.00 32.61 ? 85  GLY A N   1 
ATOM   766  C  CA  . GLY A 1 86  ? -22.313 11.115  0.121   1.00 27.67 ? 85  GLY A CA  1 
ATOM   767  C  C   . GLY A 1 86  ? -22.591 9.969   -0.814  1.00 23.31 ? 85  GLY A C   1 
ATOM   768  O  O   . GLY A 1 86  ? -23.244 9.015   -0.455  1.00 21.42 ? 85  GLY A O   1 
ATOM   769  N  N   . LYS A 1 87  ? -22.007 10.020  -2.019  1.00 24.77 ? 86  LYS A N   1 
ATOM   770  C  CA  . LYS A 1 87  ? -22.285 9.039   -3.039  1.00 21.08 ? 86  LYS A CA  1 
ATOM   771  C  C   . LYS A 1 87  ? -21.022 8.174   -3.271  1.00 18.49 ? 86  LYS A C   1 
ATOM   772  O  O   . LYS A 1 87  ? -19.914 8.606   -3.085  1.00 21.20 ? 86  LYS A O   1 
ATOM   773  C  CB  . LYS A 1 87  ? -22.726 9.714   -4.356  1.00 25.74 ? 86  LYS A CB  1 
ATOM   774  N  N   . GLU A 1 88  ? -21.301 6.935   -3.639  1.00 19.72 ? 87  GLU A N   1 
ATOM   775  C  CA  . GLU A 1 88  ? -20.311 5.935   -3.871  1.00 20.29 ? 87  GLU A CA  1 
ATOM   776  C  C   . GLU A 1 88  ? -19.333 6.410   -4.921  1.00 19.02 ? 87  GLU A C   1 
ATOM   777  O  O   . GLU A 1 88  ? -19.735 6.930   -5.947  1.00 22.64 ? 87  GLU A O   1 
ATOM   778  C  CB  . GLU A 1 88  ? -21.016 4.746   -4.404  1.00 22.11 ? 87  GLU A CB  1 
ATOM   779  C  CG  . GLU A 1 88  ? -20.257 3.589   -4.493  1.00 26.85 ? 87  GLU A CG  1 
ATOM   780  C  CD  . GLU A 1 88  ? -21.075 2.457   -5.101  1.00 18.77 ? 87  GLU A CD  1 
ATOM   781  O  OE1 . GLU A 1 88  ? -21.727 2.664   -6.147  1.00 33.61 ? 87  GLU A OE1 1 
ATOM   782  O  OE2 . GLU A 1 88  ? -20.977 1.335   -4.566  1.00 21.45 ? 87  GLU A OE2 1 
ATOM   783  N  N   . ALA A 1 89  ? -18.080 6.147   -4.686  1.00 15.46 ? 88  ALA A N   1 
ATOM   784  C  CA  . ALA A 1 89  ? -16.986 6.520   -5.588  1.00 17.64 ? 88  ALA A CA  1 
ATOM   785  C  C   . ALA A 1 89  ? -15.920 5.424   -5.496  1.00 17.85 ? 88  ALA A C   1 
ATOM   786  O  O   . ALA A 1 89  ? -15.826 4.718   -4.501  1.00 16.59 ? 88  ALA A O   1 
ATOM   787  C  CB  . ALA A 1 89  ? -16.389 7.872   -5.182  1.00 23.32 ? 88  ALA A CB  1 
ATOM   788  N  N   . PHE A 1 90  ? -15.041 5.343   -6.478  1.00 18.03 ? 89  PHE A N   1 
ATOM   789  C  CA  . PHE A 1 90  ? -14.017 4.314   -6.507  1.00 18.04 ? 89  PHE A CA  1 
ATOM   790  C  C   . PHE A 1 90  ? -12.688 4.912   -6.919  1.00 20.64 ? 89  PHE A C   1 
ATOM   791  O  O   . PHE A 1 90  ? -12.648 5.657   -7.901  1.00 22.02 ? 89  PHE A O   1 
ATOM   792  C  CB  A PHE A 1 90  ? -14.424 3.261   -7.542  0.43 19.84 ? 89  PHE A CB  1 
ATOM   793  C  CB  B PHE A 1 90  ? -14.358 3.123   -7.446  0.57 20.54 ? 89  PHE A CB  1 
ATOM   794  C  CG  A PHE A 1 90  ? -15.733 2.597   -7.236  0.43 16.62 ? 89  PHE A CG  1 
ATOM   795  C  CG  B PHE A 1 90  ? -15.440 2.196   -6.909  0.57 16.89 ? 89  PHE A CG  1 
ATOM   796  C  CD1 A PHE A 1 90  ? -16.947 3.155   -7.631  0.43 19.56 ? 89  PHE A CD1 1 
ATOM   797  C  CD1 B PHE A 1 90  ? -15.138 1.027   -6.205  0.57 17.53 ? 89  PHE A CD1 1 
ATOM   798  C  CD2 A PHE A 1 90  ? -15.745 1.413   -6.524  0.43 16.51 ? 89  PHE A CD2 1 
ATOM   799  C  CD2 B PHE A 1 90  ? -16.769 2.502   -7.137  0.57 20.10 ? 89  PHE A CD2 1 
ATOM   800  C  CE1 A PHE A 1 90  ? -18.151 2.528   -7.308  0.43 20.33 ? 89  PHE A CE1 1 
ATOM   801  C  CE1 B PHE A 1 90  ? -16.167 0.204   -5.740  0.57 22.56 ? 89  PHE A CE1 1 
ATOM   802  C  CE2 A PHE A 1 90  ? -16.927 0.782   -6.228  0.43 14.40 ? 89  PHE A CE2 1 
ATOM   803  C  CE2 B PHE A 1 90  ? -17.786 1.680   -6.670  0.57 20.47 ? 89  PHE A CE2 1 
ATOM   804  C  CZ  A PHE A 1 90  ? -18.129 1.333   -6.611  0.43 18.18 ? 89  PHE A CZ  1 
ATOM   805  C  CZ  B PHE A 1 90  ? -17.487 0.539   -5.973  0.57 21.59 ? 89  PHE A CZ  1 
ATOM   806  N  N   . VAL A 1 91  ? -11.635 4.625   -6.170  1.00 17.11 ? 90  VAL A N   1 
ATOM   807  C  CA  . VAL A 1 91  ? -10.267 4.963   -6.565  1.00 17.07 ? 90  VAL A CA  1 
ATOM   808  C  C   . VAL A 1 91  ? -9.637  3.658   -7.048  1.00 18.29 ? 90  VAL A C   1 
ATOM   809  O  O   . VAL A 1 91  ? -9.638  2.669   -6.311  1.00 20.81 ? 90  VAL A O   1 
ATOM   810  C  CB  . VAL A 1 91  ? -9.458  5.508   -5.411  1.00 19.09 ? 90  VAL A CB  1 
ATOM   811  C  CG1 . VAL A 1 91  ? -7.912  5.472   -5.717  1.00 20.38 ? 90  VAL A CG1 1 
ATOM   812  C  CG2 . VAL A 1 91  ? -9.941  6.912   -5.042  1.00 23.91 ? 90  VAL A CG2 1 
ATOM   813  N  N   . SER A 1 92  ? -9.079  3.662   -8.263  1.00 16.59 ? 91  SER A N   1 
ATOM   814  C  CA  . SER A 1 92  ? -8.344  2.558   -8.804  1.00 17.06 ? 91  SER A CA  1 
ATOM   815  C  C   . SER A 1 92  ? -6.881  2.770   -8.442  1.00 16.31 ? 91  SER A C   1 
ATOM   816  O  O   . SER A 1 92  ? -6.341  3.862   -8.704  1.00 17.87 ? 91  SER A O   1 
ATOM   817  C  CB  . SER A 1 92  ? -8.490  2.517   -10.328 1.00 17.02 ? 91  SER A CB  1 
ATOM   818  O  OG  . SER A 1 92  ? -9.829  2.170   -10.707 1.00 19.99 ? 91  SER A OG  1 
ATOM   819  N  N   . TYR A 1 93  ? -6.250  1.769   -7.855  1.00 15.25 ? 92  TYR A N   1 
ATOM   820  C  CA  . TYR A 1 93  ? -4.858  1.888   -7.445  1.00 15.50 ? 92  TYR A CA  1 
ATOM   821  C  C   . TYR A 1 93  ? -3.945  0.814   -8.000  1.00 15.60 ? 92  TYR A C   1 
ATOM   822  O  O   . TYR A 1 93  ? -4.339  -0.314  -8.269  1.00 16.58 ? 92  TYR A O   1 
ATOM   823  C  CB  . TYR A 1 93  ? -4.716  1.937   -5.877  1.00 16.12 ? 92  TYR A CB  1 
ATOM   824  C  CG  . TYR A 1 93  ? -5.284  0.759   -5.133  1.00 16.01 ? 92  TYR A CG  1 
ATOM   825  C  CD1 . TYR A 1 93  ? -4.581  -0.452  -4.989  1.00 15.57 ? 92  TYR A CD1 1 
ATOM   826  C  CD2 . TYR A 1 93  ? -6.520  0.855   -4.513  1.00 18.26 ? 92  TYR A CD2 1 
ATOM   827  C  CE1 . TYR A 1 93  ? -5.135  -1.517  -4.305  1.00 14.95 ? 92  TYR A CE1 1 
ATOM   828  C  CE2 . TYR A 1 93  ? -7.040  -0.186  -3.780  1.00 16.64 ? 92  TYR A CE2 1 
ATOM   829  C  CZ  . TYR A 1 93  ? -6.371  -1.376  -3.676  1.00 16.33 ? 92  TYR A CZ  1 
ATOM   830  O  OH  . TYR A 1 93  ? -6.970  -2.413  -2.964  1.00 17.09 ? 92  TYR A OH  1 
ATOM   831  N  N   . CYS A 1 94  ? -2.699  1.219   -8.171  1.00 15.09 ? 93  CYS A N   1 
ATOM   832  C  CA  . CYS A 1 94  ? -1.613  0.325   -8.499  1.00 16.46 ? 93  CYS A CA  1 
ATOM   833  C  C   . CYS A 1 94  ? -0.481  0.646   -7.504  1.00 15.40 ? 93  CYS A C   1 
ATOM   834  O  O   . CYS A 1 94  ? 0.053   1.744   -7.516  1.00 15.12 ? 93  CYS A O   1 
ATOM   835  C  CB  . CYS A 1 94  ? -1.149  0.529   -9.941  1.00 15.53 ? 93  CYS A CB  1 
ATOM   836  S  SG  . CYS A 1 94  ? 0.270   -0.532  -10.357 1.00 18.86 ? 93  CYS A SG  1 
ATOM   837  N  N   . ASP A 1 95  ? -0.152  -0.330  -6.657  1.00 14.71 ? 94  ASP A N   1 
ATOM   838  C  CA  . ASP A 1 95  ? 0.884   -0.219  -5.628  1.00 14.66 ? 94  ASP A CA  1 
ATOM   839  C  C   . ASP A 1 95  ? 2.059   -1.079  -6.009  1.00 14.45 ? 94  ASP A C   1 
ATOM   840  O  O   . ASP A 1 95  ? 1.919   -2.283  -6.246  1.00 14.96 ? 94  ASP A O   1 
ATOM   841  C  CB  . ASP A 1 95  ? 0.364   -0.648  -4.266  1.00 15.03 ? 94  ASP A CB  1 
ATOM   842  C  CG  . ASP A 1 95  ? -0.783  0.204   -3.757  1.00 16.22 ? 94  ASP A CG  1 
ATOM   843  O  OD1 . ASP A 1 95  ? -0.817  1.431   -3.976  1.00 16.04 ? 94  ASP A OD1 1 
ATOM   844  O  OD2 . ASP A 1 95  ? -1.721  -0.367  -3.064  1.00 16.73 ? 94  ASP A OD2 1 
ATOM   845  N  N   . ILE A 1 96  ? 3.252   -0.477  -6.018  1.00 15.13 ? 95  ILE A N   1 
ATOM   846  C  CA  . ILE A 1 96  ? 4.487   -1.150  -6.418  1.00 14.53 ? 95  ILE A CA  1 
ATOM   847  C  C   . ILE A 1 96  ? 5.438   -1.201  -5.217  1.00 14.59 ? 95  ILE A C   1 
ATOM   848  O  O   . ILE A 1 96  ? 5.764   -0.151  -4.641  1.00 16.03 ? 95  ILE A O   1 
ATOM   849  C  CB  . ILE A 1 96  ? 5.180   -0.398  -7.579  1.00 14.79 ? 95  ILE A CB  1 
ATOM   850  C  CG1 . ILE A 1 96  ? 4.238   -0.270  -8.756  1.00 14.97 ? 95  ILE A CG1 1 
ATOM   851  C  CG2 . ILE A 1 96  ? 6.511   -1.076  -7.961  1.00 14.56 ? 95  ILE A CG2 1 
ATOM   852  C  CD1 . ILE A 1 96  ? 4.787   0.570   -9.945  1.00 18.21 ? 95  ILE A CD1 1 
ATOM   853  N  N   . TYR A 1 97  ? 5.824   -2.410  -4.809  1.00 14.78 ? 96  TYR A N   1 
ATOM   854  C  CA  . TYR A 1 97  ? 6.689   -2.604  -3.652  1.00 15.19 ? 96  TYR A CA  1 
ATOM   855  C  C   . TYR A 1 97  ? 8.045   -3.058  -4.082  1.00 16.26 ? 96  TYR A C   1 
ATOM   856  O  O   . TYR A 1 97  ? 8.158   -3.971  -4.895  1.00 16.63 ? 96  TYR A O   1 
ATOM   857  C  CB  . TYR A 1 97  ? 6.085   -3.676  -2.714  1.00 16.12 ? 96  TYR A CB  1 
ATOM   858  C  CG  . TYR A 1 97  ? 4.692   -3.367  -2.197  1.00 14.91 ? 96  TYR A CG  1 
ATOM   859  C  CD1 . TYR A 1 97  ? 3.567   -3.612  -2.983  1.00 15.68 ? 96  TYR A CD1 1 
ATOM   860  C  CD2 . TYR A 1 97  ? 4.484   -2.817  -0.941  1.00 16.18 ? 96  TYR A CD2 1 
ATOM   861  C  CE1 . TYR A 1 97  ? 2.306   -3.296  -2.575  1.00 16.16 ? 96  TYR A CE1 1 
ATOM   862  C  CE2 . TYR A 1 97  ? 3.234   -2.499  -0.516  1.00 16.88 ? 96  TYR A CE2 1 
ATOM   863  C  CZ  . TYR A 1 97  ? 2.128   -2.759  -1.320  1.00 16.01 ? 96  TYR A CZ  1 
ATOM   864  O  OH  . TYR A 1 97  ? 0.877   -2.401  -0.911  1.00 17.29 ? 96  TYR A OH  1 
ATOM   865  N  N   . ARG A 1 98  ? 9.075   -2.441  -3.542  1.00 18.33 ? 97  ARG A N   1 
ATOM   866  C  CA  . ARG A 1 98  ? 10.433  -2.953  -3.696  1.00 19.77 ? 97  ARG A CA  1 
ATOM   867  C  C   . ARG A 1 98  ? 10.883  -3.363  -2.325  1.00 16.78 ? 97  ARG A C   1 
ATOM   868  O  O   . ARG A 1 98  ? 10.893  -2.569  -1.378  1.00 17.49 ? 97  ARG A O   1 
ATOM   869  C  CB  . ARG A 1 98  ? 11.391  -1.912  -4.236  1.00 19.81 ? 97  ARG A CB  1 
ATOM   870  C  CG  . ARG A 1 98  ? 12.836  -2.460  -4.452  1.00 27.04 ? 97  ARG A CG  1 
ATOM   871  C  CD  . ARG A 1 98  ? 13.841  -1.421  -4.973  1.00 24.99 ? 97  ARG A CD  1 
ATOM   872  N  N   . PHE A 1 99  ? 11.269  -4.631  -2.211  1.00 20.45 ? 98  PHE A N   1 
ATOM   873  C  CA  . PHE A 1 99  ? 11.722  -5.165  -0.990  1.00 19.90 ? 98  PHE A CA  1 
ATOM   874  C  C   . PHE A 1 99  ? 13.255  -5.180  -0.925  1.00 20.94 ? 98  PHE A C   1 
ATOM   875  O  O   . PHE A 1 99  ? 13.950  -5.120  -1.955  1.00 21.26 ? 98  PHE A O   1 
ATOM   876  C  CB  . PHE A 1 99  ? 11.213  -6.607  -0.813  1.00 21.88 ? 98  PHE A CB  1 
ATOM   877  C  CG  . PHE A 1 99  ? 9.728   -6.698  -0.749  1.00 23.96 ? 98  PHE A CG  1 
ATOM   878  C  CD1 . PHE A 1 99  ? 9.070   -6.582  0.451   1.00 28.12 ? 98  PHE A CD1 1 
ATOM   879  C  CD2 . PHE A 1 99  ? 8.997   -6.909  -1.902  1.00 24.20 ? 98  PHE A CD2 1 
ATOM   880  C  CE1 . PHE A 1 99  ? 7.683   -6.650  0.489   1.00 26.75 ? 98  PHE A CE1 1 
ATOM   881  C  CE2 . PHE A 1 99  ? 7.653   -6.985  -1.859  1.00 30.70 ? 98  PHE A CE2 1 
ATOM   882  C  CZ  . PHE A 1 99  ? 6.997   -6.833  -0.660  1.00 21.16 ? 98  PHE A CZ  1 
ATOM   883  N  N   . GLU A 1 100 ? 13.748  -5.138  0.298   1.00 19.53 ? 99  GLU A N   1 
ATOM   884  C  CA  . GLU A 1 100 ? 15.169  -5.371  0.583   1.00 19.68 ? 99  GLU A CA  1 
ATOM   885  C  C   . GLU A 1 100 ? 15.070  -6.538  1.524   1.00 19.47 ? 99  GLU A C   1 
ATOM   886  O  O   . GLU A 1 100 ? 14.786  -6.355  2.713   1.00 16.93 ? 99  GLU A O   1 
ATOM   887  C  CB  . GLU A 1 100 ? 15.826  -4.175  1.227   1.00 21.03 ? 99  GLU A CB  1 
ATOM   888  C  CG  . GLU A 1 100 ? 17.322  -4.347  1.442   1.00 27.38 ? 99  GLU A CG  1 
ATOM   889  C  CD  . GLU A 1 100 ? 17.951  -3.083  2.007   1.00 28.96 ? 99  GLU A CD  1 
ATOM   890  O  OE1 . GLU A 1 100 ? 18.011  -2.090  1.241   1.00 45.92 ? 99  GLU A OE1 1 
ATOM   891  O  OE2 . GLU A 1 100 ? 18.341  -3.081  3.201   1.00 39.18 ? 99  GLU A OE2 1 
ATOM   892  N  N   . ASN A 1 101 ? 15.280  -7.734  0.952   1.00 20.34 ? 100 ASN A N   1 
ATOM   893  C  CA  . ASN A 1 101 ? 15.051  -9.009  1.616   1.00 22.10 ? 100 ASN A CA  1 
ATOM   894  C  C   . ASN A 1 101 ? 13.634  -9.033  2.195   1.00 22.34 ? 100 ASN A C   1 
ATOM   895  O  O   . ASN A 1 101 ? 12.717  -8.916  1.407   1.00 22.17 ? 100 ASN A O   1 
ATOM   896  C  CB  . ASN A 1 101 ? 16.148  -9.278  2.609   1.00 20.64 ? 100 ASN A CB  1 
ATOM   897  C  CG  . ASN A 1 101 ? 17.496  -9.374  1.936   1.00 26.98 ? 100 ASN A CG  1 
ATOM   898  O  OD1 . ASN A 1 101 ? 17.585  -9.841  0.787   1.00 19.12 ? 100 ASN A OD1 1 
ATOM   899  N  ND2 . ASN A 1 101 ? 18.559  -8.940  2.632   1.00 21.62 ? 100 ASN A ND2 1 
ATOM   900  N  N   . ASP A 1 102 ? 13.454  -9.105  3.518   1.00 21.85 ? 101 ASP A N   1 
ATOM   901  C  CA  . ASP A 1 102 ? 12.084  -9.126  4.099   1.00 23.13 ? 101 ASP A CA  1 
ATOM   902  C  C   . ASP A 1 102 ? 11.536  -7.763  4.597   1.00 24.28 ? 101 ASP A C   1 
ATOM   903  O  O   . ASP A 1 102 ? 10.497  -7.716  5.257   1.00 26.51 ? 101 ASP A O   1 
ATOM   904  C  CB  . ASP A 1 102 ? 12.008  -10.166 5.198   1.00 25.93 ? 101 ASP A CB  1 
ATOM   905  C  CG  . ASP A 1 102 ? 13.026  -9.946  6.267   1.00 32.04 ? 101 ASP A CG  1 
ATOM   906  O  OD1 . ASP A 1 102 ? 14.028  -9.233  5.998   1.00 32.12 ? 101 ASP A OD1 1 
ATOM   907  O  OD2 . ASP A 1 102 ? 12.839  -10.509 7.367   1.00 46.36 ? 101 ASP A OD2 1 
ATOM   908  N  N   . THR A 1 103 ? 12.180  -6.659  4.226   1.00 18.59 ? 102 THR A N   1 
ATOM   909  C  CA  . THR A 1 103 ? 11.697  -5.349  4.598   1.00 18.92 ? 102 THR A CA  1 
ATOM   910  C  C   . THR A 1 103 ? 11.159  -4.653  3.357   1.00 17.52 ? 102 THR A C   1 
ATOM   911  O  O   . THR A 1 103 ? 11.619  -4.934  2.243   1.00 18.65 ? 102 THR A O   1 
ATOM   912  C  CB  . THR A 1 103 ? 12.778  -4.472  5.272   1.00 17.97 ? 102 THR A CB  1 
ATOM   913  O  OG1 . THR A 1 103 ? 13.757  -4.069  4.293   1.00 20.71 ? 102 THR A OG1 1 
ATOM   914  C  CG2 . THR A 1 103 ? 13.410  -5.267  6.469   1.00 20.55 ? 102 THR A CG2 1 
ATOM   915  N  N   . ILE A 1 104 ? 10.187  -3.772  3.567   1.00 15.80 ? 103 ILE A N   1 
ATOM   916  C  CA  . ILE A 1 104 ? 9.675   -2.928  2.462   1.00 16.68 ? 103 ILE A CA  1 
ATOM   917  C  C   . ILE A 1 104 ? 10.621  -1.762  2.372   1.00 16.54 ? 103 ILE A C   1 
ATOM   918  O  O   . ILE A 1 104 ? 10.725  -0.966  3.335   1.00 16.85 ? 103 ILE A O   1 
ATOM   919  C  CB  . ILE A 1 104 ? 8.276   -2.382  2.690   1.00 16.09 ? 103 ILE A CB  1 
ATOM   920  C  CG1 . ILE A 1 104 ? 7.259   -3.515  2.948   1.00 20.39 ? 103 ILE A CG1 1 
ATOM   921  C  CG2 . ILE A 1 104 ? 7.876   -1.534  1.499   1.00 16.40 ? 103 ILE A CG2 1 
ATOM   922  C  CD1 . ILE A 1 104 ? 5.857   -2.960  3.308   1.00 20.58 ? 103 ILE A CD1 1 
ATOM   923  N  N   . LYS A 1 105 ? 11.286  -1.621  1.233   1.00 18.02 ? 104 LYS A N   1 
ATOM   924  C  CA  . LYS A 1 105 ? 12.199  -0.524  1.008   1.00 15.99 ? 104 LYS A CA  1 
ATOM   925  C  C   . LYS A 1 105 ? 11.509  0.709   0.416   1.00 16.59 ? 104 LYS A C   1 
ATOM   926  O  O   . LYS A 1 105 ? 11.697  1.857   0.868   1.00 15.76 ? 104 LYS A O   1 
ATOM   927  C  CB  . LYS A 1 105 ? 13.359  -0.978  0.115   1.00 18.03 ? 104 LYS A CB  1 
ATOM   928  C  CG  . LYS A 1 105 ? 14.483  -0.008  0.026   1.00 24.09 ? 104 LYS A CG  1 
ATOM   929  C  CD  . LYS A 1 105 ? 15.220  0.151   1.358   1.00 25.84 ? 104 LYS A CD  1 
ATOM   930  C  CE  . LYS A 1 105 ? 16.468  1.049   1.259   1.00 26.79 ? 104 LYS A CE  1 
ATOM   931  N  NZ  . LYS A 1 105 ? 17.467  0.471   0.322   1.00 36.86 ? 104 LYS A NZ  1 
ATOM   932  N  N   . THR A 1 106 ? 10.679  0.459   -0.585  1.00 14.46 ? 105 THR A N   1 
ATOM   933  C  CA  . THR A 1 106 ? 9.869   1.521   -1.197  1.00 14.82 ? 105 THR A CA  1 
ATOM   934  C  C   . THR A 1 106 ? 8.500   1.013   -1.562  1.00 15.81 ? 105 THR A C   1 
ATOM   935  O  O   . THR A 1 106 ? 8.326   -0.161  -1.898  1.00 14.99 ? 105 THR A O   1 
ATOM   936  C  CB  . THR A 1 106 ? 10.515  2.147   -2.444  1.00 17.87 ? 105 THR A CB  1 
ATOM   937  O  OG1 . THR A 1 106 ? 10.552  1.189   -3.495  1.00 19.86 ? 105 THR A OG1 1 
ATOM   938  C  CG2 . THR A 1 106 ? 11.940  2.630   -2.176  1.00 18.54 ? 105 THR A CG2 1 
ATOM   939  N  N   . ILE A 1 107 ? 7.515   1.921   -1.477  1.00 13.95 ? 106 ILE A N   1 
ATOM   940  C  CA  . ILE A 1 107 ? 6.166   1.735   -1.978  1.00 15.69 ? 106 ILE A CA  1 
ATOM   941  C  C   . ILE A 1 107 ? 5.896   2.909   -2.921  1.00 16.41 ? 106 ILE A C   1 
ATOM   942  O  O   . ILE A 1 107 ? 6.170   4.041   -2.551  1.00 15.80 ? 106 ILE A O   1 
ATOM   943  C  CB  . ILE A 1 107 ? 5.096   1.707   -0.868  1.00 15.36 ? 106 ILE A CB  1 
ATOM   944  C  CG1 . ILE A 1 107 ? 5.527   0.751   0.253   1.00 17.97 ? 106 ILE A CG1 1 
ATOM   945  C  CG2 . ILE A 1 107 ? 3.728   1.343   -1.522  1.00 15.65 ? 106 ILE A CG2 1 
ATOM   946  C  CD1 . ILE A 1 107 ? 4.580   0.754   1.454   1.00 16.44 ? 106 ILE A CD1 1 
ATOM   947  N  N   . THR A 1 108 ? 5.398   2.630   -4.133  1.00 15.03 ? 107 THR A N   1 
ATOM   948  C  CA  . THR A 1 108 ? 4.985   3.671   -5.081  1.00 16.03 ? 107 THR A CA  1 
ATOM   949  C  C   . THR A 1 108 ? 3.517   3.440   -5.421  1.00 15.96 ? 107 THR A C   1 
ATOM   950  O  O   . THR A 1 108 ? 3.183   2.334   -5.867  1.00 16.68 ? 107 THR A O   1 
ATOM   951  C  CB  . THR A 1 108 ? 5.845   3.624   -6.344  1.00 15.19 ? 107 THR A CB  1 
ATOM   952  O  OG1 . THR A 1 108 ? 7.244   3.689   -6.006  1.00 17.06 ? 107 THR A OG1 1 
ATOM   953  C  CG2 . THR A 1 108 ? 5.490   4.822   -7.279  1.00 17.50 ? 107 THR A CG2 1 
ATOM   954  N  N   . SER A 1 109 ? 2.649   4.420   -5.184  1.00 15.44 ? 108 SER A N   1 
ATOM   955  C  CA  . SER A 1 109 ? 1.210   4.211   -5.411  1.00 14.94 ? 108 SER A CA  1 
ATOM   956  C  C   . SER A 1 109 ? 0.674   5.193   -6.443  1.00 14.84 ? 108 SER A C   1 
ATOM   957  O  O   . SER A 1 109 ? 0.822   6.409   -6.300  1.00 14.95 ? 108 SER A O   1 
ATOM   958  C  CB  . SER A 1 109 ? 0.450   4.366   -4.118  1.00 17.12 ? 108 SER A CB  1 
ATOM   959  O  OG  . SER A 1 109 ? 0.820   3.410   -3.119  1.00 16.42 ? 108 SER A OG  1 
ATOM   960  N  N   . TYR A 1 110 ? 0.022   4.624   -7.463  1.00 14.79 ? 109 TYR A N   1 
ATOM   961  C  CA  . TYR A 1 110 ? -0.732  5.378   -8.476  1.00 13.92 ? 109 TYR A CA  1 
ATOM   962  C  C   . TYR A 1 110 ? -2.187  5.220   -8.150  1.00 15.76 ? 109 TYR A C   1 
ATOM   963  O  O   . TYR A 1 110 ? -2.715  4.118   -8.217  1.00 15.47 ? 109 TYR A O   1 
ATOM   964  C  CB  . TYR A 1 110 ? -0.448  4.818   -9.882  1.00 14.91 ? 109 TYR A CB  1 
ATOM   965  C  CG  . TYR A 1 110 ? 0.979   4.918   -10.318 1.00 13.19 ? 109 TYR A CG  1 
ATOM   966  C  CD1 . TYR A 1 110 ? 1.970   4.068   -9.832  1.00 14.66 ? 109 TYR A CD1 1 
ATOM   967  C  CD2 . TYR A 1 110 ? 1.359   5.829   -11.308 1.00 15.61 ? 109 TYR A CD2 1 
ATOM   968  C  CE1 . TYR A 1 110 ? 3.314   4.198   -10.241 1.00 14.86 ? 109 TYR A CE1 1 
ATOM   969  C  CE2 . TYR A 1 110 ? 2.654   5.961   -11.696 1.00 14.08 ? 109 TYR A CE2 1 
ATOM   970  C  CZ  . TYR A 1 110 ? 3.694   5.139   -11.173 1.00 13.33 ? 109 TYR A CZ  1 
ATOM   971  O  OH  . TYR A 1 110 ? 4.988   5.287   -11.599 1.00 15.99 ? 109 TYR A OH  1 
ATOM   972  N  N   . CYS A 1 111 ? -2.879  6.321   -7.846  1.00 15.21 ? 110 CYS A N   1 
ATOM   973  C  CA  . CYS A 1 111 ? -4.262  6.286   -7.372  1.00 16.76 ? 110 CYS A CA  1 
ATOM   974  C  C   . CYS A 1 111 ? -5.066  7.235   -8.214  1.00 17.15 ? 110 CYS A C   1 
ATOM   975  O  O   . CYS A 1 111 ? -4.748  8.420   -8.289  1.00 18.55 ? 110 CYS A O   1 
ATOM   976  C  CB  . CYS A 1 111 ? -4.355  6.713   -5.899  1.00 16.52 ? 110 CYS A CB  1 
ATOM   977  S  SG  . CYS A 1 111 ? -3.290  5.799   -4.766  1.00 19.64 ? 110 CYS A SG  1 
ATOM   978  N  N   . ILE A 1 112 ? -6.089  6.720   -8.849  1.00 16.28 ? 111 ILE A N   1 
ATOM   979  C  CA  . ILE A 1 112 ? -6.943  7.469   -9.783  1.00 15.51 ? 111 ILE A CA  1 
ATOM   980  C  C   . ILE A 1 112 ? -8.394  7.367   -9.374  1.00 17.26 ? 111 ILE A C   1 
ATOM   981  O  O   . ILE A 1 112 ? -8.947  6.269   -9.387  1.00 18.62 ? 111 ILE A O   1 
ATOM   982  C  CB  . ILE A 1 112 ? -6.735  6.962   -11.238 1.00 15.68 ? 111 ILE A CB  1 
ATOM   983  C  CG1 . ILE A 1 112 ? -5.296  7.235   -11.650 1.00 18.08 ? 111 ILE A CG1 1 
ATOM   984  C  CG2 . ILE A 1 112 ? -7.692  7.632   -12.244 1.00 17.21 ? 111 ILE A CG2 1 
ATOM   985  C  CD1 . ILE A 1 112 ? -4.845  6.597   -12.975 1.00 20.10 ? 111 ILE A CD1 1 
ATOM   986  O  OXT . ILE A 1 112 ? -9.018  8.427   -9.199  1.00 22.00 ? 111 ILE A OXT 1 
HETATM 987  C  C   A TRS B 2 .   ? -3.783  2.052   -1.155  0.50 8.96  ? 112 TRS A C   1 
HETATM 988  C  C   B TRS B 2 .   ? -3.985  1.839   -1.113  0.50 16.03 ? 112 TRS A C   1 
HETATM 989  C  C1  A TRS B 2 .   ? -2.719  2.924   -1.872  0.50 9.47  ? 112 TRS A C1  1 
HETATM 990  C  C1  B TRS B 2 .   ? -2.790  2.709   -1.555  0.50 18.28 ? 112 TRS A C1  1 
HETATM 991  C  C2  A TRS B 2 .   ? -5.153  2.717   -1.127  0.50 12.63 ? 112 TRS A C2  1 
HETATM 992  C  C2  B TRS B 2 .   ? -5.297  2.619   -1.196  0.50 18.89 ? 112 TRS A C2  1 
HETATM 993  C  C3  A TRS B 2 .   ? -3.357  1.785   0.279   0.50 12.70 ? 112 TRS A C3  1 
HETATM 994  C  C3  B TRS B 2 .   ? -3.817  1.356   0.335   0.50 17.35 ? 112 TRS A C3  1 
HETATM 995  N  N   A TRS B 2 .   ? -3.928  0.777   -1.874  0.50 10.82 ? 112 TRS A N   1 
HETATM 996  N  N   B TRS B 2 .   ? -4.018  0.662   -2.005  0.50 16.89 ? 112 TRS A N   1 
HETATM 997  O  O1  A TRS B 2 .   ? -2.867  2.863   -3.284  0.50 9.39  ? 112 TRS A O1  1 
HETATM 998  O  O1  B TRS B 2 .   ? -2.897  3.085   -2.919  0.50 15.88 ? 112 TRS A O1  1 
HETATM 999  O  O2  A TRS B 2 .   ? -5.574  3.019   -2.440  0.50 16.37 ? 112 TRS A O2  1 
HETATM 1000 O  O2  B TRS B 2 .   ? -5.250  3.783   -0.390  0.50 19.42 ? 112 TRS A O2  1 
HETATM 1001 O  O3  A TRS B 2 .   ? -2.272  0.901   0.243   0.50 13.17 ? 112 TRS A O3  1 
HETATM 1002 O  O3  B TRS B 2 .   ? -2.558  0.733   0.419   0.50 22.15 ? 112 TRS A O3  1 
HETATM 1003 C  C1  . PGE C 3 .   ? -9.879  9.684   -0.973  1.00 45.49 ? 113 PGE A C1  1 
HETATM 1004 O  O1  . PGE C 3 .   ? -10.231 10.393  -2.177  1.00 51.76 ? 113 PGE A O1  1 
HETATM 1005 C  C2  . PGE C 3 .   ? -10.248 8.207   -1.103  1.00 32.39 ? 113 PGE A C2  1 
HETATM 1006 O  O2  . PGE C 3 .   ? -9.236  7.293   -0.644  1.00 45.50 ? 113 PGE A O2  1 
HETATM 1007 C  C3  . PGE C 3 .   ? -8.282  7.060   -1.685  1.00 44.35 ? 113 PGE A C3  1 
HETATM 1008 C  C4  . PGE C 3 .   ? -7.144  6.139   -1.274  1.00 44.91 ? 113 PGE A C4  1 
HETATM 1009 O  O4  . PGE C 3 .   ? -3.835  9.536   -1.020  1.00 56.68 ? 113 PGE A O4  1 
HETATM 1010 C  C6  . PGE C 3 .   ? -3.969  8.159   -1.410  1.00 45.74 ? 113 PGE A C6  1 
HETATM 1011 C  C5  . PGE C 3 .   ? -5.345  7.690   -0.996  1.00 37.83 ? 113 PGE A C5  1 
HETATM 1012 O  O3  . PGE C 3 .   ? -5.881  6.617   -1.777  1.00 48.11 ? 113 PGE A O3  1 
HETATM 1013 O  O   . HOH D 4 .   ? -1.239  8.365   -6.591  1.00 12.99 ? 114 HOH A O   1 
HETATM 1014 O  O   . HOH D 4 .   ? -16.524 -3.199  -2.823  1.00 15.84 ? 115 HOH A O   1 
HETATM 1015 O  O   . HOH D 4 .   ? -18.592 -2.821  -0.913  1.00 17.57 ? 116 HOH A O   1 
HETATM 1016 O  O   . HOH D 4 .   ? 6.083   7.398   -12.943 1.00 17.80 ? 117 HOH A O   1 
HETATM 1017 O  O   . HOH D 4 .   ? -13.813 -2.639  -3.202  1.00 17.81 ? 118 HOH A O   1 
HETATM 1018 O  O   . HOH D 4 .   ? 8.274   1.122   -5.021  1.00 18.19 ? 119 HOH A O   1 
HETATM 1019 O  O   . HOH D 4 .   ? -11.727 -3.195  3.013   1.00 20.14 ? 120 HOH A O   1 
HETATM 1020 O  O   . HOH D 4 .   ? 8.621   12.224  5.473   1.00 20.73 ? 121 HOH A O   1 
HETATM 1021 O  O   . HOH D 4 .   ? 4.724   12.539  -8.102  1.00 21.65 ? 122 HOH A O   1 
HETATM 1022 O  O   . HOH D 4 .   ? 9.918   13.653  1.267   1.00 21.66 ? 123 HOH A O   1 
HETATM 1023 O  O   . HOH D 4 .   ? 10.862  9.018   9.582   1.00 22.19 ? 124 HOH A O   1 
HETATM 1024 O  O   . HOH D 4 .   ? -11.335 -1.359  5.148   1.00 22.61 ? 125 HOH A O   1 
HETATM 1025 O  O   . HOH D 4 .   ? -15.898 5.418   2.960   1.00 22.77 ? 126 HOH A O   1 
HETATM 1026 O  O   . HOH D 4 .   ? 6.995   15.070  -1.734  1.00 22.99 ? 127 HOH A O   1 
HETATM 1027 O  O   . HOH D 4 .   ? 1.598   7.028   14.728  1.00 23.34 ? 128 HOH A O   1 
HETATM 1028 O  O   . HOH D 4 .   ? -17.854 -2.245  -7.747  1.00 23.93 ? 129 HOH A O   1 
HETATM 1029 O  O   . HOH D 4 .   ? 13.987  3.477   0.859   1.00 24.01 ? 130 HOH A O   1 
HETATM 1030 O  O   . HOH D 4 .   ? -23.867 2.470   -2.842  1.00 24.44 ? 131 HOH A O   1 
HETATM 1031 O  O   . HOH D 4 .   ? -8.607  -7.898  -1.491  1.00 24.77 ? 132 HOH A O   1 
HETATM 1032 O  O   . HOH D 4 .   ? 4.324   11.659  8.674   1.00 25.14 ? 133 HOH A O   1 
HETATM 1033 O  O   . HOH D 4 .   ? 14.331  3.542   12.590  1.00 25.40 ? 134 HOH A O   1 
HETATM 1034 O  O   . HOH D 4 .   ? 15.400  -1.760  8.269   1.00 25.56 ? 135 HOH A O   1 
HETATM 1035 O  O   . HOH D 4 .   ? -7.624  -0.671  7.544   1.00 25.73 ? 136 HOH A O   1 
HETATM 1036 O  O   . HOH D 4 .   ? 5.904   14.187  2.600   1.00 26.18 ? 137 HOH A O   1 
HETATM 1037 O  O   . HOH D 4 .   ? -2.104  10.655  6.187   1.00 26.32 ? 138 HOH A O   1 
HETATM 1038 O  O   . HOH D 4 .   ? -15.354 -0.715  5.647   1.00 26.44 ? 139 HOH A O   1 
HETATM 1039 O  O   . HOH D 4 .   ? -13.363 -6.657  -1.135  1.00 26.71 ? 140 HOH A O   1 
HETATM 1040 O  O   . HOH D 4 .   ? 11.955  12.724  -0.903  1.00 27.31 ? 141 HOH A O   1 
HETATM 1041 O  O   . HOH D 4 .   ? -8.676  -2.060  5.361   1.00 27.39 ? 142 HOH A O   1 
HETATM 1042 O  O   . HOH D 4 .   ? -8.119  8.998   7.793   1.00 27.61 ? 143 HOH A O   1 
HETATM 1043 O  O   . HOH D 4 .   ? -18.780 -4.324  1.374   1.00 27.67 ? 144 HOH A O   1 
HETATM 1044 O  O   . HOH D 4 .   ? 1.625   2.298   15.286  1.00 27.80 ? 145 HOH A O   1 
HETATM 1045 O  O   . HOH D 4 .   ? 12.006  11.542  7.640   1.00 28.04 ? 146 HOH A O   1 
HETATM 1046 O  O   . HOH D 4 .   ? -14.047 -3.129  -5.998  1.00 28.05 ? 147 HOH A O   1 
HETATM 1047 O  O   . HOH D 4 .   ? -19.331 -0.302  -9.018  1.00 28.39 ? 148 HOH A O   1 
HETATM 1048 O  O   . HOH D 4 .   ? -11.643 7.883   -8.704  1.00 29.62 ? 149 HOH A O   1 
HETATM 1049 O  O   . HOH D 4 .   ? 7.604   10.085  -9.020  1.00 29.70 ? 150 HOH A O   1 
HETATM 1050 O  O   . HOH D 4 .   ? 8.989   5.799   -6.535  1.00 29.78 ? 151 HOH A O   1 
HETATM 1051 O  O   . HOH D 4 .   ? -6.673  -3.855  -13.852 1.00 29.87 ? 152 HOH A O   1 
HETATM 1052 O  O   . HOH D 4 .   ? -3.893  -5.469  -15.468 1.00 30.04 ? 153 HOH A O   1 
HETATM 1053 O  O   . HOH D 4 .   ? -15.872 6.932   -8.808  1.00 30.15 ? 154 HOH A O   1 
HETATM 1054 O  O   . HOH D 4 .   ? 10.297  7.485   -3.169  1.00 30.71 ? 155 HOH A O   1 
HETATM 1055 O  O   . HOH D 4 .   ? -15.304 -1.752  -8.166  1.00 30.75 ? 156 HOH A O   1 
HETATM 1056 O  O   . HOH D 4 .   ? 1.674   12.321  9.059   1.00 30.92 ? 157 HOH A O   1 
HETATM 1057 O  O   . HOH D 4 .   ? -10.853 1.064   -12.875 1.00 31.18 ? 158 HOH A O   1 
HETATM 1058 O  O   . HOH D 4 .   ? 14.734  7.059   2.453   1.00 31.21 ? 159 HOH A O   1 
HETATM 1059 O  O   . HOH D 4 .   ? 3.603   -4.398  12.379  1.00 31.83 ? 160 HOH A O   1 
HETATM 1060 O  O   . HOH D 4 .   ? -2.221  12.151  -6.944  1.00 31.89 ? 161 HOH A O   1 
HETATM 1061 O  O   . HOH D 4 .   ? 7.414   11.177  12.528  1.00 32.48 ? 162 HOH A O   1 
HETATM 1062 O  O   . HOH D 4 .   ? -3.265  -12.003 -9.452  1.00 33.15 ? 163 HOH A O   1 
HETATM 1063 O  O   . HOH D 4 .   ? -2.372  -7.368  -16.622 1.00 33.22 ? 164 HOH A O   1 
HETATM 1064 O  O   . HOH D 4 .   ? 7.123   14.232  -4.668  1.00 33.72 ? 165 HOH A O   1 
HETATM 1065 O  O   . HOH D 4 .   ? -2.263  1.693   14.312  1.00 33.56 ? 166 HOH A O   1 
HETATM 1066 O  O   . HOH D 4 .   ? -5.108  10.741  -9.652  1.00 33.86 ? 167 HOH A O   1 
HETATM 1067 O  O   . HOH D 4 .   ? -9.418  -6.625  0.728   1.00 34.03 ? 168 HOH A O   1 
HETATM 1068 O  O   . HOH D 4 .   ? -7.481  10.039  5.239   1.00 34.00 ? 169 HOH A O   1 
HETATM 1069 O  O   . HOH D 4 .   ? -9.651  -0.410  -11.723 1.00 34.23 ? 170 HOH A O   1 
HETATM 1070 O  O   . HOH D 4 .   ? -7.986  -3.560  -10.839 1.00 34.61 ? 171 HOH A O   1 
HETATM 1071 O  O   . HOH D 4 .   ? 15.502  9.721   -0.933  1.00 34.35 ? 172 HOH A O   1 
HETATM 1072 O  O   . HOH D 4 .   ? -12.698 -6.141  1.222   1.00 35.09 ? 173 HOH A O   1 
HETATM 1073 O  O   . HOH D 4 .   ? 18.705  -0.078  9.362   1.00 35.15 ? 174 HOH A O   1 
HETATM 1074 O  O   . HOH D 4 .   ? -5.183  6.019   13.537  1.00 35.30 ? 175 HOH A O   1 
HETATM 1075 O  O   . HOH D 4 .   ? -4.319  -4.702  11.725  1.00 35.44 ? 176 HOH A O   1 
HETATM 1076 O  O   . HOH D 4 .   ? -8.182  10.909  -9.976  1.00 35.78 ? 177 HOH A O   1 
HETATM 1077 O  O   . HOH D 4 .   ? 18.066  0.640   5.826   1.00 36.03 ? 178 HOH A O   1 
HETATM 1078 O  O   . HOH D 4 .   ? 6.052   13.342  5.739   1.00 35.96 ? 179 HOH A O   1 
HETATM 1079 O  O   . HOH D 4 .   ? -8.777  -4.559  6.330   1.00 36.76 ? 180 HOH A O   1 
HETATM 1080 O  O   . HOH D 4 .   ? -13.825 -4.622  3.762   1.00 36.76 ? 181 HOH A O   1 
HETATM 1081 O  O   . HOH D 4 .   ? -3.098  10.080  -4.890  1.00 36.86 ? 182 HOH A O   1 
HETATM 1082 O  O   . HOH D 4 .   ? 9.179   15.937  10.983  1.00 36.98 ? 183 HOH A O   1 
HETATM 1083 O  O   . HOH D 4 .   ? -4.872  -10.056 -5.199  1.00 37.69 ? 184 HOH A O   1 
HETATM 1084 O  O   . HOH D 4 .   ? 0.438   17.231  -2.051  1.00 37.61 ? 185 HOH A O   1 
HETATM 1085 O  O   . HOH D 4 .   ? 9.739   14.521  8.849   1.00 37.79 ? 186 HOH A O   1 
HETATM 1086 O  O   . HOH D 4 .   ? 5.481   13.023  10.605  1.00 37.90 ? 187 HOH A O   1 
HETATM 1087 O  O   . HOH D 4 .   ? 10.958  9.477   -5.046  1.00 38.42 ? 188 HOH A O   1 
HETATM 1088 O  O   . HOH D 4 .   ? 9.056   5.200   -3.265  1.00 38.74 ? 189 HOH A O   1 
HETATM 1089 O  O   . HOH D 4 .   ? -6.664  11.002  11.222  1.00 39.16 ? 190 HOH A O   1 
HETATM 1090 O  O   . HOH D 4 .   ? -7.171  -6.094  4.842   1.00 39.56 ? 191 HOH A O   1 
HETATM 1091 O  O   . HOH D 4 .   ? -12.678 -2.514  7.349   1.00 39.61 ? 192 HOH A O   1 
HETATM 1092 O  O   . HOH D 4 .   ? 12.407  1.848   -5.539  1.00 39.73 ? 193 HOH A O   1 
HETATM 1093 O  O   . HOH D 4 .   ? -16.022 0.345   -9.973  1.00 40.33 ? 194 HOH A O   1 
HETATM 1094 O  O   . HOH D 4 .   ? 20.010  1.578   4.348   1.00 40.06 ? 195 HOH A O   1 
HETATM 1095 O  O   . HOH D 4 .   ? -23.975 15.433  0.746   1.00 40.15 ? 196 HOH A O   1 
HETATM 1096 O  O   . HOH D 4 .   ? -15.489 7.816   2.181   1.00 40.39 ? 197 HOH A O   1 
HETATM 1097 O  O   . HOH D 4 .   ? -6.847  8.981   1.159   1.00 41.29 ? 198 HOH A O   1 
HETATM 1098 O  O   . HOH D 4 .   ? -19.749 9.335   -6.979  1.00 41.05 ? 199 HOH A O   1 
HETATM 1099 O  O   . HOH D 4 .   ? -4.680  -7.901  10.373  1.00 41.27 ? 200 HOH A O   1 
HETATM 1100 O  O   . HOH D 4 .   ? 16.910  -1.493  12.501  1.00 41.79 ? 201 HOH A O   1 
HETATM 1101 O  O   . HOH D 4 .   ? -3.410  11.221  -3.014  1.00 42.23 ? 202 HOH A O   1 
HETATM 1102 O  O   . HOH D 4 .   ? -15.028 -6.647  2.341   1.00 42.85 ? 203 HOH A O   1 
HETATM 1103 O  O   . HOH D 4 .   ? -9.587  -4.580  3.192   1.00 42.87 ? 204 HOH A O   1 
HETATM 1104 O  O   . HOH D 4 .   ? -14.314 2.235   -11.058 1.00 43.05 ? 205 HOH A O   1 
HETATM 1105 O  O   . HOH D 4 .   ? -6.685  -5.832  -11.883 1.00 43.64 ? 206 HOH A O   1 
HETATM 1106 O  O   . HOH D 4 .   ? 2.942   14.697  5.064   1.00 44.57 ? 207 HOH A O   1 
HETATM 1107 O  O   . HOH D 4 .   ? -13.052 8.973   2.285   1.00 45.44 ? 208 HOH A O   1 
HETATM 1108 O  O   . HOH D 4 .   ? -4.718  11.012  5.668   1.00 45.94 ? 209 HOH A O   1 
HETATM 1109 O  O   . HOH D 4 .   ? 1.006   -15.373 1.520   1.00 46.59 ? 210 HOH A O   1 
HETATM 1110 O  O   . HOH D 4 .   ? -10.729 5.585   -11.313 1.00 47.87 ? 211 HOH A O   1 
HETATM 1111 O  O   . HOH D 4 .   ? 8.661   8.211   -9.672  1.00 50.18 ? 212 HOH A O   1 
HETATM 1112 O  O   . HOH D 4 .   ? 13.331  -0.881  12.009  1.00 51.12 ? 213 HOH A O   1 
HETATM 1113 O  O   . HOH D 4 .   ? -21.327 0.840   -8.230  1.00 51.61 ? 214 HOH A O   1 
HETATM 1114 O  O   . HOH D 4 .   ? -2.362  -5.828  13.262  1.00 52.11 ? 215 HOH A O   1 
HETATM 1115 O  O   . HOH D 4 .   ? -2.668  14.788  -4.842  1.00 53.36 ? 216 HOH A O   1 
HETATM 1116 O  O   . HOH D 4 .   ? -5.705  -1.662  12.870  1.00 53.79 ? 217 HOH A O   1 
HETATM 1117 O  O   . HOH D 4 .   ? -5.646  -11.232 -12.073 1.00 57.52 ? 218 HOH A O   1 
HETATM 1118 O  O   A HOH D 4 .   ? 6.448   11.942  -6.108  0.46 17.39 ? 219 HOH A O   1 
HETATM 1119 O  O   B HOH D 4 .   ? 5.323   12.249  -5.376  0.54 23.30 ? 219 HOH A O   1 
# 
